data_7ARM
#
_entry.id   7ARM
#
_cell.length_a   1.00
_cell.length_b   1.00
_cell.length_c   1.00
_cell.angle_alpha   90.00
_cell.angle_beta   90.00
_cell.angle_gamma   90.00
#
_symmetry.space_group_name_H-M   'P 1'
#
loop_
_entity.id
_entity.type
_entity.pdbx_description
1 polymer 'Lipoprotein-releasing ABC transporter permease subunit LolC'
2 polymer 'Lipoprotein-releasing system transmembrane protein LolE'
3 polymer 'Lipoprotein-releasing system ATP-binding protein LolD'
4 polymer LPP
5 polymer 'Outer-membrane lipoprotein carrier protein'
6 non-polymer '(2S)-3-hydroxypropane-1,2-diyl dihexadecanoate'
7 non-polymer 'PALMITIC ACID'
#
loop_
_entity_poly.entity_id
_entity_poly.type
_entity_poly.pdbx_seq_one_letter_code
_entity_poly.pdbx_strand_id
1 'polypeptide(L)'
;MYQPVALFIGLRYMRGRAADRFGRFVSWLSTIGITLGVMALVTVLSVMNGFERELQNNILGLMPQAILSSEHGSLNPQQL
PETAVKLDGVNRVAPITTGDVVLQSARSVAVGVMLGIDPAQKDPLTPYLVNVKQTDLEPGKYNVILGEQLASQLGVNRGD
QIRVMVPSASQFTPMGRIPSQRLFNVIGTFAANSEVDGYEMLVNIEDASRLMRYPAGNITGWRLWLDEPLKVDSLSQQKL
PEGSKWQDWRDRKGELFQAVRMEKNMMGLLLSLIVAVAAFNIITSLGLMVMEKQGEVAILQTQGLTPRQIMMVFMVQGAS
AGIIGAILGAALGALLASQLNNLMPIIGVLLDGAALPVAIEPLQVIVIALVAMAIALLSTLYPSWRAAATQPAEALRYE
;
C
2 'polypeptide(L)'
;MAMPLSLLIGLRFSRGRRRGGMVSLISVISTIGIALGVAVLIVGLSAMNGFERELNNRILAVVPHGEIEAVDQPWTNWQE
ALDHVQKVPGIAAAAPYINFTGLVESGANLRAIQVKGVNPQQEQRLSALPSFVQGDAWRNFKAGEQQIIIGKGVADALKV
KQGDWVSIMIPNSNPEHKLMQPKRVRLHVAGILQLSGQLDHSFAMIPLADAQQYLDMGSSVSGIALKMTDVFNANKLVRD
AGEVTNSYVYIKSWIGTYGYMYRDIQMIRAIMYLAMVLVIGVACFNIVSTLVMAVKDKSGDIAVLRTLGAKDGLIRAIFV
WYGLLAGLFGSLCGVIIGVVVSLQLTPIIEWIEKLIGHQFLSSDIYFIDFLPSELHWLDVFYVLVTALLLSLLASWYPAR
RASNIDPARVLSGQ
;
E
3 'polypeptide(L)'
;MNKILLQCDNLCKRYQEGSVQTDVLHNVSFSVGEGEMMAIVGSSGSGKSTLLHLLGGLDTPTSGDVIFNGQPMSKLSSAA
KAELRNQKLGFIYQFHHLLPDFTALENVAMPLLIGKKKPAEINSRALEMLKAVGLDHRANHRPSELSGGERQRVAIARAL
VNNPRLVLADEPTGNLDARNADSIFQLLGELNRLQGTAFLVVTHDLQLAKRMSRQLEMRDGRLTAELSLMGAEHHHHHHH
H
;
F,D
4 'polypeptide(L)' CSSNAKIDQL V
5 'polypeptide(L)'
;WADAASDLKSRLDKVSSFHASFTQKVTDGSGAAVQEGQGDLWVKRPNLFNWHMTQPDESILVSDGKTLWFYNPFVEQATA
TWLKDATGNTPFMLIARNQSSDWQQYNIKQNGDDFVLTPKASNGNLKQFTINVGRDGTIHQFSAVEQDDQRSSYQLKSQQ
NGAVDAAKFTFTPPQGVTVDDQRK
;
A
#
# COMPACT_ATOMS: atom_id res chain seq x y z
N TYR A 2 0.56 -40.82 12.69
CA TYR A 2 -0.33 -41.87 12.19
C TYR A 2 -0.58 -41.71 10.69
N GLN A 3 -0.26 -40.53 10.16
CA GLN A 3 -0.44 -40.28 8.74
C GLN A 3 0.70 -40.92 7.96
N PRO A 4 0.41 -41.47 6.77
CA PRO A 4 1.48 -42.07 5.96
C PRO A 4 2.45 -41.07 5.36
N VAL A 5 2.02 -39.82 5.16
CA VAL A 5 2.89 -38.79 4.62
C VAL A 5 3.80 -38.28 5.72
N ALA A 6 5.12 -38.39 5.51
CA ALA A 6 6.09 -37.96 6.51
C ALA A 6 6.29 -36.46 6.51
N LEU A 7 5.86 -35.75 5.47
CA LEU A 7 6.03 -34.31 5.40
C LEU A 7 5.01 -33.57 6.25
N PHE A 8 3.79 -34.10 6.36
CA PHE A 8 2.73 -33.42 7.10
C PHE A 8 2.61 -33.89 8.54
N ILE A 9 3.21 -35.03 8.89
CA ILE A 9 3.09 -35.54 10.26
C ILE A 9 4.07 -34.83 11.20
N GLY A 10 5.11 -34.19 10.67
CA GLY A 10 6.07 -33.48 11.48
C GLY A 10 5.69 -32.06 11.81
N LEU A 11 4.53 -31.59 11.37
CA LEU A 11 4.10 -30.22 11.62
C LEU A 11 2.66 -30.10 12.07
N ARG A 12 1.88 -31.18 12.10
CA ARG A 12 0.48 -31.09 12.53
C ARG A 12 0.38 -30.89 14.05
N TYR A 13 1.27 -31.52 14.81
CA TYR A 13 1.29 -31.34 16.26
C TYR A 13 2.04 -30.10 16.69
N MET A 14 2.64 -29.34 15.76
CA MET A 14 3.34 -28.11 16.08
C MET A 14 2.44 -26.89 16.02
N ARG A 15 1.18 -27.06 15.59
CA ARG A 15 0.25 -25.92 15.56
C ARG A 15 -0.24 -25.58 16.96
N GLY A 16 -0.81 -26.56 17.66
CA GLY A 16 -1.26 -26.34 19.03
C GLY A 16 -0.59 -27.28 20.01
N ARG A 17 0.24 -26.72 20.89
CA ARG A 17 0.96 -27.52 21.87
C ARG A 17 0.71 -27.07 23.31
N ALA A 18 0.63 -25.77 23.55
CA ALA A 18 0.40 -25.27 24.89
C ALA A 18 -1.05 -25.45 25.31
N ALA A 19 -1.25 -25.86 26.57
CA ALA A 19 -2.60 -26.07 27.08
C ALA A 19 -3.31 -24.76 27.38
N ASP A 20 -2.55 -23.69 27.62
CA ASP A 20 -3.15 -22.39 27.89
C ASP A 20 -3.68 -21.77 26.61
N ARG A 21 -4.71 -20.93 26.76
CA ARG A 21 -5.31 -20.27 25.60
C ARG A 21 -4.43 -19.16 25.05
N PHE A 22 -3.56 -18.58 25.86
CA PHE A 22 -2.64 -17.56 25.36
C PHE A 22 -1.46 -18.17 24.62
N GLY A 23 -1.09 -19.41 24.94
CA GLY A 23 0.00 -20.05 24.24
C GLY A 23 -0.34 -20.42 22.81
N ARG A 24 -1.62 -20.73 22.55
CA ARG A 24 -2.08 -20.99 21.19
C ARG A 24 -2.50 -19.71 20.46
N PHE A 25 -2.70 -18.61 21.18
CA PHE A 25 -3.06 -17.35 20.54
C PHE A 25 -1.84 -16.69 19.90
N VAL A 26 -0.66 -16.83 20.52
CA VAL A 26 0.55 -16.26 19.96
C VAL A 26 1.13 -17.09 18.82
N SER A 27 0.64 -18.31 18.62
CA SER A 27 1.09 -19.15 17.51
C SER A 27 0.32 -18.89 16.23
N TRP A 28 -0.90 -18.38 16.33
CA TRP A 28 -1.73 -18.07 15.16
C TRP A 28 -1.75 -16.58 14.85
N LEU A 29 -0.74 -15.83 15.30
CA LEU A 29 -0.69 -14.39 15.06
C LEU A 29 -0.39 -14.06 13.60
N SER A 30 0.28 -14.96 12.88
CA SER A 30 0.50 -14.75 11.46
C SER A 30 -0.79 -14.92 10.65
N THR A 31 -1.77 -15.65 11.18
CA THR A 31 -3.04 -15.81 10.49
C THR A 31 -3.91 -14.56 10.61
N ILE A 32 -3.92 -13.94 11.80
CA ILE A 32 -4.76 -12.75 12.02
C ILE A 32 -4.21 -11.55 11.27
N GLY A 33 -2.89 -11.48 11.08
CA GLY A 33 -2.32 -10.39 10.31
C GLY A 33 -2.60 -10.48 8.82
N ILE A 34 -2.88 -11.69 8.33
CA ILE A 34 -3.17 -11.87 6.91
C ILE A 34 -4.64 -11.60 6.63
N THR A 35 -5.54 -12.16 7.45
CA THR A 35 -6.98 -12.02 7.20
C THR A 35 -7.51 -10.63 7.50
N LEU A 36 -6.72 -9.77 8.16
CA LEU A 36 -7.10 -8.38 8.35
C LEU A 36 -6.59 -7.48 7.23
N GLY A 37 -5.70 -7.99 6.37
CA GLY A 37 -5.23 -7.23 5.23
C GLY A 37 -6.02 -7.54 3.97
N VAL A 38 -6.46 -8.79 3.84
CA VAL A 38 -7.31 -9.17 2.71
C VAL A 38 -8.72 -8.59 2.90
N MET A 39 -9.20 -8.56 4.14
CA MET A 39 -10.49 -7.95 4.43
C MET A 39 -10.45 -6.43 4.24
N ALA A 40 -9.30 -5.81 4.51
CA ALA A 40 -9.14 -4.39 4.25
C ALA A 40 -8.92 -4.08 2.77
N LEU A 41 -8.58 -5.10 1.97
CA LEU A 41 -8.39 -4.91 0.53
C LEU A 41 -9.64 -5.16 -0.28
N VAL A 42 -10.58 -5.97 0.23
CA VAL A 42 -11.80 -6.27 -0.50
C VAL A 42 -12.90 -5.26 -0.18
N THR A 43 -13.08 -4.92 1.11
CA THR A 43 -14.19 -4.06 1.51
C THR A 43 -13.97 -2.61 1.08
N VAL A 44 -12.72 -2.14 1.05
CA VAL A 44 -12.46 -0.76 0.64
C VAL A 44 -12.52 -0.62 -0.87
N LEU A 45 -11.95 -1.58 -1.61
CA LEU A 45 -11.98 -1.52 -3.07
C LEU A 45 -13.36 -1.79 -3.66
N SER A 46 -14.26 -2.41 -2.88
CA SER A 46 -15.64 -2.55 -3.35
C SER A 46 -16.38 -1.23 -3.34
N VAL A 47 -15.99 -0.31 -2.46
CA VAL A 47 -16.57 1.02 -2.46
C VAL A 47 -16.06 1.83 -3.64
N MET A 48 -14.77 1.67 -3.97
CA MET A 48 -14.21 2.35 -5.14
C MET A 48 -14.73 1.75 -6.43
N ASN A 49 -15.07 0.46 -6.43
CA ASN A 49 -15.71 -0.14 -7.60
C ASN A 49 -17.16 0.29 -7.71
N GLY A 50 -17.80 0.62 -6.60
CA GLY A 50 -19.16 1.13 -6.64
C GLY A 50 -19.23 2.54 -7.20
N PHE A 51 -18.22 3.37 -6.89
CA PHE A 51 -18.15 4.69 -7.50
C PHE A 51 -17.72 4.62 -8.96
N GLU A 52 -17.00 3.55 -9.33
CA GLU A 52 -16.59 3.38 -10.71
C GLU A 52 -17.74 2.88 -11.58
N ARG A 53 -18.60 2.03 -11.01
CA ARG A 53 -19.78 1.57 -11.76
C ARG A 53 -20.84 2.66 -11.82
N GLU A 54 -20.86 3.58 -10.86
CA GLU A 54 -21.77 4.72 -10.93
C GLU A 54 -21.35 5.69 -12.02
N LEU A 55 -20.05 5.84 -12.26
CA LEU A 55 -19.53 6.65 -13.34
C LEU A 55 -19.55 5.94 -14.69
N GLN A 56 -19.84 4.63 -14.70
CA GLN A 56 -19.92 3.88 -15.94
C GLN A 56 -21.31 3.89 -16.55
N ASN A 57 -22.35 3.88 -15.70
CA ASN A 57 -23.72 3.96 -16.20
C ASN A 57 -24.18 5.38 -16.46
N ASN A 58 -23.36 6.38 -16.13
CA ASN A 58 -23.70 7.79 -16.34
C ASN A 58 -22.88 8.44 -17.44
N ILE A 59 -21.57 8.18 -17.49
CA ILE A 59 -20.70 8.77 -18.50
C ILE A 59 -20.49 7.82 -19.67
N LEU A 60 -20.36 6.52 -19.41
CA LEU A 60 -20.20 5.54 -20.47
C LEU A 60 -21.50 4.84 -20.83
N GLY A 61 -22.59 5.13 -20.12
CA GLY A 61 -23.89 4.66 -20.54
C GLY A 61 -24.34 5.40 -21.78
N LEU A 62 -24.39 6.72 -21.68
CA LEU A 62 -24.59 7.57 -22.84
C LEU A 62 -23.23 7.90 -23.44
N MET A 63 -23.24 8.80 -24.47
CA MET A 63 -22.05 9.31 -25.16
C MET A 63 -21.24 8.17 -25.76
N PRO A 64 -21.69 7.58 -26.88
CA PRO A 64 -21.22 6.26 -27.30
C PRO A 64 -19.73 6.20 -27.63
N GLN A 65 -19.11 5.10 -27.18
CA GLN A 65 -17.65 5.00 -27.15
C GLN A 65 -17.09 4.58 -28.50
N ALA A 66 -17.47 3.39 -28.97
CA ALA A 66 -16.83 2.75 -30.12
C ALA A 66 -17.55 3.15 -31.39
N ILE A 67 -16.90 3.97 -32.21
CA ILE A 67 -17.36 4.28 -33.55
C ILE A 67 -16.33 3.72 -34.53
N LEU A 68 -16.78 3.43 -35.75
CA LEU A 68 -15.92 2.85 -36.77
C LEU A 68 -15.85 3.82 -37.95
N SER A 69 -14.93 4.78 -37.85
CA SER A 69 -14.76 5.74 -38.93
C SER A 69 -13.95 5.13 -40.07
N SER A 70 -14.17 5.67 -41.27
CA SER A 70 -13.50 5.18 -42.46
C SER A 70 -12.16 5.89 -42.61
N GLU A 71 -11.50 5.69 -43.76
CA GLU A 71 -10.22 6.34 -44.01
C GLU A 71 -10.40 7.82 -44.34
N HIS A 72 -11.48 8.16 -45.05
CA HIS A 72 -11.80 9.53 -45.40
C HIS A 72 -12.87 10.13 -44.49
N GLY A 73 -13.24 9.43 -43.43
CA GLY A 73 -14.27 9.91 -42.51
C GLY A 73 -15.67 9.45 -42.81
N SER A 74 -16.13 9.67 -44.05
CA SER A 74 -17.46 9.25 -44.45
C SER A 74 -17.46 7.79 -44.85
N LEU A 75 -18.34 7.00 -44.24
CA LEU A 75 -18.45 5.57 -44.50
C LEU A 75 -19.74 5.31 -45.26
N ASN A 76 -19.62 4.73 -46.43
CA ASN A 76 -20.80 4.37 -47.23
C ASN A 76 -21.44 3.11 -46.66
N PRO A 77 -22.74 3.14 -46.33
CA PRO A 77 -23.39 1.93 -45.80
C PRO A 77 -23.59 0.84 -46.84
N GLN A 78 -23.57 1.18 -48.14
CA GLN A 78 -23.74 0.16 -49.18
C GLN A 78 -22.49 -0.69 -49.35
N GLN A 79 -21.31 -0.10 -49.12
CA GLN A 79 -20.06 -0.85 -49.24
C GLN A 79 -19.72 -1.59 -47.96
N LEU A 80 -19.99 -1.01 -46.80
CA LEU A 80 -19.73 -1.62 -45.50
C LEU A 80 -21.07 -1.79 -44.77
N PRO A 81 -21.73 -2.93 -44.93
CA PRO A 81 -23.03 -3.13 -44.28
C PRO A 81 -22.85 -3.53 -42.82
N GLU A 82 -23.99 -3.77 -42.15
CA GLU A 82 -23.97 -4.15 -40.75
C GLU A 82 -23.64 -5.63 -40.55
N THR A 83 -23.77 -6.44 -41.58
CA THR A 83 -23.47 -7.86 -41.50
C THR A 83 -22.00 -8.18 -41.77
N ALA A 84 -21.18 -7.16 -42.07
CA ALA A 84 -19.77 -7.36 -42.34
C ALA A 84 -18.89 -7.10 -41.14
N VAL A 85 -19.35 -6.29 -40.18
CA VAL A 85 -18.55 -5.96 -38.99
C VAL A 85 -18.83 -7.06 -37.96
N LYS A 86 -18.06 -8.13 -38.07
CA LYS A 86 -18.19 -9.27 -37.16
C LYS A 86 -17.08 -9.26 -36.11
N LEU A 87 -17.02 -8.15 -35.37
CA LEU A 87 -16.03 -8.01 -34.31
C LEU A 87 -16.59 -8.50 -32.98
N ASP A 88 -15.69 -8.92 -32.11
CA ASP A 88 -16.07 -9.43 -30.80
C ASP A 88 -16.30 -8.30 -29.82
N GLY A 89 -17.16 -8.56 -28.83
CA GLY A 89 -17.49 -7.60 -27.81
C GLY A 89 -18.73 -6.78 -28.10
N VAL A 90 -19.02 -6.50 -29.35
CA VAL A 90 -20.20 -5.72 -29.71
C VAL A 90 -21.44 -6.61 -29.70
N ASN A 91 -22.60 -5.97 -29.61
CA ASN A 91 -23.87 -6.69 -29.62
C ASN A 91 -24.94 -6.07 -30.51
N ARG A 92 -24.76 -4.83 -30.97
CA ARG A 92 -25.77 -4.16 -31.78
C ARG A 92 -25.07 -3.10 -32.63
N VAL A 93 -25.44 -3.04 -33.91
CA VAL A 93 -24.85 -2.10 -34.86
C VAL A 93 -25.95 -1.17 -35.35
N ALA A 94 -25.74 0.13 -35.17
CA ALA A 94 -26.69 1.16 -35.58
C ALA A 94 -25.94 2.30 -36.23
N PRO A 95 -26.54 2.96 -37.22
CA PRO A 95 -25.87 4.12 -37.84
C PRO A 95 -25.86 5.32 -36.91
N ILE A 96 -24.73 6.03 -36.90
CA ILE A 96 -24.53 7.18 -36.03
C ILE A 96 -23.52 8.11 -36.69
N THR A 97 -23.50 9.36 -36.24
CA THR A 97 -22.54 10.35 -36.69
C THR A 97 -22.00 11.11 -35.49
N THR A 98 -20.79 11.64 -35.63
CA THR A 98 -20.11 12.34 -34.55
C THR A 98 -19.36 13.54 -35.13
N GLY A 99 -19.67 14.73 -34.63
CA GLY A 99 -19.01 15.94 -35.08
C GLY A 99 -19.20 17.10 -34.12
N ASP A 100 -18.12 17.77 -33.76
CA ASP A 100 -18.20 18.91 -32.84
C ASP A 100 -18.73 20.13 -33.56
N VAL A 101 -19.80 20.72 -33.02
CA VAL A 101 -20.42 21.90 -33.60
C VAL A 101 -20.45 23.01 -32.57
N VAL A 102 -20.94 24.19 -32.95
CA VAL A 102 -21.14 25.30 -32.04
C VAL A 102 -22.61 25.64 -32.00
N LEU A 103 -22.99 26.44 -31.00
CA LEU A 103 -24.36 26.86 -30.82
C LEU A 103 -24.46 28.37 -30.94
N GLN A 104 -25.61 28.84 -31.44
CA GLN A 104 -25.86 30.27 -31.58
C GLN A 104 -27.36 30.49 -31.39
N SER A 105 -27.75 30.80 -30.15
CA SER A 105 -29.14 31.03 -29.81
C SER A 105 -29.46 32.52 -29.92
N ALA A 106 -30.64 32.91 -29.44
CA ALA A 106 -31.05 34.31 -29.45
C ALA A 106 -30.47 35.11 -28.30
N ARG A 107 -29.83 34.46 -27.33
CA ARG A 107 -29.28 35.12 -26.16
C ARG A 107 -27.75 35.08 -26.13
N SER A 108 -27.16 33.90 -26.26
CA SER A 108 -25.71 33.75 -26.20
C SER A 108 -25.30 32.58 -27.10
N VAL A 109 -24.02 32.25 -27.06
CA VAL A 109 -23.45 31.16 -27.83
C VAL A 109 -22.93 30.10 -26.88
N ALA A 110 -22.71 28.91 -27.42
CA ALA A 110 -22.21 27.77 -26.64
C ALA A 110 -21.52 26.80 -27.59
N VAL A 111 -21.11 25.65 -27.07
CA VAL A 111 -20.48 24.59 -27.85
C VAL A 111 -21.17 23.28 -27.50
N GLY A 112 -21.16 22.35 -28.45
CA GLY A 112 -21.81 21.07 -28.22
C GLY A 112 -21.31 20.02 -29.18
N VAL A 113 -21.80 18.79 -28.97
CA VAL A 113 -21.46 17.65 -29.81
C VAL A 113 -22.74 17.17 -30.49
N MET A 114 -22.76 17.27 -31.82
CA MET A 114 -23.93 16.86 -32.59
C MET A 114 -23.98 15.35 -32.69
N LEU A 115 -25.14 14.77 -32.39
CA LEU A 115 -25.35 13.33 -32.43
C LEU A 115 -26.61 13.03 -33.23
N GLY A 116 -26.44 12.37 -34.37
CA GLY A 116 -27.57 12.03 -35.22
C GLY A 116 -28.05 10.60 -35.04
N ILE A 117 -29.15 10.42 -34.32
CA ILE A 117 -29.70 9.10 -34.03
C ILE A 117 -30.82 8.79 -35.02
N ASP A 118 -31.11 7.51 -35.17
CA ASP A 118 -32.20 7.08 -36.04
C ASP A 118 -33.53 7.16 -35.29
N PRO A 119 -34.57 7.71 -35.91
CA PRO A 119 -35.87 7.81 -35.23
C PRO A 119 -36.59 6.47 -35.09
N ALA A 120 -36.20 5.44 -35.84
CA ALA A 120 -36.83 4.14 -35.73
C ALA A 120 -36.09 3.20 -34.78
N GLN A 121 -34.78 3.34 -34.67
CA GLN A 121 -34.00 2.48 -33.78
C GLN A 121 -34.11 2.98 -32.34
N LYS A 122 -33.88 2.07 -31.41
CA LYS A 122 -33.94 2.40 -29.99
C LYS A 122 -32.67 3.12 -29.55
N ASP A 123 -32.78 3.84 -28.45
CA ASP A 123 -31.68 4.63 -27.90
C ASP A 123 -31.82 4.68 -26.38
N PRO A 124 -30.70 4.69 -25.65
CA PRO A 124 -30.79 4.86 -24.19
C PRO A 124 -31.26 6.25 -23.75
N LEU A 125 -31.20 7.25 -24.63
CA LEU A 125 -31.70 8.59 -24.29
C LEU A 125 -33.21 8.71 -24.42
N THR A 126 -33.88 7.71 -24.98
CA THR A 126 -35.33 7.73 -25.18
C THR A 126 -36.14 7.69 -23.87
N PRO A 127 -35.82 6.88 -22.84
CA PRO A 127 -36.56 7.04 -21.57
C PRO A 127 -36.23 8.31 -20.80
N TYR A 128 -35.13 8.98 -21.11
CA TYR A 128 -34.76 10.23 -20.44
C TYR A 128 -35.33 11.46 -21.13
N LEU A 129 -36.14 11.29 -22.17
CA LEU A 129 -36.73 12.42 -22.87
C LEU A 129 -37.90 12.99 -22.06
N VAL A 130 -37.86 14.28 -21.79
CA VAL A 130 -38.90 14.96 -21.03
C VAL A 130 -39.98 15.37 -22.04
N ASN A 131 -40.97 14.49 -22.21
CA ASN A 131 -42.12 14.67 -23.11
C ASN A 131 -41.69 14.90 -24.56
N VAL A 132 -40.64 14.20 -24.98
CA VAL A 132 -40.16 14.22 -26.36
C VAL A 132 -40.32 12.82 -26.94
N LYS A 133 -40.84 12.74 -28.16
CA LYS A 133 -40.98 11.48 -28.86
C LYS A 133 -39.81 11.28 -29.82
N GLN A 134 -39.34 10.04 -29.91
CA GLN A 134 -38.23 9.73 -30.81
C GLN A 134 -38.62 9.77 -32.28
N THR A 135 -39.91 9.60 -32.58
CA THR A 135 -40.39 9.66 -33.96
C THR A 135 -40.64 11.08 -34.45
N ASP A 136 -40.38 12.09 -33.63
CA ASP A 136 -40.58 13.48 -34.04
C ASP A 136 -39.48 13.98 -34.95
N LEU A 137 -38.34 13.30 -35.01
CA LEU A 137 -37.24 13.69 -35.88
C LEU A 137 -37.58 13.37 -37.33
N GLU A 138 -38.14 14.34 -38.04
CA GLU A 138 -38.55 14.16 -39.43
C GLU A 138 -37.45 14.65 -40.37
N PRO A 139 -37.10 13.89 -41.41
CA PRO A 139 -36.10 14.38 -42.38
C PRO A 139 -36.69 15.51 -43.22
N GLY A 140 -35.90 16.57 -43.39
CA GLY A 140 -36.32 17.76 -44.09
C GLY A 140 -36.79 18.88 -43.17
N LYS A 141 -37.21 18.56 -41.95
CA LYS A 141 -37.62 19.57 -40.99
C LYS A 141 -36.45 20.11 -40.18
N TYR A 142 -35.37 19.34 -40.06
CA TYR A 142 -34.12 19.72 -39.36
C TYR A 142 -34.38 20.07 -37.89
N ASN A 143 -35.00 19.13 -37.18
CA ASN A 143 -35.29 19.32 -35.77
C ASN A 143 -34.05 19.08 -34.92
N VAL A 144 -34.15 19.44 -33.65
CA VAL A 144 -33.05 19.28 -32.70
C VAL A 144 -33.63 19.04 -31.31
N ILE A 145 -32.94 18.23 -30.53
CA ILE A 145 -33.32 17.92 -29.15
C ILE A 145 -32.17 18.35 -28.26
N LEU A 146 -32.24 19.56 -27.72
CA LEU A 146 -31.19 20.08 -26.87
C LEU A 146 -31.27 19.47 -25.47
N GLY A 147 -30.17 19.59 -24.73
CA GLY A 147 -30.12 19.07 -23.38
C GLY A 147 -30.75 20.01 -22.37
N GLU A 148 -30.75 19.56 -21.11
CA GLU A 148 -31.30 20.37 -20.03
C GLU A 148 -30.37 21.51 -19.65
N GLN A 149 -29.10 21.19 -19.40
CA GLN A 149 -28.13 22.22 -19.06
C GLN A 149 -27.66 23.02 -20.26
N LEU A 150 -27.81 22.48 -21.47
CA LEU A 150 -27.43 23.20 -22.68
C LEU A 150 -28.43 24.30 -23.01
N ALA A 151 -29.73 24.01 -22.89
CA ALA A 151 -30.76 25.01 -23.16
C ALA A 151 -30.96 25.97 -22.00
N SER A 152 -30.45 25.64 -20.81
CA SER A 152 -30.59 26.53 -19.65
C SER A 152 -29.64 27.71 -19.76
N GLN A 153 -28.39 27.48 -20.16
CA GLN A 153 -27.44 28.57 -20.30
C GLN A 153 -27.69 29.40 -21.54
N LEU A 154 -28.38 28.85 -22.54
CA LEU A 154 -28.70 29.58 -23.75
C LEU A 154 -30.05 30.29 -23.68
N GLY A 155 -30.88 29.96 -22.70
CA GLY A 155 -32.20 30.57 -22.61
C GLY A 155 -33.17 30.10 -23.67
N VAL A 156 -33.08 28.84 -24.08
CA VAL A 156 -33.90 28.29 -25.14
C VAL A 156 -35.04 27.50 -24.51
N ASN A 157 -36.28 27.92 -24.76
CA ASN A 157 -37.46 27.23 -24.28
C ASN A 157 -38.05 26.40 -25.41
N ARG A 158 -39.21 25.79 -25.16
CA ARG A 158 -39.89 24.97 -26.16
C ARG A 158 -40.54 25.88 -27.20
N GLY A 159 -39.96 25.93 -28.40
CA GLY A 159 -40.50 26.75 -29.46
C GLY A 159 -39.58 27.88 -29.87
N ASP A 160 -38.28 27.67 -29.72
CA ASP A 160 -37.28 28.67 -30.08
C ASP A 160 -36.42 28.15 -31.23
N GLN A 161 -35.98 29.08 -32.08
CA GLN A 161 -35.16 28.77 -33.23
C GLN A 161 -33.70 29.05 -32.90
N ILE A 162 -32.86 28.02 -33.01
CA ILE A 162 -31.44 28.15 -32.76
C ILE A 162 -30.68 28.03 -34.08
N ARG A 163 -29.38 28.29 -34.03
CA ARG A 163 -28.52 28.24 -35.21
C ARG A 163 -27.27 27.43 -34.87
N VAL A 164 -27.11 26.29 -35.54
CA VAL A 164 -25.92 25.47 -35.39
C VAL A 164 -24.98 25.74 -36.55
N MET A 165 -23.72 25.34 -36.37
CA MET A 165 -22.69 25.59 -37.36
C MET A 165 -21.57 24.58 -37.18
N VAL A 166 -21.13 23.98 -38.28
CA VAL A 166 -20.07 22.97 -38.27
C VAL A 166 -18.76 23.66 -38.62
N PRO A 167 -17.82 23.80 -37.68
CA PRO A 167 -16.55 24.47 -38.00
C PRO A 167 -15.51 23.57 -38.64
N SER A 168 -15.56 22.26 -38.41
CA SER A 168 -14.55 21.36 -38.95
C SER A 168 -14.77 21.09 -40.43
N ALA A 169 -15.93 20.51 -40.77
CA ALA A 169 -16.27 20.21 -42.15
C ALA A 169 -17.07 21.38 -42.72
N SER A 170 -16.47 22.09 -43.67
CA SER A 170 -17.11 23.26 -44.25
C SER A 170 -16.70 23.38 -45.72
N GLN A 171 -17.56 24.02 -46.51
CA GLN A 171 -17.28 24.27 -47.91
C GLN A 171 -16.50 25.58 -48.02
N PHE A 172 -15.25 25.49 -48.49
CA PHE A 172 -14.37 26.65 -48.58
C PHE A 172 -14.77 27.48 -49.81
N THR A 173 -15.75 28.35 -49.61
CA THR A 173 -16.18 29.25 -50.67
C THR A 173 -15.20 30.42 -50.81
N PRO A 174 -14.98 30.90 -52.05
CA PRO A 174 -14.05 32.02 -52.23
C PRO A 174 -14.59 33.37 -51.75
N MET A 175 -15.89 33.50 -51.52
CA MET A 175 -16.47 34.73 -50.96
C MET A 175 -16.40 34.71 -49.44
N GLY A 176 -15.17 34.72 -48.92
CA GLY A 176 -14.95 34.71 -47.49
C GLY A 176 -15.03 33.31 -46.89
N ARG A 177 -14.04 32.95 -46.07
CA ARG A 177 -14.00 31.64 -45.45
C ARG A 177 -14.98 31.62 -44.29
N ILE A 178 -16.21 31.18 -44.57
CA ILE A 178 -17.26 31.07 -43.56
C ILE A 178 -17.61 29.59 -43.42
N PRO A 179 -17.93 29.11 -42.23
CA PRO A 179 -18.42 27.73 -42.10
C PRO A 179 -19.88 27.60 -42.46
N SER A 180 -20.31 26.36 -42.66
CA SER A 180 -21.68 26.06 -43.03
C SER A 180 -22.58 26.13 -41.79
N GLN A 181 -23.60 26.96 -41.85
CA GLN A 181 -24.55 27.13 -40.75
C GLN A 181 -25.94 26.66 -41.18
N ARG A 182 -26.77 26.36 -40.18
CA ARG A 182 -28.11 25.86 -40.42
C ARG A 182 -28.99 26.20 -39.22
N LEU A 183 -30.19 26.70 -39.49
CA LEU A 183 -31.14 27.04 -38.43
C LEU A 183 -31.86 25.78 -37.99
N PHE A 184 -31.85 25.51 -36.68
CA PHE A 184 -32.53 24.37 -36.10
C PHE A 184 -33.65 24.82 -35.18
N ASN A 185 -34.70 24.03 -35.12
CA ASN A 185 -35.85 24.29 -34.25
C ASN A 185 -35.95 23.18 -33.20
N VAL A 186 -36.18 23.59 -31.96
CA VAL A 186 -36.28 22.63 -30.86
C VAL A 186 -37.67 22.01 -30.82
N ILE A 187 -37.77 20.85 -30.17
CA ILE A 187 -39.04 20.17 -29.99
C ILE A 187 -39.19 19.78 -28.52
N GLY A 188 -38.10 19.89 -27.77
CA GLY A 188 -38.14 19.57 -26.36
C GLY A 188 -36.76 19.23 -25.85
N THR A 189 -36.65 19.21 -24.52
CA THR A 189 -35.39 18.93 -23.83
C THR A 189 -35.46 17.57 -23.14
N PHE A 190 -34.30 17.09 -22.71
CA PHE A 190 -34.18 15.84 -21.98
C PHE A 190 -33.35 16.05 -20.73
N ALA A 191 -33.69 15.30 -19.67
CA ALA A 191 -32.98 15.38 -18.40
C ALA A 191 -32.46 13.99 -18.03
N ALA A 192 -31.19 13.93 -17.64
CA ALA A 192 -30.57 12.67 -17.27
C ALA A 192 -29.85 12.70 -15.93
N ASN A 193 -29.82 13.87 -15.25
CA ASN A 193 -29.15 14.08 -13.96
C ASN A 193 -27.67 13.71 -14.01
N SER A 194 -26.99 14.21 -15.02
CA SER A 194 -25.58 13.91 -15.24
C SER A 194 -24.95 15.07 -16.02
N GLU A 195 -23.76 14.85 -16.54
CA GLU A 195 -23.05 15.84 -17.35
C GLU A 195 -23.24 15.61 -18.85
N VAL A 196 -24.13 14.70 -19.23
CA VAL A 196 -24.31 14.39 -20.64
C VAL A 196 -25.16 15.46 -21.33
N ASP A 197 -26.17 15.97 -20.64
CA ASP A 197 -27.10 16.93 -21.23
C ASP A 197 -26.56 18.36 -21.25
N GLY A 198 -25.27 18.57 -20.97
CA GLY A 198 -24.70 19.90 -21.06
C GLY A 198 -24.24 20.26 -22.47
N TYR A 199 -23.93 19.26 -23.29
CA TYR A 199 -23.48 19.53 -24.65
C TYR A 199 -24.10 18.62 -25.71
N GLU A 200 -24.78 17.54 -25.34
CA GLU A 200 -25.31 16.60 -26.31
C GLU A 200 -26.60 17.13 -26.94
N MET A 201 -26.73 16.94 -28.25
CA MET A 201 -27.92 17.33 -28.99
C MET A 201 -28.29 16.21 -29.95
N LEU A 202 -29.57 15.86 -29.96
CA LEU A 202 -30.07 14.75 -30.78
C LEU A 202 -30.72 15.31 -32.03
N VAL A 203 -30.09 15.08 -33.18
CA VAL A 203 -30.63 15.50 -34.47
C VAL A 203 -30.97 14.25 -35.28
N ASN A 204 -31.54 14.44 -36.47
CA ASN A 204 -31.83 13.32 -37.34
C ASN A 204 -30.55 12.80 -37.99
N ILE A 205 -30.56 11.51 -38.33
CA ILE A 205 -29.40 10.89 -38.95
C ILE A 205 -29.26 11.35 -40.41
N GLU A 206 -30.37 11.61 -41.09
CA GLU A 206 -30.35 12.06 -42.48
C GLU A 206 -30.20 13.58 -42.50
N ASP A 207 -28.96 14.04 -42.45
CA ASP A 207 -28.67 15.47 -42.52
C ASP A 207 -27.35 15.67 -43.25
N ALA A 208 -27.27 16.79 -43.97
CA ALA A 208 -26.08 17.14 -44.74
C ALA A 208 -25.44 18.42 -44.20
N SER A 209 -25.46 18.58 -42.87
CA SER A 209 -24.88 19.76 -42.25
C SER A 209 -23.36 19.70 -42.24
N ARG A 210 -22.80 18.52 -41.97
CA ARG A 210 -21.35 18.37 -41.96
C ARG A 210 -20.79 18.18 -43.38
N LEU A 211 -21.21 17.12 -44.05
CA LEU A 211 -20.75 16.82 -45.40
C LEU A 211 -21.81 16.03 -46.13
N MET A 212 -21.61 15.89 -47.44
CA MET A 212 -22.48 15.16 -48.37
C MET A 212 -23.94 15.64 -48.34
N GLY A 217 -24.49 11.19 -49.84
CA GLY A 217 -25.16 11.06 -48.56
C GLY A 217 -24.90 9.73 -47.88
N ASN A 218 -24.06 9.76 -46.85
CA ASN A 218 -23.71 8.56 -46.09
C ASN A 218 -23.53 8.94 -44.63
N ILE A 219 -22.98 8.01 -43.85
CA ILE A 219 -22.74 8.23 -42.42
C ILE A 219 -21.25 8.24 -42.15
N THR A 220 -20.87 8.49 -40.90
CA THR A 220 -19.47 8.50 -40.51
C THR A 220 -19.01 7.20 -39.87
N GLY A 221 -19.90 6.46 -39.25
CA GLY A 221 -19.52 5.22 -38.60
C GLY A 221 -20.72 4.51 -38.02
N TRP A 222 -20.44 3.38 -37.38
CA TRP A 222 -21.47 2.56 -36.76
C TRP A 222 -21.38 2.68 -35.24
N ARG A 223 -22.55 2.73 -34.59
CA ARG A 223 -22.62 2.83 -33.14
C ARG A 223 -22.49 1.42 -32.54
N LEU A 224 -21.36 1.15 -31.90
CA LEU A 224 -21.06 -0.16 -31.34
C LEU A 224 -21.28 -0.13 -29.84
N TRP A 225 -22.26 -0.89 -29.37
CA TRP A 225 -22.50 -1.06 -27.94
C TRP A 225 -21.55 -2.12 -27.42
N LEU A 226 -20.58 -1.72 -26.59
CA LEU A 226 -19.62 -2.64 -26.03
C LEU A 226 -20.14 -3.23 -24.72
N ASP A 227 -19.82 -4.50 -24.50
CA ASP A 227 -20.22 -5.14 -23.24
C ASP A 227 -19.36 -4.69 -22.08
N GLU A 228 -18.07 -4.46 -22.33
CA GLU A 228 -17.14 -3.95 -21.33
C GLU A 228 -16.39 -2.77 -21.95
N PRO A 229 -16.88 -1.54 -21.72
CA PRO A 229 -16.23 -0.37 -22.31
C PRO A 229 -14.97 0.10 -21.60
N LEU A 230 -14.53 -0.60 -20.54
CA LEU A 230 -13.33 -0.20 -19.83
C LEU A 230 -12.07 -0.71 -20.50
N LYS A 231 -12.09 -1.94 -21.00
CA LYS A 231 -10.93 -2.55 -21.63
C LYS A 231 -11.01 -2.37 -23.15
N VAL A 232 -10.90 -1.10 -23.57
CA VAL A 232 -10.90 -0.78 -25.00
C VAL A 232 -9.52 -0.83 -25.62
N ASP A 233 -8.47 -1.05 -24.82
CA ASP A 233 -7.13 -1.16 -25.38
C ASP A 233 -6.94 -2.50 -26.09
N SER A 234 -7.60 -3.55 -25.61
CA SER A 234 -7.53 -4.85 -26.26
C SER A 234 -8.48 -4.98 -27.44
N LEU A 235 -9.53 -4.15 -27.48
CA LEU A 235 -10.48 -4.17 -28.58
C LEU A 235 -10.07 -3.26 -29.73
N SER A 236 -9.01 -2.49 -29.58
CA SER A 236 -8.51 -1.63 -30.64
C SER A 236 -7.38 -2.23 -31.44
N GLN A 237 -6.64 -3.19 -30.88
CA GLN A 237 -5.54 -3.85 -31.55
C GLN A 237 -5.92 -5.24 -32.06
N GLN A 238 -7.19 -5.46 -32.37
CA GLN A 238 -7.66 -6.75 -32.85
C GLN A 238 -7.66 -6.76 -34.37
N LYS A 239 -8.25 -7.80 -34.96
CA LYS A 239 -8.33 -7.93 -36.42
C LYS A 239 -9.40 -6.97 -36.94
N LEU A 240 -8.97 -5.84 -37.49
CA LEU A 240 -9.84 -4.79 -38.01
C LEU A 240 -10.00 -4.95 -39.53
N PRO A 241 -11.21 -4.79 -40.04
CA PRO A 241 -11.42 -4.87 -41.50
C PRO A 241 -10.82 -3.66 -42.22
N GLU A 242 -10.65 -3.81 -43.53
CA GLU A 242 -10.05 -2.78 -44.34
C GLU A 242 -11.03 -1.62 -44.55
N GLY A 243 -10.47 -0.43 -44.74
CA GLY A 243 -11.28 0.76 -44.94
C GLY A 243 -12.01 1.22 -43.70
N SER A 244 -11.46 0.96 -42.51
CA SER A 244 -12.11 1.33 -41.27
C SER A 244 -11.04 1.65 -40.23
N LYS A 245 -11.40 2.52 -39.28
CA LYS A 245 -10.54 2.91 -38.19
C LYS A 245 -11.30 2.82 -36.87
N TRP A 246 -10.55 2.72 -35.79
CA TRP A 246 -11.11 2.60 -34.44
C TRP A 246 -10.94 3.91 -33.69
N GLN A 247 -12.04 4.42 -33.13
CA GLN A 247 -12.04 5.65 -32.34
C GLN A 247 -12.81 5.37 -31.05
N ASP A 248 -12.09 5.18 -29.96
CA ASP A 248 -12.70 4.87 -28.67
C ASP A 248 -13.01 6.16 -27.91
N TRP A 249 -13.32 6.03 -26.62
CA TRP A 249 -13.69 7.16 -25.78
C TRP A 249 -12.48 7.90 -25.21
N ARG A 250 -11.27 7.55 -25.62
CA ARG A 250 -10.06 8.17 -25.09
C ARG A 250 -9.81 9.56 -25.67
N ASP A 251 -10.53 9.95 -26.72
CA ASP A 251 -10.32 11.27 -27.31
C ASP A 251 -10.97 12.39 -26.49
N ARG A 252 -12.02 12.07 -25.74
CA ARG A 252 -12.73 13.06 -24.94
C ARG A 252 -12.60 12.82 -23.45
N LYS A 253 -12.92 11.62 -22.97
CA LYS A 253 -12.88 11.29 -21.55
C LYS A 253 -11.73 10.34 -21.23
N GLY A 254 -10.58 10.52 -21.90
CA GLY A 254 -9.46 9.64 -21.66
C GLY A 254 -8.75 9.92 -20.34
N GLU A 255 -8.60 11.19 -20.00
CA GLU A 255 -7.94 11.56 -18.75
C GLU A 255 -8.87 11.49 -17.54
N LEU A 256 -10.17 11.33 -17.75
CA LEU A 256 -11.11 11.24 -16.63
C LEU A 256 -11.08 9.84 -16.00
N PHE A 257 -11.24 8.80 -16.82
CA PHE A 257 -11.23 7.44 -16.30
C PHE A 257 -9.84 6.93 -15.99
N GLN A 258 -8.80 7.58 -16.52
CA GLN A 258 -7.44 7.22 -16.13
C GLN A 258 -7.12 7.67 -14.72
N ALA A 259 -7.77 8.75 -14.25
CA ALA A 259 -7.57 9.20 -12.88
C ALA A 259 -8.28 8.28 -11.88
N VAL A 260 -9.36 7.63 -12.30
CA VAL A 260 -10.05 6.69 -11.43
C VAL A 260 -9.24 5.42 -11.26
N ARG A 261 -8.59 4.96 -12.34
CA ARG A 261 -7.73 3.79 -12.25
C ARG A 261 -6.43 4.11 -11.53
N MET A 262 -6.00 5.37 -11.54
CA MET A 262 -4.78 5.75 -10.83
C MET A 262 -5.04 5.82 -9.33
N GLU A 263 -6.22 6.27 -8.92
CA GLU A 263 -6.57 6.30 -7.50
C GLU A 263 -6.86 4.89 -6.97
N LYS A 264 -7.26 3.96 -7.83
CA LYS A 264 -7.46 2.58 -7.40
C LYS A 264 -6.14 1.88 -7.12
N ASN A 265 -5.10 2.20 -7.91
CA ASN A 265 -3.79 1.62 -7.66
C ASN A 265 -3.08 2.29 -6.49
N MET A 266 -3.42 3.54 -6.18
CA MET A 266 -2.81 4.21 -5.05
C MET A 266 -3.39 3.70 -3.73
N MET A 267 -4.72 3.52 -3.66
CA MET A 267 -5.33 2.93 -2.48
C MET A 267 -5.04 1.43 -2.40
N GLY A 268 -4.88 0.77 -3.56
CA GLY A 268 -4.52 -0.63 -3.56
C GLY A 268 -3.11 -0.88 -3.07
N LEU A 269 -2.19 0.05 -3.36
CA LEU A 269 -0.85 -0.03 -2.80
C LEU A 269 -0.80 0.46 -1.36
N LEU A 270 -1.77 1.30 -0.97
CA LEU A 270 -1.82 1.79 0.41
C LEU A 270 -2.24 0.69 1.37
N LEU A 271 -3.19 -0.16 0.95
CA LEU A 271 -3.68 -1.25 1.77
C LEU A 271 -2.88 -2.53 1.61
N SER A 272 -1.97 -2.59 0.63
CA SER A 272 -1.12 -3.76 0.46
C SER A 272 0.05 -3.80 1.43
N LEU A 273 0.26 -2.73 2.21
CA LEU A 273 1.32 -2.73 3.20
C LEU A 273 0.99 -3.60 4.40
N ILE A 274 -0.29 -3.94 4.62
CA ILE A 274 -0.65 -4.82 5.72
C ILE A 274 -0.18 -6.24 5.43
N VAL A 275 -0.22 -6.67 4.17
CA VAL A 275 0.22 -8.01 3.80
C VAL A 275 1.74 -8.11 3.86
N ALA A 276 2.45 -7.01 3.59
CA ALA A 276 3.91 -7.03 3.64
C ALA A 276 4.42 -7.16 5.07
N VAL A 277 3.75 -6.50 6.02
CA VAL A 277 4.11 -6.67 7.42
C VAL A 277 3.66 -8.03 7.93
N ALA A 278 2.53 -8.54 7.42
CA ALA A 278 2.09 -9.88 7.77
C ALA A 278 3.02 -10.94 7.18
N ALA A 279 3.65 -10.64 6.03
CA ALA A 279 4.70 -11.52 5.54
C ALA A 279 5.96 -11.39 6.37
N PHE A 280 6.20 -10.22 6.96
CA PHE A 280 7.33 -10.05 7.87
C PHE A 280 7.10 -10.72 9.21
N ASN A 281 5.84 -10.99 9.58
CA ASN A 281 5.56 -11.66 10.83
C ASN A 281 5.93 -13.14 10.79
N ILE A 282 5.89 -13.74 9.60
CA ILE A 282 6.25 -15.16 9.47
C ILE A 282 7.76 -15.33 9.56
N ILE A 283 8.53 -14.33 9.15
CA ILE A 283 9.99 -14.41 9.27
C ILE A 283 10.41 -14.30 10.72
N THR A 284 9.69 -13.50 11.52
CA THR A 284 10.01 -13.40 12.94
C THR A 284 9.48 -14.59 13.74
N SER A 285 8.36 -15.17 13.31
CA SER A 285 7.79 -16.31 14.03
C SER A 285 8.59 -17.58 13.78
N LEU A 286 8.90 -17.87 12.51
CA LEU A 286 9.70 -19.03 12.17
C LEU A 286 11.18 -18.81 12.41
N GLY A 287 11.63 -17.57 12.61
CA GLY A 287 13.03 -17.32 12.91
C GLY A 287 13.41 -17.72 14.31
N LEU A 288 12.45 -17.66 15.25
CA LEU A 288 12.72 -18.06 16.63
C LEU A 288 12.42 -19.53 16.89
N MET A 289 11.64 -20.19 16.02
CA MET A 289 11.32 -21.60 16.22
C MET A 289 12.51 -22.49 15.94
N VAL A 290 13.41 -22.05 15.06
CA VAL A 290 14.61 -22.83 14.76
C VAL A 290 15.60 -22.74 15.92
N MET A 291 15.64 -21.59 16.60
CA MET A 291 16.62 -21.39 17.68
C MET A 291 16.26 -22.18 18.93
N GLU A 292 14.99 -22.50 19.13
CA GLU A 292 14.56 -23.26 20.30
C GLU A 292 14.38 -24.75 20.02
N LYS A 293 14.02 -25.12 18.79
CA LYS A 293 13.95 -26.53 18.40
C LYS A 293 15.25 -27.02 17.78
N GLN A 294 16.36 -26.82 18.49
CA GLN A 294 17.66 -27.28 18.00
C GLN A 294 17.85 -28.78 18.22
N GLY A 295 17.14 -29.37 19.18
CA GLY A 295 17.20 -30.80 19.42
C GLY A 295 16.19 -31.61 18.65
N GLU A 296 15.21 -30.96 18.02
CA GLU A 296 14.20 -31.65 17.23
C GLU A 296 14.55 -31.71 15.75
N VAL A 297 15.18 -30.67 15.21
CA VAL A 297 15.60 -30.68 13.82
C VAL A 297 16.82 -31.58 13.64
N ALA A 298 17.77 -31.51 14.58
CA ALA A 298 18.98 -32.30 14.48
C ALA A 298 18.74 -33.80 14.71
N ILE A 299 17.66 -34.15 15.42
CA ILE A 299 17.33 -35.57 15.61
C ILE A 299 16.56 -36.14 14.43
N LEU A 300 16.03 -35.28 13.55
CA LEU A 300 15.36 -35.78 12.36
C LEU A 300 16.36 -36.22 11.30
N GLN A 301 17.50 -35.55 11.21
CA GLN A 301 18.54 -35.94 10.26
C GLN A 301 19.23 -37.24 10.65
N THR A 302 19.20 -37.60 11.93
CA THR A 302 19.79 -38.85 12.38
C THR A 302 18.92 -40.05 12.05
N GLN A 303 17.64 -39.84 11.76
CA GLN A 303 16.71 -40.92 11.44
C GLN A 303 16.61 -41.17 9.93
N GLY A 304 17.63 -40.79 9.16
CA GLY A 304 17.64 -41.06 7.74
C GLY A 304 16.70 -40.18 6.94
N LEU A 305 16.83 -38.86 7.08
CA LEU A 305 15.98 -37.90 6.39
C LEU A 305 16.84 -37.00 5.52
N THR A 306 16.43 -36.80 4.28
CA THR A 306 17.14 -35.91 3.38
C THR A 306 16.86 -34.45 3.77
N PRO A 307 17.83 -33.55 3.53
CA PRO A 307 17.58 -32.12 3.82
C PRO A 307 16.56 -31.48 2.90
N ARG A 308 16.23 -32.09 1.77
CA ARG A 308 15.18 -31.54 0.91
C ARG A 308 13.80 -31.73 1.52
N GLN A 309 13.60 -32.81 2.28
CA GLN A 309 12.31 -33.05 2.90
C GLN A 309 12.14 -32.26 4.20
N ILE A 310 13.24 -31.97 4.90
CA ILE A 310 13.16 -31.20 6.14
C ILE A 310 12.93 -29.72 5.87
N MET A 311 13.14 -29.25 4.63
CA MET A 311 12.83 -27.87 4.29
C MET A 311 11.34 -27.66 4.12
N MET A 312 10.60 -28.70 3.74
CA MET A 312 9.16 -28.62 3.55
C MET A 312 8.39 -28.64 4.85
N VAL A 313 9.03 -28.98 5.97
CA VAL A 313 8.34 -28.99 7.26
C VAL A 313 8.07 -27.56 7.72
N PHE A 314 9.03 -26.66 7.52
CA PHE A 314 8.86 -25.25 7.84
C PHE A 314 8.26 -24.45 6.69
N MET A 315 8.20 -25.03 5.48
CA MET A 315 7.61 -24.33 4.35
C MET A 315 6.09 -24.33 4.42
N VAL A 316 5.50 -25.43 4.89
CA VAL A 316 4.04 -25.52 4.99
C VAL A 316 3.54 -24.67 6.15
N GLN A 317 4.34 -24.56 7.22
CA GLN A 317 3.97 -23.75 8.38
C GLN A 317 3.91 -22.26 8.05
N GLY A 318 4.66 -21.82 7.05
CA GLY A 318 4.56 -20.46 6.59
C GLY A 318 3.53 -20.31 5.50
N ALA A 319 3.08 -21.44 4.94
CA ALA A 319 2.07 -21.44 3.89
C ALA A 319 0.67 -21.75 4.40
N SER A 320 0.54 -22.41 5.55
CA SER A 320 -0.77 -22.72 6.10
C SER A 320 -1.46 -21.46 6.64
N ALA A 321 -0.69 -20.48 7.07
CA ALA A 321 -1.27 -19.21 7.51
C ALA A 321 -1.71 -18.36 6.33
N GLY A 322 -1.12 -18.57 5.16
CA GLY A 322 -1.49 -17.82 3.97
C GLY A 322 -2.66 -18.41 3.23
N ILE A 323 -2.84 -19.73 3.35
CA ILE A 323 -3.96 -20.40 2.69
C ILE A 323 -5.26 -20.13 3.45
N ILE A 324 -5.28 -20.42 4.75
CA ILE A 324 -6.47 -20.18 5.55
C ILE A 324 -6.65 -18.72 5.92
N GLY A 325 -5.62 -17.89 5.72
CA GLY A 325 -5.77 -16.46 5.97
C GLY A 325 -6.40 -15.72 4.81
N ALA A 326 -6.14 -16.17 3.58
CA ALA A 326 -6.73 -15.52 2.41
C ALA A 326 -8.16 -16.00 2.14
N ILE A 327 -8.48 -17.24 2.54
CA ILE A 327 -9.84 -17.74 2.38
C ILE A 327 -10.77 -17.07 3.38
N LEU A 328 -10.33 -16.98 4.65
CA LEU A 328 -11.13 -16.29 5.66
C LEU A 328 -11.16 -14.79 5.43
N GLY A 329 -10.11 -14.23 4.83
CA GLY A 329 -10.13 -12.81 4.51
C GLY A 329 -11.04 -12.47 3.35
N ALA A 330 -11.20 -13.38 2.39
CA ALA A 330 -12.12 -13.16 1.29
C ALA A 330 -13.55 -13.48 1.67
N ALA A 331 -13.75 -14.39 2.64
CA ALA A 331 -15.09 -14.71 3.08
C ALA A 331 -15.69 -13.59 3.93
N LEU A 332 -14.90 -13.06 4.87
CA LEU A 332 -15.35 -11.94 5.68
C LEU A 332 -15.34 -10.63 4.90
N GLY A 333 -14.52 -10.53 3.85
CA GLY A 333 -14.51 -9.34 3.02
C GLY A 333 -15.68 -9.23 2.08
N ALA A 334 -16.30 -10.35 1.71
CA ALA A 334 -17.47 -10.35 0.84
C ALA A 334 -18.77 -10.21 1.61
N LEU A 335 -18.75 -10.33 2.93
CA LEU A 335 -19.95 -10.17 3.75
C LEU A 335 -20.07 -8.77 4.35
N LEU A 336 -18.95 -8.08 4.56
CA LEU A 336 -19.00 -6.72 5.09
C LEU A 336 -19.37 -5.71 4.01
N ALA A 337 -18.87 -5.92 2.78
CA ALA A 337 -19.19 -5.02 1.69
C ALA A 337 -20.61 -5.21 1.17
N SER A 338 -21.13 -6.44 1.26
CA SER A 338 -22.49 -6.70 0.80
C SER A 338 -23.52 -6.21 1.82
N GLN A 339 -23.22 -6.37 3.12
CA GLN A 339 -24.10 -5.92 4.19
C GLN A 339 -23.64 -4.60 4.80
N LEU A 340 -23.08 -3.71 3.98
CA LEU A 340 -22.61 -2.42 4.48
C LEU A 340 -23.76 -1.47 4.78
N ASN A 341 -24.64 -1.26 3.80
CA ASN A 341 -25.80 -0.40 3.96
C ASN A 341 -27.11 -1.17 4.06
N ASN A 342 -27.07 -2.49 3.97
CA ASN A 342 -28.28 -3.29 4.05
C ASN A 342 -28.72 -3.52 5.50
N LEU A 343 -27.75 -3.72 6.41
CA LEU A 343 -28.08 -4.03 7.79
C LEU A 343 -28.41 -2.76 8.58
N MET A 344 -27.43 -1.86 8.74
CA MET A 344 -27.62 -0.69 9.57
C MET A 344 -26.70 0.44 9.11
N PRO A 345 -27.21 1.67 8.97
CA PRO A 345 -26.41 2.75 8.39
C PRO A 345 -25.44 3.45 9.36
N ILE A 346 -25.13 2.82 10.50
CA ILE A 346 -24.26 3.45 11.49
C ILE A 346 -22.79 3.23 11.17
N ILE A 347 -22.49 2.69 9.99
CA ILE A 347 -21.11 2.49 9.54
C ILE A 347 -20.47 3.77 9.03
N GLY A 348 -21.20 4.88 9.02
CA GLY A 348 -20.70 6.13 8.48
C GLY A 348 -21.57 6.65 7.36
N VAL A 349 -22.31 7.72 7.64
CA VAL A 349 -23.28 8.28 6.71
C VAL A 349 -22.58 9.32 5.83
N LEU A 350 -22.84 9.25 4.52
CA LEU A 350 -22.28 10.21 3.58
C LEU A 350 -23.04 11.53 3.66
N LEU A 351 -22.58 12.53 2.91
CA LEU A 351 -23.20 13.85 2.92
C LEU A 351 -24.59 13.85 2.29
N ASP A 352 -24.89 12.89 1.41
CA ASP A 352 -26.21 12.75 0.83
C ASP A 352 -26.93 11.48 1.28
N GLY A 353 -26.22 10.34 1.27
CA GLY A 353 -26.83 9.09 1.70
C GLY A 353 -27.90 8.55 0.77
N ALA A 354 -27.81 8.84 -0.52
CA ALA A 354 -28.83 8.44 -1.49
C ALA A 354 -28.33 7.23 -2.26
N ALA A 355 -28.57 6.05 -1.68
CA ALA A 355 -28.32 4.73 -2.28
C ALA A 355 -26.85 4.55 -2.67
N LEU A 356 -26.01 4.52 -1.65
CA LEU A 356 -24.58 4.30 -1.81
C LEU A 356 -24.33 2.88 -2.35
N PRO A 357 -23.77 2.73 -3.54
CA PRO A 357 -23.66 1.40 -4.14
C PRO A 357 -22.35 0.70 -3.78
N VAL A 358 -22.37 -0.62 -3.91
CA VAL A 358 -21.20 -1.46 -3.74
C VAL A 358 -21.09 -2.37 -4.96
N ALA A 359 -19.88 -2.88 -5.18
CA ALA A 359 -19.62 -3.75 -6.32
C ALA A 359 -18.58 -4.79 -5.91
N ILE A 360 -18.97 -6.06 -5.96
CA ILE A 360 -18.09 -7.18 -5.62
C ILE A 360 -17.81 -7.93 -6.90
N GLU A 361 -16.65 -7.68 -7.49
CA GLU A 361 -16.28 -8.35 -8.73
C GLU A 361 -15.80 -9.77 -8.42
N PRO A 362 -16.29 -10.79 -9.13
CA PRO A 362 -15.82 -12.16 -8.86
C PRO A 362 -14.39 -12.40 -9.30
N LEU A 363 -13.91 -11.68 -10.30
CA LEU A 363 -12.53 -11.84 -10.74
C LEU A 363 -11.55 -11.04 -9.90
N GLN A 364 -12.04 -10.08 -9.10
CA GLN A 364 -11.15 -9.29 -8.25
C GLN A 364 -10.82 -10.01 -6.95
N VAL A 365 -11.70 -10.92 -6.52
CA VAL A 365 -11.46 -11.65 -5.28
C VAL A 365 -10.36 -12.69 -5.48
N ILE A 366 -10.34 -13.33 -6.66
CA ILE A 366 -9.38 -14.40 -6.92
C ILE A 366 -7.97 -13.85 -7.12
N VAL A 367 -7.85 -12.70 -7.79
CA VAL A 367 -6.53 -12.12 -8.04
C VAL A 367 -5.92 -11.53 -6.77
N ILE A 368 -6.76 -11.11 -5.82
CA ILE A 368 -6.25 -10.57 -4.56
C ILE A 368 -5.72 -11.68 -3.66
N ALA A 369 -6.45 -12.81 -3.59
CA ALA A 369 -6.12 -13.86 -2.65
C ALA A 369 -4.87 -14.65 -3.06
N LEU A 370 -4.62 -14.77 -4.36
CA LEU A 370 -3.42 -15.46 -4.82
C LEU A 370 -2.15 -14.63 -4.61
N VAL A 371 -2.26 -13.30 -4.54
CA VAL A 371 -1.11 -12.49 -4.17
C VAL A 371 -0.79 -12.67 -2.68
N ALA A 372 -1.82 -12.77 -1.85
CA ALA A 372 -1.62 -12.97 -0.41
C ALA A 372 -1.07 -14.35 -0.10
N MET A 373 -1.31 -15.33 -0.98
CA MET A 373 -0.68 -16.64 -0.87
C MET A 373 0.69 -16.70 -1.51
N ALA A 374 1.12 -15.61 -2.16
CA ALA A 374 2.42 -15.56 -2.85
C ALA A 374 3.47 -14.79 -2.06
N ILE A 375 3.09 -13.68 -1.42
CA ILE A 375 4.04 -12.92 -0.61
C ILE A 375 4.41 -13.68 0.64
N ALA A 376 3.47 -14.47 1.19
CA ALA A 376 3.77 -15.29 2.35
C ALA A 376 4.64 -16.49 2.01
N LEU A 377 4.75 -16.85 0.73
CA LEU A 377 5.59 -17.98 0.34
C LEU A 377 7.04 -17.57 0.16
N LEU A 378 7.29 -16.36 -0.34
CA LEU A 378 8.65 -15.87 -0.51
C LEU A 378 9.29 -15.46 0.81
N SER A 379 8.49 -15.20 1.85
CA SER A 379 8.99 -14.88 3.17
C SER A 379 9.15 -16.12 4.05
N THR A 380 9.26 -17.30 3.45
CA THR A 380 9.39 -18.55 4.16
C THR A 380 10.65 -19.33 3.78
N LEU A 381 11.16 -19.11 2.56
CA LEU A 381 12.34 -19.84 2.09
C LEU A 381 13.61 -19.46 2.86
N TYR A 382 13.70 -18.23 3.33
CA TYR A 382 14.88 -17.79 4.06
C TYR A 382 14.95 -18.33 5.51
N PRO A 383 13.85 -18.42 6.29
CA PRO A 383 13.96 -19.20 7.53
C PRO A 383 14.07 -20.69 7.31
N SER A 384 13.56 -21.20 6.19
CA SER A 384 13.65 -22.64 5.92
C SER A 384 15.05 -23.05 5.47
N TRP A 385 15.81 -22.13 4.88
CA TRP A 385 17.16 -22.45 4.45
C TRP A 385 18.13 -22.56 5.62
N ARG A 386 17.88 -21.82 6.71
CA ARG A 386 18.74 -21.90 7.88
C ARG A 386 18.51 -23.17 8.69
N ALA A 387 17.36 -23.81 8.54
CA ALA A 387 17.05 -25.04 9.26
C ALA A 387 17.35 -26.30 8.46
N ALA A 388 17.63 -26.16 7.16
CA ALA A 388 17.93 -27.30 6.31
C ALA A 388 19.39 -27.40 5.90
N ALA A 389 20.09 -26.28 5.80
CA ALA A 389 21.51 -26.27 5.44
C ALA A 389 22.43 -26.30 6.65
N THR A 390 21.88 -26.52 7.85
CA THR A 390 22.70 -26.58 9.05
C THR A 390 23.43 -27.92 9.13
N GLN A 391 24.40 -27.99 10.04
CA GLN A 391 25.19 -29.20 10.21
C GLN A 391 24.74 -29.95 11.46
N PRO A 392 24.50 -31.26 11.37
CA PRO A 392 24.12 -32.00 12.58
C PRO A 392 25.28 -32.19 13.54
N ALA A 393 26.53 -32.25 13.04
CA ALA A 393 27.68 -32.37 13.92
C ALA A 393 27.98 -31.06 14.63
N GLU A 394 27.64 -29.93 14.02
CA GLU A 394 27.84 -28.61 14.62
C GLU A 394 26.58 -28.09 15.30
N ALA A 395 25.75 -28.98 15.81
CA ALA A 395 24.52 -28.61 16.51
C ALA A 395 24.83 -28.32 17.97
N LEU A 396 23.77 -28.24 18.79
CA LEU A 396 23.96 -27.97 20.21
C LEU A 396 24.59 -29.15 20.94
N ARG A 397 24.39 -30.36 20.44
CA ARG A 397 24.99 -31.55 21.03
C ARG A 397 25.41 -32.55 19.95
N PRO B 4 19.07 8.98 37.30
CA PRO B 4 17.69 9.46 37.43
C PRO B 4 16.66 8.42 36.98
N LEU B 5 17.12 7.41 36.24
CA LEU B 5 16.24 6.36 35.76
C LEU B 5 15.88 5.40 36.88
N SER B 6 14.65 4.90 36.85
CA SER B 6 14.16 4.03 37.90
C SER B 6 14.57 2.58 37.62
N LEU B 7 14.10 1.65 38.46
CA LEU B 7 14.40 0.24 38.27
C LEU B 7 13.62 -0.37 37.12
N LEU B 8 12.48 0.19 36.77
CA LEU B 8 11.67 -0.34 35.69
C LEU B 8 12.21 -0.02 34.31
N ILE B 9 13.14 0.93 34.20
CA ILE B 9 13.72 1.34 32.93
C ILE B 9 15.23 1.16 32.90
N GLY B 10 15.93 1.61 33.96
CA GLY B 10 17.38 1.70 33.92
C GLY B 10 18.13 0.40 34.02
N LEU B 11 17.46 -0.69 34.39
CA LEU B 11 18.10 -1.99 34.54
C LEU B 11 17.46 -3.02 33.62
N ARG B 12 17.03 -2.59 32.42
CA ARG B 12 16.32 -3.47 31.50
C ARG B 12 16.95 -3.59 30.13
N PHE B 13 17.79 -2.65 29.71
CA PHE B 13 18.39 -2.74 28.38
C PHE B 13 19.53 -3.75 28.32
N SER B 14 20.04 -4.20 29.47
CA SER B 14 21.07 -5.24 29.46
C SER B 14 20.47 -6.61 29.18
N ARG B 15 19.16 -6.78 29.44
CA ARG B 15 18.52 -8.07 29.18
C ARG B 15 18.28 -8.27 27.69
N GLY B 16 18.18 -7.20 26.91
CA GLY B 16 17.96 -7.32 25.48
C GLY B 16 19.18 -7.77 24.71
N ARG B 17 20.38 -7.64 25.30
CA ARG B 17 21.61 -8.05 24.64
C ARG B 17 21.72 -9.57 24.73
N ARG B 18 21.07 -10.25 23.78
CA ARG B 18 21.06 -11.70 23.73
C ARG B 18 21.43 -12.16 22.34
N ARG B 19 22.32 -13.16 22.27
CA ARG B 19 22.77 -13.74 21.01
C ARG B 19 22.60 -15.24 21.07
N GLY B 20 21.78 -15.78 20.17
CA GLY B 20 21.52 -17.21 20.13
C GLY B 20 21.47 -17.77 18.73
N GLY B 21 22.24 -17.18 17.82
CA GLY B 21 22.25 -17.64 16.44
C GLY B 21 21.73 -16.62 15.46
N MET B 22 20.55 -16.87 14.89
CA MET B 22 19.92 -15.98 13.93
C MET B 22 18.99 -14.97 14.57
N VAL B 23 19.23 -14.61 15.83
CA VAL B 23 18.39 -13.64 16.52
C VAL B 23 18.68 -12.22 16.04
N SER B 24 19.82 -11.99 15.39
CA SER B 24 20.14 -10.67 14.86
C SER B 24 19.27 -10.33 13.66
N LEU B 25 18.77 -11.35 12.95
CA LEU B 25 17.84 -11.09 11.84
C LEU B 25 16.47 -10.68 12.36
N ILE B 26 16.11 -11.12 13.57
CA ILE B 26 14.81 -10.76 14.14
C ILE B 26 14.80 -9.29 14.56
N SER B 27 15.95 -8.75 14.98
CA SER B 27 16.04 -7.35 15.37
C SER B 27 16.01 -6.39 14.19
N VAL B 28 16.18 -6.88 12.96
CA VAL B 28 16.13 -6.03 11.78
C VAL B 28 14.73 -6.03 11.16
N ILE B 29 14.09 -7.20 11.11
CA ILE B 29 12.75 -7.30 10.51
C ILE B 29 11.72 -6.63 11.42
N SER B 30 11.83 -6.82 12.73
CA SER B 30 10.90 -6.18 13.66
C SER B 30 11.13 -4.68 13.77
N THR B 31 12.32 -4.19 13.42
CA THR B 31 12.57 -2.75 13.44
C THR B 31 11.96 -2.08 12.22
N ILE B 32 12.29 -2.56 11.02
CA ILE B 32 11.75 -1.98 9.79
C ILE B 32 10.31 -2.39 9.54
N GLY B 33 9.78 -3.37 10.26
CA GLY B 33 8.38 -3.72 10.13
C GLY B 33 7.46 -2.72 10.79
N ILE B 34 7.91 -2.11 11.88
CA ILE B 34 7.13 -1.06 12.54
C ILE B 34 7.54 0.33 12.08
N ALA B 35 8.71 0.48 11.47
CA ALA B 35 9.14 1.77 10.93
C ALA B 35 8.58 2.03 9.54
N LEU B 36 8.03 1.01 8.88
CA LEU B 36 7.44 1.22 7.55
C LEU B 36 6.11 1.92 7.64
N GLY B 37 5.31 1.62 8.66
CA GLY B 37 4.01 2.26 8.81
C GLY B 37 4.09 3.69 9.29
N VAL B 38 5.15 4.04 10.04
CA VAL B 38 5.30 5.41 10.51
C VAL B 38 5.88 6.30 9.42
N ALA B 39 6.78 5.75 8.59
CA ALA B 39 7.42 6.56 7.54
C ALA B 39 6.44 6.93 6.43
N VAL B 40 5.41 6.11 6.21
CA VAL B 40 4.37 6.44 5.23
C VAL B 40 3.21 7.21 5.86
N LEU B 41 3.18 7.36 7.18
CA LEU B 41 2.16 8.14 7.86
C LEU B 41 2.59 9.59 8.05
N ILE B 42 3.89 9.84 8.22
CA ILE B 42 4.38 11.21 8.33
C ILE B 42 4.31 11.89 6.97
N VAL B 43 4.72 11.20 5.91
CA VAL B 43 4.66 11.77 4.56
C VAL B 43 3.26 11.75 3.97
N GLY B 44 2.30 11.08 4.63
CA GLY B 44 0.94 11.07 4.16
C GLY B 44 0.13 12.22 4.70
N LEU B 45 0.30 12.52 5.99
CA LEU B 45 -0.40 13.64 6.61
C LEU B 45 0.23 14.98 6.23
N SER B 46 1.53 15.00 5.95
CA SER B 46 2.17 16.24 5.51
C SER B 46 1.80 16.59 4.08
N ALA B 47 1.48 15.58 3.26
CA ALA B 47 1.05 15.85 1.90
C ALA B 47 -0.38 16.40 1.86
N MET B 48 -1.23 15.96 2.79
CA MET B 48 -2.59 16.49 2.84
C MET B 48 -2.61 17.92 3.40
N ASN B 49 -1.61 18.29 4.20
CA ASN B 49 -1.49 19.67 4.64
C ASN B 49 -1.02 20.58 3.50
N GLY B 50 -0.31 20.02 2.52
CA GLY B 50 0.08 20.80 1.36
C GLY B 50 -1.07 21.10 0.42
N PHE B 51 -2.05 20.19 0.35
CA PHE B 51 -3.22 20.44 -0.49
C PHE B 51 -4.13 21.49 0.13
N GLU B 52 -4.12 21.61 1.46
CA GLU B 52 -4.88 22.67 2.12
C GLU B 52 -4.15 24.00 2.07
N ARG B 53 -2.81 23.97 1.99
CA ARG B 53 -2.05 25.21 1.88
C ARG B 53 -2.19 25.83 0.49
N GLU B 54 -2.21 24.99 -0.55
CA GLU B 54 -2.38 25.47 -1.91
C GLU B 54 -3.82 25.82 -2.24
N LEU B 55 -4.78 25.47 -1.38
CA LEU B 55 -6.17 25.79 -1.64
C LEU B 55 -6.52 27.20 -1.20
N ASN B 56 -5.78 27.76 -0.24
CA ASN B 56 -6.08 29.08 0.27
C ASN B 56 -5.64 30.21 -0.66
N ASN B 57 -4.64 29.97 -1.50
CA ASN B 57 -4.11 31.01 -2.37
C ASN B 57 -4.39 30.79 -3.85
N ARG B 58 -4.50 29.55 -4.31
CA ARG B 58 -4.73 29.26 -5.72
C ARG B 58 -6.19 28.95 -6.04
N ILE B 59 -7.06 28.87 -5.03
CA ILE B 59 -8.48 28.63 -5.25
C ILE B 59 -9.29 29.72 -4.58
N LEU B 60 -9.06 29.95 -3.29
CA LEU B 60 -9.87 30.89 -2.53
C LEU B 60 -9.50 32.34 -2.82
N ALA B 61 -8.24 32.61 -3.15
CA ALA B 61 -7.78 33.97 -3.40
C ALA B 61 -7.98 34.41 -4.84
N VAL B 62 -8.44 33.53 -5.72
CA VAL B 62 -8.67 33.87 -7.12
C VAL B 62 -10.12 33.76 -7.53
N VAL B 63 -10.98 33.15 -6.72
CA VAL B 63 -12.39 32.98 -7.03
C VAL B 63 -13.21 33.78 -6.02
N PRO B 64 -14.11 34.66 -6.47
CA PRO B 64 -14.93 35.41 -5.52
C PRO B 64 -16.01 34.53 -4.89
N HIS B 65 -16.32 34.84 -3.63
CA HIS B 65 -17.30 34.05 -2.90
C HIS B 65 -18.73 34.45 -3.26
N GLY B 66 -18.96 35.75 -3.44
CA GLY B 66 -20.29 36.22 -3.81
C GLY B 66 -20.57 35.97 -5.28
N GLU B 67 -21.79 35.48 -5.56
CA GLU B 67 -22.21 35.17 -6.92
C GLU B 67 -23.70 35.51 -7.02
N ILE B 68 -23.99 36.69 -7.56
CA ILE B 68 -25.35 37.23 -7.62
C ILE B 68 -25.77 37.28 -9.08
N GLU B 69 -26.68 36.39 -9.47
CA GLU B 69 -27.33 36.45 -10.78
C GLU B 69 -28.73 37.01 -10.58
N ALA B 70 -28.98 38.20 -11.10
CA ALA B 70 -30.25 38.88 -10.91
C ALA B 70 -31.22 38.54 -12.04
N VAL B 71 -32.33 39.29 -12.09
CA VAL B 71 -33.29 39.18 -13.19
C VAL B 71 -32.63 39.70 -14.46
N ASP B 72 -33.09 39.20 -15.63
CA ASP B 72 -32.49 39.53 -16.92
C ASP B 72 -32.61 41.01 -17.30
N GLN B 73 -33.39 41.79 -16.57
CA GLN B 73 -33.31 43.24 -16.64
C GLN B 73 -31.92 43.68 -16.19
N PRO B 74 -31.13 44.34 -17.05
CA PRO B 74 -29.67 44.48 -16.82
C PRO B 74 -29.27 45.59 -15.86
N TRP B 75 -29.74 45.45 -14.61
CA TRP B 75 -29.18 46.12 -13.42
C TRP B 75 -29.23 47.65 -13.52
N THR B 76 -30.46 48.18 -13.54
CA THR B 76 -30.61 49.63 -13.50
C THR B 76 -30.31 50.22 -12.11
N ASN B 77 -30.29 49.40 -11.06
CA ASN B 77 -29.99 49.84 -9.71
C ASN B 77 -28.71 49.19 -9.20
N TRP B 78 -27.70 49.09 -10.06
CA TRP B 78 -26.44 48.46 -9.68
C TRP B 78 -25.53 49.39 -8.88
N GLN B 79 -25.74 50.70 -8.98
CA GLN B 79 -24.89 51.64 -8.24
C GLN B 79 -25.24 51.65 -6.76
N GLU B 80 -26.54 51.61 -6.44
CA GLU B 80 -26.95 51.56 -5.04
C GLU B 80 -26.74 50.18 -4.41
N ALA B 81 -26.70 49.13 -5.23
CA ALA B 81 -26.48 47.78 -4.71
C ALA B 81 -25.04 47.53 -4.31
N LEU B 82 -24.10 48.31 -4.84
CA LEU B 82 -22.70 48.12 -4.48
C LEU B 82 -22.39 48.63 -3.08
N ASP B 83 -23.06 49.71 -2.66
CA ASP B 83 -22.86 50.27 -1.32
C ASP B 83 -23.70 49.57 -0.25
N HIS B 84 -24.69 48.77 -0.64
CA HIS B 84 -25.51 48.08 0.34
C HIS B 84 -24.77 46.90 0.96
N VAL B 85 -24.12 46.08 0.13
CA VAL B 85 -23.38 44.92 0.62
C VAL B 85 -22.02 45.28 1.19
N GLN B 86 -21.56 46.53 1.02
CA GLN B 86 -20.26 46.93 1.54
C GLN B 86 -20.32 47.22 3.03
N LYS B 87 -21.45 47.73 3.53
CA LYS B 87 -21.61 48.04 4.94
C LYS B 87 -22.05 46.83 5.76
N VAL B 88 -22.28 45.69 5.13
CA VAL B 88 -22.67 44.47 5.86
C VAL B 88 -21.43 43.91 6.55
N PRO B 89 -21.50 43.62 7.85
CA PRO B 89 -20.35 43.01 8.54
C PRO B 89 -20.10 41.59 8.08
N GLY B 90 -18.85 41.30 7.72
CA GLY B 90 -18.46 40.01 7.17
C GLY B 90 -17.99 40.10 5.73
N ILE B 91 -18.45 41.11 4.99
CA ILE B 91 -18.05 41.33 3.61
C ILE B 91 -17.01 42.44 3.59
N ALA B 92 -15.83 42.13 3.04
CA ALA B 92 -14.74 43.10 3.01
C ALA B 92 -14.92 44.12 1.90
N ALA B 93 -14.94 43.65 0.65
CA ALA B 93 -15.06 44.53 -0.51
C ALA B 93 -16.07 43.92 -1.48
N ALA B 94 -16.36 44.66 -2.55
CA ALA B 94 -17.29 44.23 -3.57
C ALA B 94 -16.91 44.86 -4.90
N ALA B 95 -17.20 44.15 -5.99
CA ALA B 95 -16.88 44.61 -7.33
C ALA B 95 -17.84 43.98 -8.32
N PRO B 96 -18.35 44.74 -9.29
CA PRO B 96 -19.28 44.16 -10.27
C PRO B 96 -18.55 43.34 -11.32
N TYR B 97 -19.31 42.49 -12.00
CA TYR B 97 -18.77 41.63 -13.05
C TYR B 97 -19.86 41.31 -14.04
N ILE B 98 -19.46 41.09 -15.29
CA ILE B 98 -20.38 40.80 -16.39
C ILE B 98 -20.02 39.43 -16.94
N ASN B 99 -20.98 38.50 -16.91
CA ASN B 99 -20.75 37.15 -17.40
C ASN B 99 -20.90 37.09 -18.91
N PHE B 100 -19.89 36.52 -19.58
CA PHE B 100 -19.91 36.32 -21.02
C PHE B 100 -19.57 34.88 -21.34
N THR B 101 -19.84 34.48 -22.57
CA THR B 101 -19.53 33.14 -23.06
C THR B 101 -19.03 33.25 -24.48
N GLY B 102 -17.80 32.81 -24.72
CA GLY B 102 -17.18 32.89 -26.03
C GLY B 102 -16.46 31.60 -26.38
N LEU B 103 -15.87 31.60 -27.57
CA LEU B 103 -15.11 30.46 -28.08
C LEU B 103 -13.82 30.98 -28.69
N VAL B 104 -12.70 30.76 -28.01
CA VAL B 104 -11.39 31.17 -28.51
C VAL B 104 -10.96 30.19 -29.59
N GLU B 105 -10.72 30.72 -30.80
CA GLU B 105 -10.34 29.89 -31.93
C GLU B 105 -9.28 30.61 -32.75
N SER B 106 -8.28 29.84 -33.21
CA SER B 106 -7.25 30.34 -34.10
C SER B 106 -7.14 29.57 -35.40
N GLY B 107 -7.90 28.48 -35.55
CA GLY B 107 -7.89 27.69 -36.77
C GLY B 107 -7.80 26.21 -36.49
N ALA B 108 -8.79 25.46 -36.97
CA ALA B 108 -8.92 23.99 -36.81
C ALA B 108 -8.90 23.56 -35.34
N ASN B 109 -9.38 24.43 -34.43
CA ASN B 109 -9.48 24.10 -33.02
C ASN B 109 -10.54 24.97 -32.36
N LEU B 110 -11.34 24.36 -31.48
CA LEU B 110 -12.38 25.07 -30.75
C LEU B 110 -12.25 24.76 -29.28
N ARG B 111 -12.28 25.80 -28.45
CA ARG B 111 -12.20 25.65 -26.99
C ARG B 111 -13.23 26.56 -26.34
N ALA B 112 -14.00 26.01 -25.41
CA ALA B 112 -14.98 26.79 -24.67
C ALA B 112 -14.30 27.59 -23.58
N ILE B 113 -14.59 28.89 -23.53
CA ILE B 113 -13.96 29.80 -22.58
C ILE B 113 -15.07 30.53 -21.84
N GLN B 114 -14.74 31.01 -20.63
CA GLN B 114 -15.66 31.78 -19.79
C GLN B 114 -15.05 33.16 -19.58
N VAL B 115 -15.63 34.17 -20.21
CA VAL B 115 -15.11 35.53 -20.17
C VAL B 115 -15.89 36.31 -19.12
N LYS B 116 -15.18 37.01 -18.24
CA LYS B 116 -15.79 37.88 -17.24
C LYS B 116 -15.22 39.28 -17.37
N GLY B 117 -16.07 40.28 -17.16
CA GLY B 117 -15.63 41.65 -17.25
C GLY B 117 -15.50 42.33 -15.89
N VAL B 118 -14.27 42.51 -15.44
CA VAL B 118 -13.99 43.11 -14.14
C VAL B 118 -13.14 44.35 -14.34
N ASN B 119 -13.27 45.30 -13.43
CA ASN B 119 -12.47 46.52 -13.49
C ASN B 119 -11.04 46.21 -13.03
N PRO B 120 -10.02 46.55 -13.83
CA PRO B 120 -8.64 46.25 -13.41
C PRO B 120 -8.15 47.10 -12.24
N GLN B 121 -8.76 48.25 -11.98
CA GLN B 121 -8.40 49.08 -10.84
C GLN B 121 -9.24 48.80 -9.61
N GLN B 122 -10.06 47.75 -9.64
CA GLN B 122 -10.91 47.38 -8.52
C GLN B 122 -10.85 45.92 -8.14
N GLU B 123 -10.31 45.04 -9.00
CA GLU B 123 -10.26 43.62 -8.70
C GLU B 123 -9.18 43.27 -7.69
N GLN B 124 -8.13 44.09 -7.58
CA GLN B 124 -7.03 43.80 -6.67
C GLN B 124 -7.35 44.12 -5.23
N ARG B 125 -8.48 44.74 -4.94
CA ARG B 125 -8.85 45.05 -3.57
C ARG B 125 -9.44 43.84 -2.85
N LEU B 126 -10.11 42.95 -3.58
CA LEU B 126 -10.80 41.82 -2.96
C LEU B 126 -10.19 40.47 -3.30
N SER B 127 -9.39 40.36 -4.36
CA SER B 127 -8.80 39.10 -4.74
C SER B 127 -7.48 39.35 -5.46
N ALA B 128 -6.62 38.32 -5.45
CA ALA B 128 -5.29 38.42 -6.06
C ALA B 128 -5.28 37.67 -7.38
N LEU B 129 -5.74 38.34 -8.43
CA LEU B 129 -5.65 37.83 -9.79
C LEU B 129 -4.28 38.03 -10.46
N PRO B 130 -3.61 39.20 -10.40
CA PRO B 130 -2.28 39.27 -11.03
C PRO B 130 -1.15 38.67 -10.20
N SER B 131 -1.43 37.99 -9.09
CA SER B 131 -0.39 37.35 -8.30
C SER B 131 0.06 36.02 -8.87
N PHE B 132 -0.63 35.50 -9.89
CA PHE B 132 -0.31 34.22 -10.50
C PHE B 132 -0.25 34.35 -12.02
N VAL B 133 0.41 35.41 -12.49
CA VAL B 133 0.59 35.66 -13.92
C VAL B 133 2.08 35.57 -14.23
N GLN B 134 2.42 34.78 -15.25
CA GLN B 134 3.83 34.61 -15.62
C GLN B 134 4.40 35.88 -16.24
N GLY B 135 3.67 36.50 -17.16
CA GLY B 135 4.15 37.70 -17.80
C GLY B 135 4.00 38.93 -16.93
N ASP B 136 4.83 39.92 -17.19
CA ASP B 136 4.80 41.18 -16.47
C ASP B 136 3.84 42.19 -17.09
N ALA B 137 3.16 41.83 -18.18
CA ALA B 137 2.26 42.75 -18.87
C ALA B 137 0.85 42.63 -18.29
N TRP B 138 0.72 43.08 -17.05
CA TRP B 138 -0.55 43.12 -16.35
C TRP B 138 -1.09 44.54 -16.20
N ARG B 139 -0.39 45.54 -16.73
CA ARG B 139 -0.81 46.93 -16.63
C ARG B 139 -1.17 47.46 -18.01
N ASN B 140 -1.54 48.75 -18.05
CA ASN B 140 -2.22 49.40 -19.19
C ASN B 140 -3.45 48.62 -19.65
N PHE B 141 -4.29 48.24 -18.69
CA PHE B 141 -5.54 47.55 -18.98
C PHE B 141 -6.67 48.56 -18.94
N LYS B 142 -6.85 49.26 -20.07
CA LYS B 142 -7.90 50.26 -20.18
C LYS B 142 -8.59 50.17 -21.53
N ALA B 143 -9.46 51.13 -21.84
CA ALA B 143 -10.20 51.13 -23.09
C ALA B 143 -9.33 51.67 -24.22
N GLY B 144 -9.65 51.23 -25.43
CA GLY B 144 -8.92 51.69 -26.61
C GLY B 144 -7.97 50.65 -27.17
N GLU B 145 -7.31 49.90 -26.28
CA GLU B 145 -6.36 48.88 -26.72
C GLU B 145 -7.06 47.60 -27.19
N GLN B 146 -8.18 47.26 -26.55
CA GLN B 146 -8.98 46.06 -26.83
C GLN B 146 -8.15 44.78 -26.71
N GLN B 147 -7.66 44.54 -25.49
CA GLN B 147 -6.83 43.39 -25.19
C GLN B 147 -7.55 42.43 -24.27
N ILE B 148 -7.02 41.22 -24.17
CA ILE B 148 -7.60 40.16 -23.34
C ILE B 148 -6.47 39.23 -22.90
N ILE B 149 -6.44 38.93 -21.60
CA ILE B 149 -5.47 38.01 -21.02
C ILE B 149 -6.15 36.67 -20.77
N ILE B 150 -5.49 35.58 -21.16
CA ILE B 150 -6.06 34.24 -21.06
C ILE B 150 -5.23 33.40 -20.10
N GLY B 151 -5.67 32.17 -19.86
CA GLY B 151 -4.99 31.26 -18.97
C GLY B 151 -3.90 30.47 -19.64
N LYS B 152 -3.48 29.38 -18.98
CA LYS B 152 -2.45 28.51 -19.49
C LYS B 152 -2.99 27.29 -20.22
N GLY B 153 -4.19 26.83 -19.88
CA GLY B 153 -4.76 25.68 -20.54
C GLY B 153 -5.19 25.96 -21.98
N VAL B 154 -5.53 27.22 -22.27
CA VAL B 154 -5.85 27.62 -23.64
C VAL B 154 -4.62 28.12 -24.39
N ALA B 155 -3.45 28.15 -23.74
CA ALA B 155 -2.24 28.58 -24.43
C ALA B 155 -1.59 27.44 -25.20
N ASP B 156 -1.63 26.22 -24.64
CA ASP B 156 -1.04 25.07 -25.32
C ASP B 156 -2.01 24.44 -26.30
N ALA B 157 -3.32 24.60 -26.07
CA ALA B 157 -4.30 24.01 -26.99
C ALA B 157 -4.46 24.84 -28.25
N LEU B 158 -4.47 26.18 -28.12
CA LEU B 158 -4.63 27.05 -29.27
C LEU B 158 -3.32 27.30 -30.00
N LYS B 159 -2.18 26.95 -29.39
CA LYS B 159 -0.83 27.18 -29.92
C LYS B 159 -0.60 28.66 -30.25
N VAL B 160 -0.90 29.51 -29.28
CA VAL B 160 -0.80 30.96 -29.45
C VAL B 160 0.30 31.49 -28.55
N LYS B 161 0.66 32.75 -28.77
CA LYS B 161 1.70 33.41 -28.00
C LYS B 161 1.18 34.72 -27.42
N GLN B 162 2.08 35.56 -26.90
CA GLN B 162 1.72 36.87 -26.36
C GLN B 162 2.00 37.91 -27.45
N GLY B 163 0.94 38.34 -28.14
CA GLY B 163 1.10 39.37 -29.15
C GLY B 163 0.26 39.17 -30.40
N ASP B 164 -0.09 37.92 -30.71
CA ASP B 164 -0.85 37.64 -31.91
C ASP B 164 -2.33 37.91 -31.68
N TRP B 165 -3.06 38.11 -32.78
CA TRP B 165 -4.48 38.42 -32.73
C TRP B 165 -5.30 37.14 -32.84
N VAL B 166 -6.28 36.98 -31.95
CA VAL B 166 -7.17 35.83 -31.94
C VAL B 166 -8.59 36.31 -32.22
N SER B 167 -9.47 35.36 -32.51
CA SER B 167 -10.87 35.63 -32.80
C SER B 167 -11.74 34.90 -31.79
N ILE B 168 -12.61 35.66 -31.11
CA ILE B 168 -13.51 35.10 -30.12
C ILE B 168 -14.95 35.40 -30.55
N MET B 169 -15.89 34.87 -29.77
CA MET B 169 -17.32 35.05 -30.01
C MET B 169 -17.92 35.88 -28.89
N ILE B 170 -18.87 36.75 -29.25
CA ILE B 170 -19.56 37.56 -28.25
C ILE B 170 -21.06 37.31 -28.36
N PRO B 171 -21.81 37.35 -27.26
CA PRO B 171 -23.27 37.18 -27.35
C PRO B 171 -23.94 38.42 -27.92
N ASN B 172 -24.76 38.22 -28.94
CA ASN B 172 -25.47 39.32 -29.58
C ASN B 172 -26.67 39.73 -28.72
N SER B 173 -26.64 40.96 -28.23
CA SER B 173 -27.72 41.49 -27.40
C SER B 173 -28.80 42.07 -28.27
N ASN B 174 -30.04 41.63 -28.06
CA ASN B 174 -31.18 42.10 -28.84
C ASN B 174 -32.45 41.92 -28.01
N PRO B 175 -33.26 42.97 -27.83
CA PRO B 175 -34.51 42.80 -27.08
C PRO B 175 -35.58 42.04 -27.84
N GLU B 176 -35.49 41.97 -29.17
CA GLU B 176 -36.44 41.20 -29.97
C GLU B 176 -35.94 39.77 -30.12
N HIS B 177 -36.84 38.82 -29.88
CA HIS B 177 -36.50 37.39 -29.93
C HIS B 177 -36.42 36.96 -31.39
N LYS B 178 -35.21 37.07 -31.94
CA LYS B 178 -34.95 36.66 -33.32
C LYS B 178 -33.50 36.20 -33.41
N LEU B 179 -33.04 35.94 -34.63
CA LEU B 179 -31.69 35.47 -34.88
C LEU B 179 -30.97 36.45 -35.79
N MET B 180 -29.78 36.88 -35.38
CA MET B 180 -28.94 37.80 -36.13
C MET B 180 -27.61 37.12 -36.48
N GLN B 181 -26.75 37.85 -37.18
CA GLN B 181 -25.45 37.32 -37.56
C GLN B 181 -24.48 37.38 -36.37
N PRO B 182 -23.60 36.39 -36.23
CA PRO B 182 -22.61 36.45 -35.15
C PRO B 182 -21.50 37.45 -35.45
N LYS B 183 -20.85 37.88 -34.37
CA LYS B 183 -19.77 38.87 -34.46
C LYS B 183 -18.48 38.25 -33.94
N ARG B 184 -17.46 38.22 -34.79
CA ARG B 184 -16.15 37.67 -34.44
C ARG B 184 -15.18 38.83 -34.32
N VAL B 185 -15.07 39.38 -33.12
CA VAL B 185 -14.19 40.52 -32.85
C VAL B 185 -12.75 40.02 -32.77
N ARG B 186 -11.83 40.77 -33.37
CA ARG B 186 -10.42 40.40 -33.40
C ARG B 186 -9.70 41.09 -32.26
N LEU B 187 -9.26 40.32 -31.27
CA LEU B 187 -8.53 40.83 -30.13
C LEU B 187 -7.16 40.15 -30.05
N HIS B 188 -6.22 40.84 -29.41
CA HIS B 188 -4.86 40.33 -29.26
C HIS B 188 -4.61 39.90 -27.82
N VAL B 189 -3.76 38.90 -27.65
CA VAL B 189 -3.43 38.37 -26.34
C VAL B 189 -2.35 39.24 -25.72
N ALA B 190 -2.63 39.78 -24.53
CA ALA B 190 -1.71 40.66 -23.82
C ALA B 190 -1.12 39.98 -22.59
N GLY B 191 -0.86 38.68 -22.68
CA GLY B 191 -0.28 37.95 -21.57
C GLY B 191 -0.99 36.65 -21.26
N ILE B 192 -0.35 35.79 -20.48
CA ILE B 192 -0.92 34.53 -20.05
C ILE B 192 -0.69 34.35 -18.56
N LEU B 193 -1.66 33.73 -17.89
CA LEU B 193 -1.59 33.47 -16.46
C LEU B 193 -1.47 31.96 -16.22
N GLN B 194 -1.05 31.62 -15.01
CA GLN B 194 -0.85 30.22 -14.62
C GLN B 194 -1.40 30.00 -13.22
N LEU B 195 -2.42 29.14 -13.13
CA LEU B 195 -3.00 28.77 -11.84
C LEU B 195 -2.74 27.31 -11.48
N SER B 196 -2.31 26.49 -12.44
CA SER B 196 -2.01 25.06 -12.30
C SER B 196 -3.22 24.30 -11.75
N GLY B 197 -4.31 24.31 -12.52
CA GLY B 197 -5.52 23.63 -12.12
C GLY B 197 -6.60 23.64 -13.18
N GLN B 198 -7.86 23.60 -12.75
CA GLN B 198 -8.98 23.58 -13.68
C GLN B 198 -9.29 24.96 -14.25
N LEU B 199 -8.84 26.03 -13.59
CA LEU B 199 -9.09 27.40 -14.05
C LEU B 199 -7.96 27.91 -14.94
N ASP B 200 -7.63 27.14 -15.97
CA ASP B 200 -6.57 27.52 -16.89
C ASP B 200 -7.06 27.44 -18.33
N HIS B 201 -7.98 26.54 -18.61
CA HIS B 201 -8.54 26.37 -19.94
C HIS B 201 -9.97 26.86 -20.06
N SER B 202 -10.56 27.33 -18.97
CA SER B 202 -11.94 27.85 -18.98
C SER B 202 -12.02 29.13 -18.17
N PHE B 203 -11.04 30.02 -18.35
CA PHE B 203 -11.00 31.27 -17.59
C PHE B 203 -10.39 32.36 -18.45
N ALA B 204 -11.07 33.50 -18.53
CA ALA B 204 -10.58 34.66 -19.25
C ALA B 204 -11.23 35.90 -18.65
N MET B 205 -10.48 37.01 -18.64
CA MET B 205 -10.94 38.25 -18.05
C MET B 205 -10.66 39.42 -18.99
N ILE B 206 -11.65 40.32 -19.10
CA ILE B 206 -11.54 41.52 -19.92
C ILE B 206 -11.79 42.73 -19.03
N PRO B 207 -11.29 43.91 -19.37
CA PRO B 207 -11.64 45.11 -18.59
C PRO B 207 -13.10 45.48 -18.73
N LEU B 208 -13.60 46.22 -17.74
CA LEU B 208 -15.01 46.59 -17.71
C LEU B 208 -15.34 47.66 -18.75
N ALA B 209 -14.36 48.49 -19.11
CA ALA B 209 -14.59 49.53 -20.11
C ALA B 209 -14.72 48.96 -21.51
N ASP B 210 -14.16 47.79 -21.78
CA ASP B 210 -14.26 47.16 -23.09
C ASP B 210 -15.50 46.31 -23.25
N ALA B 211 -16.15 45.91 -22.15
CA ALA B 211 -17.33 45.08 -22.20
C ALA B 211 -18.62 45.88 -22.38
N GLN B 212 -18.58 47.20 -22.20
CA GLN B 212 -19.78 48.01 -22.36
C GLN B 212 -20.12 48.24 -23.83
N GLN B 213 -19.12 48.26 -24.71
CA GLN B 213 -19.35 48.47 -26.13
C GLN B 213 -19.72 47.19 -26.87
N TYR B 214 -19.57 46.02 -26.23
CA TYR B 214 -19.91 44.77 -26.90
C TYR B 214 -21.41 44.51 -26.86
N LEU B 215 -22.07 44.87 -25.77
CA LEU B 215 -23.51 44.71 -25.63
C LEU B 215 -24.30 45.94 -26.05
N ASP B 216 -23.60 46.98 -26.52
CA ASP B 216 -24.18 48.26 -26.97
C ASP B 216 -25.02 48.92 -25.88
N MET B 217 -24.50 48.93 -24.66
CA MET B 217 -25.16 49.54 -23.51
C MET B 217 -24.27 50.63 -22.92
N GLY B 218 -24.75 51.26 -21.86
CA GLY B 218 -24.01 52.31 -21.20
C GLY B 218 -23.38 51.86 -19.89
N SER B 219 -23.98 52.24 -18.77
CA SER B 219 -23.51 51.86 -17.44
C SER B 219 -24.44 50.77 -16.92
N SER B 220 -24.10 49.52 -17.21
CA SER B 220 -24.92 48.38 -16.82
C SER B 220 -24.04 47.15 -16.68
N VAL B 221 -24.21 46.45 -15.55
CA VAL B 221 -23.45 45.23 -15.29
C VAL B 221 -24.41 44.05 -15.27
N SER B 222 -23.86 42.84 -15.13
CA SER B 222 -24.66 41.60 -15.12
C SER B 222 -24.20 40.70 -13.99
N GLY B 223 -24.02 41.26 -12.82
CA GLY B 223 -23.62 40.50 -11.64
C GLY B 223 -22.81 41.35 -10.68
N ILE B 224 -22.93 41.02 -9.40
CA ILE B 224 -22.22 41.70 -8.32
C ILE B 224 -21.44 40.67 -7.53
N ALA B 225 -20.12 40.78 -7.54
CA ALA B 225 -19.25 39.89 -6.79
C ALA B 225 -18.76 40.59 -5.52
N LEU B 226 -18.35 39.78 -4.55
CA LEU B 226 -17.87 40.30 -3.28
C LEU B 226 -16.88 39.30 -2.68
N LYS B 227 -16.40 39.61 -1.48
CA LYS B 227 -15.44 38.78 -0.77
C LYS B 227 -15.80 38.74 0.70
N MET B 228 -15.77 37.56 1.28
CA MET B 228 -16.09 37.36 2.69
C MET B 228 -14.84 37.04 3.49
N THR B 229 -14.81 37.49 4.74
CA THR B 229 -13.69 37.20 5.61
C THR B 229 -13.77 35.78 6.15
N ASP B 230 -14.94 35.39 6.66
CA ASP B 230 -15.17 34.02 7.13
C ASP B 230 -15.59 33.17 5.94
N VAL B 231 -14.66 32.38 5.41
CA VAL B 231 -14.95 31.56 4.23
C VAL B 231 -15.77 30.32 4.56
N PHE B 232 -15.87 29.95 5.85
CA PHE B 232 -16.66 28.79 6.22
C PHE B 232 -18.15 29.08 6.26
N ASN B 233 -18.52 30.32 6.57
CA ASN B 233 -19.94 30.71 6.64
C ASN B 233 -20.40 31.20 5.27
N ALA B 234 -20.57 30.22 4.37
CA ALA B 234 -21.04 30.49 3.01
C ALA B 234 -22.53 30.23 2.84
N ASN B 235 -23.27 30.18 3.94
CA ASN B 235 -24.72 29.98 3.90
C ASN B 235 -25.49 31.12 4.54
N LYS B 236 -25.08 31.56 5.73
CA LYS B 236 -25.83 32.60 6.43
C LYS B 236 -25.48 33.99 5.92
N LEU B 237 -24.21 34.23 5.57
CA LEU B 237 -23.78 35.54 5.13
C LEU B 237 -24.27 35.87 3.71
N VAL B 238 -24.53 34.85 2.90
CA VAL B 238 -24.97 35.09 1.53
C VAL B 238 -26.45 35.49 1.49
N ARG B 239 -27.26 34.94 2.40
CA ARG B 239 -28.68 35.28 2.42
C ARG B 239 -28.93 36.69 2.96
N ASP B 240 -27.99 37.21 3.77
CA ASP B 240 -28.15 38.55 4.30
C ASP B 240 -27.88 39.63 3.26
N ALA B 241 -27.02 39.34 2.28
CA ALA B 241 -26.70 40.30 1.23
C ALA B 241 -27.68 40.28 0.07
N GLY B 242 -28.45 39.20 -0.08
CA GLY B 242 -29.38 39.11 -1.18
C GLY B 242 -30.68 39.85 -0.95
N GLU B 243 -31.06 40.05 0.31
CA GLU B 243 -32.30 40.74 0.63
C GLU B 243 -32.12 42.24 0.84
N VAL B 244 -30.89 42.69 1.09
CA VAL B 244 -30.67 44.11 1.33
C VAL B 244 -30.58 44.89 0.02
N THR B 245 -30.40 44.21 -1.12
CA THR B 245 -30.25 44.87 -2.41
C THR B 245 -31.53 44.82 -3.24
N ASN B 246 -32.10 43.64 -3.44
CA ASN B 246 -33.27 43.48 -4.28
C ASN B 246 -34.10 42.31 -3.75
N SER B 247 -35.01 41.81 -4.58
CA SER B 247 -35.88 40.71 -4.22
C SER B 247 -35.14 39.38 -4.40
N TYR B 248 -35.89 38.27 -4.35
CA TYR B 248 -35.31 36.93 -4.48
C TYR B 248 -34.86 36.70 -5.92
N VAL B 249 -33.55 36.57 -6.12
CA VAL B 249 -32.97 36.32 -7.43
C VAL B 249 -32.18 35.03 -7.38
N TYR B 250 -31.52 34.69 -8.49
CA TYR B 250 -30.67 33.49 -8.56
C TYR B 250 -29.38 33.78 -7.80
N ILE B 251 -29.44 33.57 -6.47
CA ILE B 251 -28.31 33.86 -5.59
C ILE B 251 -27.68 32.54 -5.17
N LYS B 252 -26.36 32.47 -5.24
CA LYS B 252 -25.63 31.26 -4.87
C LYS B 252 -24.27 31.66 -4.30
N SER B 253 -23.46 30.66 -3.97
CA SER B 253 -22.15 30.89 -3.40
C SER B 253 -21.19 29.83 -3.98
N TRP B 254 -20.00 29.74 -3.38
CA TRP B 254 -18.99 28.80 -3.83
C TRP B 254 -19.07 27.46 -3.11
N ILE B 255 -20.00 27.30 -2.16
CA ILE B 255 -20.10 26.05 -1.40
C ILE B 255 -20.78 24.94 -2.20
N GLY B 256 -21.45 25.27 -3.31
CA GLY B 256 -22.10 24.27 -4.13
C GLY B 256 -21.27 23.89 -5.35
N THR B 257 -20.21 24.65 -5.61
CA THR B 257 -19.34 24.41 -6.75
C THR B 257 -17.95 23.92 -6.34
N TYR B 258 -17.27 24.66 -5.46
CA TYR B 258 -15.96 24.26 -4.96
C TYR B 258 -16.04 23.63 -3.57
N GLY B 259 -17.21 23.11 -3.18
CA GLY B 259 -17.33 22.46 -1.90
C GLY B 259 -16.67 21.10 -1.84
N TYR B 260 -16.55 20.43 -2.99
CA TYR B 260 -15.90 19.13 -3.04
C TYR B 260 -14.38 19.24 -3.07
N MET B 261 -13.84 20.41 -3.40
CA MET B 261 -12.39 20.60 -3.37
C MET B 261 -11.89 20.71 -1.94
N TYR B 262 -12.63 21.43 -1.09
CA TYR B 262 -12.32 21.43 0.34
C TYR B 262 -12.69 20.11 1.00
N ARG B 263 -13.64 19.37 0.43
CA ARG B 263 -13.95 18.03 0.88
C ARG B 263 -12.96 17.04 0.27
N ASP B 264 -13.14 15.76 0.63
CA ASP B 264 -12.35 14.62 0.16
C ASP B 264 -10.86 14.74 0.48
N ILE B 265 -10.51 15.52 1.50
CA ILE B 265 -9.15 15.54 2.04
C ILE B 265 -9.24 15.24 3.53
N GLN B 266 -10.39 15.56 4.13
CA GLN B 266 -10.67 15.11 5.49
C GLN B 266 -11.20 13.69 5.53
N MET B 267 -11.72 13.20 4.40
CA MET B 267 -12.06 11.78 4.31
C MET B 267 -10.81 10.91 4.32
N ILE B 268 -9.72 11.41 3.71
CA ILE B 268 -8.45 10.70 3.75
C ILE B 268 -7.87 10.73 5.16
N ARG B 269 -8.15 11.79 5.93
CA ARG B 269 -7.71 11.87 7.32
C ARG B 269 -8.38 10.82 8.22
N ALA B 270 -9.50 10.26 7.80
CA ALA B 270 -10.16 9.18 8.52
C ALA B 270 -9.95 7.81 7.89
N ILE B 271 -9.69 7.74 6.59
CA ILE B 271 -9.53 6.45 5.93
C ILE B 271 -8.14 5.87 6.19
N MET B 272 -7.09 6.64 5.88
CA MET B 272 -5.74 6.10 6.04
C MET B 272 -5.27 6.10 7.48
N TYR B 273 -5.97 6.80 8.39
CA TYR B 273 -5.62 6.73 9.80
C TYR B 273 -6.00 5.37 10.39
N LEU B 274 -7.21 4.89 10.07
CA LEU B 274 -7.60 3.56 10.48
C LEU B 274 -6.93 2.47 9.67
N ALA B 275 -6.43 2.79 8.48
CA ALA B 275 -5.73 1.82 7.65
C ALA B 275 -4.27 1.66 8.05
N MET B 276 -3.67 2.66 8.71
CA MET B 276 -2.27 2.58 9.10
C MET B 276 -2.07 2.12 10.54
N VAL B 277 -3.09 2.23 11.40
CA VAL B 277 -2.97 1.65 12.73
C VAL B 277 -3.10 0.14 12.68
N LEU B 278 -3.69 -0.40 11.61
CA LEU B 278 -3.68 -1.84 11.40
C LEU B 278 -2.30 -2.32 10.95
N VAL B 279 -1.52 -1.44 10.31
CA VAL B 279 -0.16 -1.81 9.93
C VAL B 279 0.73 -1.90 11.15
N ILE B 280 0.57 -0.96 12.09
CA ILE B 280 1.31 -1.04 13.35
C ILE B 280 0.74 -2.15 14.23
N GLY B 281 -0.55 -2.48 14.06
CA GLY B 281 -1.14 -3.56 14.83
C GLY B 281 -0.60 -4.92 14.42
N VAL B 282 -0.35 -5.11 13.12
CA VAL B 282 0.33 -6.32 12.67
C VAL B 282 1.81 -6.27 13.06
N ALA B 283 2.40 -5.07 13.01
CA ALA B 283 3.79 -4.90 13.42
C ALA B 283 3.98 -5.04 14.92
N CYS B 284 2.93 -4.86 15.71
CA CYS B 284 3.01 -5.11 17.14
C CYS B 284 2.95 -6.59 17.49
N PHE B 285 2.61 -7.45 16.53
CA PHE B 285 2.63 -8.90 16.77
C PHE B 285 4.05 -9.44 16.79
N ASN B 286 5.01 -8.75 16.17
CA ASN B 286 6.41 -9.13 16.33
C ASN B 286 6.91 -8.84 17.73
N ILE B 287 6.31 -7.87 18.42
CA ILE B 287 6.64 -7.61 19.81
C ILE B 287 6.06 -8.70 20.71
N VAL B 288 4.92 -9.26 20.33
CA VAL B 288 4.33 -10.34 21.11
C VAL B 288 5.15 -11.62 20.95
N SER B 289 5.69 -11.86 19.75
CA SER B 289 6.45 -13.09 19.51
C SER B 289 7.81 -13.06 20.19
N THR B 290 8.40 -11.88 20.37
CA THR B 290 9.72 -11.77 20.98
C THR B 290 9.67 -11.69 22.50
N LEU B 291 8.48 -11.54 23.09
CA LEU B 291 8.33 -11.59 24.54
C LEU B 291 7.85 -12.94 25.06
N VAL B 292 7.26 -13.78 24.20
CA VAL B 292 6.99 -15.15 24.59
C VAL B 292 8.29 -15.93 24.73
N MET B 293 9.24 -15.69 23.82
CA MET B 293 10.55 -16.32 23.93
C MET B 293 11.34 -15.78 25.10
N ALA B 294 11.20 -14.48 25.42
CA ALA B 294 11.99 -13.83 26.45
C ALA B 294 11.67 -14.35 27.85
N VAL B 295 10.48 -14.92 28.06
CA VAL B 295 10.17 -15.55 29.33
C VAL B 295 10.78 -16.95 29.39
N LYS B 296 10.88 -17.64 28.25
CA LYS B 296 11.29 -19.04 28.24
C LYS B 296 12.79 -19.18 28.43
N ASP B 297 13.59 -18.39 27.72
CA ASP B 297 15.04 -18.54 27.82
C ASP B 297 15.60 -17.93 29.10
N LYS B 298 14.95 -16.90 29.64
CA LYS B 298 15.36 -16.26 30.88
C LYS B 298 14.46 -16.69 32.04
N SER B 299 14.01 -17.95 32.01
CA SER B 299 13.15 -18.45 33.08
C SER B 299 13.91 -18.66 34.38
N GLY B 300 15.21 -18.90 34.31
CA GLY B 300 16.01 -19.00 35.53
C GLY B 300 16.24 -17.66 36.20
N ASP B 301 16.22 -16.57 35.42
CA ASP B 301 16.41 -15.24 35.98
C ASP B 301 15.19 -14.76 36.75
N ILE B 302 13.99 -15.24 36.38
CA ILE B 302 12.79 -14.88 37.12
C ILE B 302 12.76 -15.60 38.47
N ALA B 303 13.34 -16.80 38.53
CA ALA B 303 13.39 -17.57 39.78
C ALA B 303 14.34 -16.94 40.80
N VAL B 304 15.31 -16.16 40.36
CA VAL B 304 16.17 -15.43 41.29
C VAL B 304 15.40 -14.28 41.92
N LEU B 305 14.57 -13.60 41.13
CA LEU B 305 13.81 -12.47 41.64
C LEU B 305 12.69 -12.91 42.59
N ARG B 306 12.15 -14.13 42.39
CA ARG B 306 11.12 -14.62 43.28
C ARG B 306 11.68 -15.04 44.63
N THR B 307 12.97 -15.35 44.71
CA THR B 307 13.60 -15.68 45.98
C THR B 307 14.22 -14.46 46.67
N LEU B 308 14.44 -13.37 45.94
CA LEU B 308 15.04 -12.17 46.49
C LEU B 308 14.01 -11.16 47.00
N GLY B 309 12.73 -11.51 46.97
CA GLY B 309 11.70 -10.65 47.51
C GLY B 309 11.17 -9.61 46.55
N ALA B 310 10.67 -10.06 45.41
CA ALA B 310 10.05 -9.18 44.42
C ALA B 310 8.59 -9.56 44.26
N LYS B 311 7.72 -8.55 44.25
CA LYS B 311 6.29 -8.78 44.12
C LYS B 311 5.92 -9.08 42.67
N ASP B 312 4.65 -9.44 42.46
CA ASP B 312 4.17 -9.74 41.12
C ASP B 312 4.02 -8.50 40.26
N GLY B 313 3.87 -7.33 40.87
CA GLY B 313 3.80 -6.09 40.11
C GLY B 313 5.13 -5.65 39.55
N LEU B 314 6.24 -6.06 40.17
CA LEU B 314 7.56 -5.72 39.66
C LEU B 314 7.92 -6.55 38.43
N ILE B 315 7.53 -7.83 38.42
CA ILE B 315 7.82 -8.70 37.28
C ILE B 315 6.95 -8.32 36.09
N ARG B 316 5.75 -7.80 36.34
CA ARG B 316 4.88 -7.34 35.26
C ARG B 316 5.44 -6.08 34.61
N ALA B 317 6.04 -5.19 35.41
CA ALA B 317 6.60 -3.95 34.88
C ALA B 317 7.93 -4.15 34.19
N ILE B 318 8.56 -5.33 34.33
CA ILE B 318 9.82 -5.60 33.64
C ILE B 318 9.57 -5.82 32.15
N PHE B 319 8.61 -6.67 31.82
CA PHE B 319 8.36 -7.02 30.42
C PHE B 319 7.51 -5.98 29.70
N VAL B 320 6.86 -5.06 30.41
CA VAL B 320 6.15 -3.98 29.75
C VAL B 320 7.14 -2.99 29.15
N TRP B 321 8.12 -2.55 29.94
CA TRP B 321 9.16 -1.66 29.44
C TRP B 321 10.22 -2.38 28.61
N TYR B 322 10.24 -3.72 28.63
CA TYR B 322 11.15 -4.45 27.75
C TYR B 322 10.68 -4.40 26.31
N GLY B 323 9.37 -4.57 26.08
CA GLY B 323 8.82 -4.42 24.75
C GLY B 323 8.71 -2.99 24.28
N LEU B 324 8.64 -2.03 25.21
CA LEU B 324 8.60 -0.63 24.83
C LEU B 324 9.96 -0.12 24.35
N LEU B 325 11.06 -0.70 24.86
CA LEU B 325 12.37 -0.32 24.39
C LEU B 325 12.65 -0.85 22.99
N ALA B 326 12.11 -2.02 22.66
CA ALA B 326 12.20 -2.54 21.30
C ALA B 326 11.27 -1.81 20.34
N GLY B 327 10.21 -1.17 20.86
CA GLY B 327 9.30 -0.41 20.03
C GLY B 327 9.76 1.02 19.84
N LEU B 328 10.49 1.55 20.83
CA LEU B 328 10.99 2.93 20.72
C LEU B 328 12.13 3.02 19.73
N PHE B 329 12.90 1.95 19.55
CA PHE B 329 13.98 1.95 18.57
C PHE B 329 13.42 1.87 17.15
N GLY B 330 12.24 1.31 16.98
CA GLY B 330 11.63 1.19 15.67
C GLY B 330 10.74 2.37 15.32
N SER B 331 10.08 2.95 16.33
CA SER B 331 9.21 4.09 16.07
C SER B 331 10.02 5.37 15.81
N LEU B 332 11.11 5.57 16.57
CA LEU B 332 11.96 6.72 16.36
C LEU B 332 12.79 6.62 15.08
N CYS B 333 13.01 5.39 14.58
CA CYS B 333 13.69 5.21 13.31
C CYS B 333 12.79 5.48 12.11
N GLY B 334 11.47 5.56 12.31
CA GLY B 334 10.55 5.89 11.25
C GLY B 334 10.29 7.38 11.17
N VAL B 335 10.49 8.08 12.29
CA VAL B 335 10.32 9.53 12.32
C VAL B 335 11.49 10.22 11.64
N ILE B 336 12.72 9.75 11.90
CA ILE B 336 13.91 10.39 11.34
C ILE B 336 14.05 10.13 9.85
N ILE B 337 13.38 9.11 9.31
CA ILE B 337 13.35 8.88 7.87
C ILE B 337 12.10 9.44 7.21
N GLY B 338 11.26 10.14 7.97
CA GLY B 338 10.07 10.75 7.42
C GLY B 338 10.22 12.24 7.23
N VAL B 339 11.15 12.85 7.95
CA VAL B 339 11.40 14.28 7.82
C VAL B 339 12.16 14.58 6.53
N VAL B 340 13.11 13.71 6.16
CA VAL B 340 13.90 13.93 4.96
C VAL B 340 13.10 13.66 3.69
N VAL B 341 11.99 12.94 3.79
CA VAL B 341 11.12 12.72 2.63
C VAL B 341 10.05 13.80 2.53
N SER B 342 9.53 14.26 3.67
CA SER B 342 8.48 15.28 3.65
C SER B 342 9.05 16.65 3.27
N LEU B 343 10.23 17.00 3.77
CA LEU B 343 10.83 18.29 3.47
C LEU B 343 11.48 18.33 2.10
N GLN B 344 11.78 17.18 1.50
CA GLN B 344 12.44 17.09 0.20
C GLN B 344 11.63 16.19 -0.74
N LEU B 345 10.32 16.41 -0.78
CA LEU B 345 9.45 15.58 -1.61
C LEU B 345 9.52 15.97 -3.08
N THR B 346 9.85 17.23 -3.38
CA THR B 346 9.92 17.72 -4.76
C THR B 346 11.04 17.12 -5.63
N PRO B 347 12.22 16.76 -5.13
CA PRO B 347 13.12 15.94 -5.96
C PRO B 347 12.81 14.45 -5.94
N ILE B 348 11.85 14.01 -5.13
CA ILE B 348 11.54 12.58 -5.04
C ILE B 348 10.44 12.19 -6.03
N ILE B 349 9.35 12.96 -6.07
CA ILE B 349 8.24 12.64 -6.96
C ILE B 349 8.62 12.91 -8.42
N GLU B 350 9.44 13.93 -8.67
CA GLU B 350 9.87 14.22 -10.03
C GLU B 350 10.90 13.22 -10.54
N TRP B 351 11.53 12.45 -9.65
CA TRP B 351 12.49 11.45 -10.08
C TRP B 351 11.82 10.17 -10.57
N ILE B 352 10.68 9.80 -10.00
CA ILE B 352 9.96 8.61 -10.44
C ILE B 352 9.24 8.86 -11.76
N GLU B 353 8.82 10.11 -12.00
CA GLU B 353 8.10 10.44 -13.23
C GLU B 353 9.00 10.45 -14.46
N LYS B 354 10.32 10.57 -14.27
CA LYS B 354 11.25 10.55 -15.39
C LYS B 354 11.53 9.14 -15.91
N LEU B 355 11.14 8.12 -15.17
CA LEU B 355 11.37 6.73 -15.56
C LEU B 355 10.07 5.95 -15.74
N ILE B 356 8.92 6.62 -15.70
CA ILE B 356 7.64 5.94 -15.86
C ILE B 356 6.87 6.60 -17.01
N GLY B 357 7.36 7.75 -17.46
CA GLY B 357 6.75 8.42 -18.60
C GLY B 357 5.60 9.34 -18.22
N HIS B 358 4.46 8.76 -17.85
CA HIS B 358 3.28 9.53 -17.51
C HIS B 358 3.42 10.08 -16.09
N GLN B 359 3.42 11.41 -15.97
CA GLN B 359 3.56 12.05 -14.67
C GLN B 359 2.27 11.92 -13.87
N PHE B 360 2.42 11.71 -12.56
CA PHE B 360 1.27 11.55 -11.69
C PHE B 360 0.63 12.89 -11.39
N LEU B 361 -0.68 12.84 -11.06
CA LEU B 361 -1.50 13.99 -10.69
C LEU B 361 -1.52 15.06 -11.79
N SER B 362 -2.07 14.67 -12.94
CA SER B 362 -2.19 15.59 -14.07
C SER B 362 -3.22 16.67 -13.76
N SER B 363 -2.87 17.91 -14.08
CA SER B 363 -3.67 19.08 -13.71
C SER B 363 -4.90 19.29 -14.57
N ASP B 364 -5.20 18.37 -15.49
CA ASP B 364 -6.39 18.53 -16.34
C ASP B 364 -7.67 18.18 -15.59
N ILE B 365 -7.61 17.28 -14.61
CA ILE B 365 -8.80 16.82 -13.91
C ILE B 365 -8.60 16.87 -12.40
N TYR B 366 -7.35 17.05 -11.96
CA TYR B 366 -7.02 17.03 -10.55
C TYR B 366 -6.97 18.44 -9.99
N PHE B 367 -6.52 18.56 -8.73
CA PHE B 367 -6.43 19.86 -8.07
C PHE B 367 -5.28 20.67 -8.63
N ILE B 368 -4.05 20.15 -8.50
CA ILE B 368 -2.86 20.81 -9.01
C ILE B 368 -2.01 19.77 -9.76
N ASP B 369 -0.86 20.22 -10.25
CA ASP B 369 0.02 19.36 -11.04
C ASP B 369 1.06 18.67 -10.17
N PHE B 370 1.73 19.42 -9.29
CA PHE B 370 2.78 18.87 -8.46
C PHE B 370 2.18 18.27 -7.18
N LEU B 371 3.04 17.64 -6.39
CA LEU B 371 2.63 17.05 -5.11
C LEU B 371 3.28 17.82 -3.97
N PRO B 372 2.54 18.67 -3.25
CA PRO B 372 3.14 19.47 -2.19
C PRO B 372 3.23 18.70 -0.88
N SER B 373 3.92 19.32 0.08
CA SER B 373 4.10 18.72 1.40
C SER B 373 4.37 19.82 2.41
N GLU B 374 3.54 19.91 3.44
CA GLU B 374 3.70 20.88 4.52
C GLU B 374 3.81 20.10 5.82
N LEU B 375 5.04 19.97 6.33
CA LEU B 375 5.29 19.19 7.54
C LEU B 375 4.95 20.03 8.77
N HIS B 376 4.02 19.54 9.57
CA HIS B 376 3.65 20.18 10.83
C HIS B 376 4.14 19.33 12.00
N TRP B 377 4.55 20.01 13.06
CA TRP B 377 5.07 19.33 14.25
C TRP B 377 3.96 18.82 15.17
N LEU B 378 2.70 19.19 14.92
CA LEU B 378 1.60 18.69 15.74
C LEU B 378 1.24 17.26 15.35
N ASP B 379 1.35 16.93 14.06
CA ASP B 379 1.03 15.58 13.61
C ASP B 379 2.12 14.57 13.94
N VAL B 380 3.34 15.03 14.21
CA VAL B 380 4.41 14.13 14.61
C VAL B 380 4.16 13.61 16.03
N PHE B 381 3.63 14.46 16.90
CA PHE B 381 3.32 14.05 18.26
C PHE B 381 2.12 13.11 18.32
N TYR B 382 1.22 13.19 17.34
CA TYR B 382 0.03 12.36 17.36
C TYR B 382 0.34 10.91 17.00
N VAL B 383 1.39 10.69 16.19
CA VAL B 383 1.79 9.33 15.85
C VAL B 383 2.58 8.67 16.98
N LEU B 384 3.38 9.44 17.72
CA LEU B 384 4.22 8.89 18.78
C LEU B 384 3.40 8.37 19.95
N VAL B 385 2.26 9.01 20.24
CA VAL B 385 1.34 8.47 21.24
C VAL B 385 0.59 7.28 20.67
N THR B 386 0.30 7.30 19.37
CA THR B 386 -0.42 6.20 18.74
C THR B 386 0.46 4.97 18.60
N ALA B 387 1.74 5.15 18.26
CA ALA B 387 2.65 4.03 18.10
C ALA B 387 3.04 3.40 19.45
N LEU B 388 2.94 4.15 20.54
CA LEU B 388 3.24 3.61 21.85
C LEU B 388 2.03 3.03 22.56
N LEU B 389 0.82 3.48 22.22
CA LEU B 389 -0.38 2.89 22.79
C LEU B 389 -0.66 1.52 22.20
N LEU B 390 -0.32 1.31 20.92
CA LEU B 390 -0.47 -0.01 20.32
C LEU B 390 0.61 -0.96 20.80
N SER B 391 1.78 -0.44 21.17
CA SER B 391 2.84 -1.28 21.72
C SER B 391 2.63 -1.61 23.19
N LEU B 392 1.83 -0.80 23.91
CA LEU B 392 1.55 -1.09 25.31
C LEU B 392 0.48 -2.16 25.46
N LEU B 393 -0.51 -2.18 24.57
CA LEU B 393 -1.54 -3.21 24.61
C LEU B 393 -1.03 -4.56 24.14
N ALA B 394 -0.01 -4.56 23.26
CA ALA B 394 0.56 -5.80 22.77
C ALA B 394 1.56 -6.41 23.74
N SER B 395 2.14 -5.61 24.63
CA SER B 395 3.13 -6.09 25.58
C SER B 395 2.55 -6.31 26.97
N TRP B 396 1.27 -6.01 27.18
CA TRP B 396 0.67 -6.20 28.49
C TRP B 396 0.31 -7.66 28.74
N TYR B 397 -0.14 -8.36 27.70
CA TYR B 397 -0.56 -9.76 27.82
C TYR B 397 0.61 -10.75 27.98
N PRO B 398 1.78 -10.59 27.30
CA PRO B 398 2.93 -11.41 27.72
C PRO B 398 3.49 -11.04 29.08
N ALA B 399 3.27 -9.81 29.55
CA ALA B 399 3.74 -9.44 30.88
C ALA B 399 2.87 -10.05 31.98
N ARG B 400 1.61 -10.35 31.66
CA ARG B 400 0.73 -11.00 32.64
C ARG B 400 1.07 -12.47 32.81
N ARG B 401 1.53 -13.13 31.74
CA ARG B 401 1.88 -14.54 31.82
C ARG B 401 3.20 -14.77 32.54
N ALA B 402 4.07 -13.76 32.59
CA ALA B 402 5.37 -13.90 33.23
C ALA B 402 5.33 -13.69 34.74
N SER B 403 4.16 -13.42 35.31
CA SER B 403 4.04 -13.21 36.75
C SER B 403 3.34 -14.34 37.48
N ASN B 404 2.52 -15.13 36.79
CA ASN B 404 1.80 -16.25 37.40
C ASN B 404 2.51 -17.58 37.21
N ILE B 405 3.78 -17.55 36.84
CA ILE B 405 4.56 -18.78 36.66
C ILE B 405 4.96 -19.32 38.03
N ASP B 406 5.11 -20.64 38.10
CA ASP B 406 5.48 -21.29 39.35
C ASP B 406 6.99 -21.38 39.43
N PRO B 407 7.64 -20.76 40.43
CA PRO B 407 9.09 -20.89 40.56
C PRO B 407 9.53 -22.18 41.22
N ALA B 408 8.61 -22.99 41.73
CA ALA B 408 8.95 -24.26 42.36
C ALA B 408 9.10 -25.39 41.36
N ARG B 409 8.36 -25.36 40.25
CA ARG B 409 8.48 -26.40 39.24
C ARG B 409 9.72 -26.23 38.37
N VAL B 410 10.33 -25.06 38.38
CA VAL B 410 11.56 -24.81 37.65
C VAL B 410 12.72 -24.93 38.63
N LEU B 411 13.90 -25.23 38.09
CA LEU B 411 15.10 -25.37 38.92
C LEU B 411 15.55 -24.00 39.39
N SER B 412 15.44 -23.75 40.69
CA SER B 412 15.83 -22.47 41.26
C SER B 412 16.96 -22.64 42.28
N LYS C 3 14.65 -19.23 71.47
CA LYS C 3 15.73 -19.38 70.51
C LYS C 3 15.19 -19.94 69.19
N ILE C 4 13.89 -20.22 69.16
CA ILE C 4 13.26 -20.77 67.97
C ILE C 4 12.94 -19.64 67.00
N LEU C 5 13.30 -19.84 65.72
CA LEU C 5 13.06 -18.84 64.68
C LEU C 5 11.77 -19.14 63.93
N LEU C 6 11.63 -20.34 63.38
CA LEU C 6 10.42 -20.76 62.69
C LEU C 6 9.88 -22.02 63.35
N GLN C 7 8.55 -22.15 63.38
CA GLN C 7 7.87 -23.27 64.03
C GLN C 7 7.33 -24.21 62.96
N CYS C 8 7.88 -25.41 62.89
CA CYS C 8 7.48 -26.41 61.92
C CYS C 8 6.65 -27.49 62.60
N ASP C 9 5.54 -27.87 61.98
CA ASP C 9 4.66 -28.91 62.53
C ASP C 9 4.00 -29.65 61.38
N ASN C 10 4.47 -30.87 61.12
CA ASN C 10 3.93 -31.80 60.12
C ASN C 10 3.95 -31.20 58.72
N LEU C 11 5.17 -30.94 58.22
CA LEU C 11 5.36 -30.39 56.88
C LEU C 11 5.50 -31.55 55.90
N CYS C 12 4.36 -32.15 55.55
CA CYS C 12 4.32 -33.27 54.62
C CYS C 12 4.06 -32.71 53.22
N LYS C 13 5.10 -32.67 52.41
CA LYS C 13 5.02 -32.19 51.03
C LYS C 13 5.02 -33.35 50.05
N ARG C 14 4.73 -33.05 48.79
CA ARG C 14 4.67 -34.04 47.74
C ARG C 14 5.51 -33.58 46.55
N TYR C 15 5.67 -34.47 45.59
CA TYR C 15 6.46 -34.19 44.39
C TYR C 15 5.95 -35.07 43.26
N GLN C 16 5.58 -34.44 42.14
CA GLN C 16 5.07 -35.18 40.98
C GLN C 16 6.24 -35.80 40.24
N GLU C 17 6.31 -37.13 40.25
CA GLU C 17 7.38 -37.88 39.58
C GLU C 17 6.72 -38.85 38.60
N GLY C 18 6.49 -38.38 37.38
CA GLY C 18 5.89 -39.19 36.34
C GLY C 18 4.41 -39.43 36.56
N SER C 19 3.65 -38.33 36.71
CA SER C 19 2.20 -38.34 36.98
C SER C 19 1.85 -39.17 38.22
N VAL C 20 2.67 -39.04 39.27
CA VAL C 20 2.48 -39.76 40.52
C VAL C 20 2.84 -38.81 41.65
N GLN C 21 1.84 -38.37 42.42
CA GLN C 21 2.05 -37.46 43.54
C GLN C 21 2.62 -38.27 44.70
N THR C 22 3.95 -38.39 44.73
CA THR C 22 4.64 -39.14 45.77
C THR C 22 5.13 -38.19 46.85
N ASP C 23 4.78 -38.49 48.10
CA ASP C 23 5.17 -37.66 49.24
C ASP C 23 6.65 -37.88 49.55
N VAL C 24 7.44 -36.81 49.48
CA VAL C 24 8.86 -36.91 49.77
C VAL C 24 9.19 -36.56 51.21
N LEU C 25 8.31 -35.86 51.91
CA LEU C 25 8.51 -35.48 53.31
C LEU C 25 7.40 -36.06 54.16
N HIS C 26 7.75 -36.46 55.39
CA HIS C 26 6.80 -37.06 56.32
C HIS C 26 7.09 -36.53 57.71
N ASN C 27 6.20 -35.65 58.21
CA ASN C 27 6.25 -35.07 59.56
C ASN C 27 7.56 -34.32 59.81
N VAL C 28 7.76 -33.26 59.04
CA VAL C 28 8.93 -32.39 59.19
C VAL C 28 8.57 -31.34 60.24
N SER C 29 8.79 -31.68 61.50
CA SER C 29 8.48 -30.83 62.63
C SER C 29 9.72 -30.52 63.46
N PHE C 30 10.82 -30.20 62.78
CA PHE C 30 12.08 -29.86 63.43
C PHE C 30 12.44 -28.42 63.12
N SER C 31 12.82 -27.66 64.16
CA SER C 31 13.12 -26.25 64.03
C SER C 31 14.61 -26.01 64.18
N VAL C 32 15.03 -24.82 63.75
CA VAL C 32 16.41 -24.40 63.86
C VAL C 32 16.62 -23.67 65.19
N GLY C 33 17.88 -23.53 65.58
CA GLY C 33 18.24 -22.83 66.80
C GLY C 33 18.99 -21.54 66.49
N GLU C 34 18.81 -20.54 67.36
CA GLU C 34 19.48 -19.27 67.19
C GLU C 34 20.96 -19.42 67.53
N GLY C 35 21.81 -19.37 66.51
CA GLY C 35 23.23 -19.60 66.67
C GLY C 35 23.67 -21.02 66.40
N GLU C 36 22.78 -21.99 66.54
CA GLU C 36 23.12 -23.39 66.29
C GLU C 36 23.11 -23.66 64.79
N MET C 37 24.23 -24.11 64.26
CA MET C 37 24.35 -24.40 62.84
C MET C 37 23.74 -25.76 62.55
N MET C 38 22.67 -25.78 61.75
CA MET C 38 21.97 -27.02 61.45
C MET C 38 22.69 -27.75 60.32
N ALA C 39 23.15 -28.97 60.60
CA ALA C 39 23.84 -29.80 59.61
C ALA C 39 22.85 -30.86 59.09
N ILE C 40 22.07 -30.47 58.10
CA ILE C 40 21.07 -31.36 57.51
C ILE C 40 21.76 -32.19 56.44
N VAL C 41 22.01 -33.47 56.74
CA VAL C 41 22.67 -34.38 55.81
C VAL C 41 21.57 -35.09 55.02
N GLY C 42 21.17 -34.48 53.91
CA GLY C 42 20.13 -35.01 53.04
C GLY C 42 20.71 -35.32 51.66
N SER C 43 20.32 -36.47 51.13
CA SER C 43 20.77 -36.90 49.82
C SER C 43 19.91 -36.30 48.71
N SER C 44 20.52 -36.11 47.55
CA SER C 44 19.81 -35.54 46.40
C SER C 44 18.84 -36.57 45.82
N GLY C 45 17.55 -36.25 45.85
CA GLY C 45 16.51 -37.14 45.38
C GLY C 45 15.59 -37.65 46.46
N SER C 46 15.94 -37.47 47.73
CA SER C 46 15.12 -37.92 48.84
C SER C 46 14.41 -36.78 49.55
N GLY C 47 14.58 -35.54 49.09
CA GLY C 47 13.93 -34.41 49.70
C GLY C 47 14.88 -33.34 50.19
N LYS C 48 16.09 -33.31 49.63
CA LYS C 48 17.08 -32.31 50.04
C LYS C 48 16.74 -30.94 49.47
N SER C 49 16.39 -30.87 48.18
CA SER C 49 16.06 -29.60 47.55
C SER C 49 14.64 -29.14 47.84
N THR C 50 13.81 -29.99 48.47
CA THR C 50 12.45 -29.58 48.79
C THR C 50 12.42 -28.62 49.97
N LEU C 51 13.33 -28.77 50.93
CA LEU C 51 13.37 -27.88 52.09
C LEU C 51 13.89 -26.49 51.73
N LEU C 52 14.60 -26.35 50.61
CA LEU C 52 15.11 -25.05 50.21
C LEU C 52 14.01 -24.18 49.62
N HIS C 53 12.99 -24.78 49.01
CA HIS C 53 11.90 -24.04 48.40
C HIS C 53 10.69 -23.90 49.31
N LEU C 54 10.53 -24.78 50.30
CA LEU C 54 9.38 -24.72 51.20
C LEU C 54 9.64 -23.86 52.43
N LEU C 55 10.91 -23.64 52.78
CA LEU C 55 11.21 -22.77 53.91
C LEU C 55 11.08 -21.30 53.54
N GLY C 56 11.41 -20.95 52.29
CA GLY C 56 11.29 -19.58 51.82
C GLY C 56 9.86 -19.22 51.45
N GLY C 57 9.10 -20.18 50.94
CA GLY C 57 7.73 -19.94 50.56
C GLY C 57 7.49 -19.94 49.07
N LEU C 58 8.24 -20.75 48.34
CA LEU C 58 8.08 -20.85 46.89
C LEU C 58 6.93 -21.75 46.47
N ASP C 59 6.39 -22.54 47.39
CA ASP C 59 5.29 -23.45 47.08
C ASP C 59 4.43 -23.60 48.33
N THR C 60 3.31 -24.32 48.17
CA THR C 60 2.39 -24.56 49.26
C THR C 60 2.51 -26.00 49.74
N PRO C 61 2.80 -26.23 51.03
CA PRO C 61 2.93 -27.61 51.51
C PRO C 61 1.60 -28.30 51.77
N THR C 62 0.50 -27.53 51.87
CA THR C 62 -0.89 -27.89 52.21
C THR C 62 -1.02 -28.98 53.27
N SER C 63 -0.18 -28.91 54.31
CA SER C 63 -0.23 -29.89 55.39
C SER C 63 -0.23 -29.20 56.75
N GLY C 64 0.32 -27.99 56.80
CA GLY C 64 0.39 -27.26 58.04
C GLY C 64 0.64 -25.78 57.80
N ASP C 65 1.13 -25.12 58.84
CA ASP C 65 1.43 -23.69 58.78
C ASP C 65 2.70 -23.41 59.55
N VAL C 66 3.60 -22.64 58.96
CA VAL C 66 4.89 -22.31 59.55
C VAL C 66 4.84 -20.83 59.95
N ILE C 67 4.77 -20.58 61.25
CA ILE C 67 4.78 -19.22 61.77
C ILE C 67 6.22 -18.82 62.08
N PHE C 68 6.61 -17.61 61.65
CA PHE C 68 7.95 -17.11 61.89
C PHE C 68 7.99 -16.12 63.05
N ASN C 69 7.20 -15.04 62.96
CA ASN C 69 7.12 -14.05 64.02
C ASN C 69 5.68 -13.63 64.25
N GLY C 70 4.75 -14.58 64.10
CA GLY C 70 3.33 -14.32 64.27
C GLY C 70 2.51 -14.44 63.02
N GLN C 71 3.11 -14.54 61.84
CA GLN C 71 2.37 -14.69 60.60
C GLN C 71 2.72 -16.01 59.94
N PRO C 72 1.74 -16.81 59.52
CA PRO C 72 2.05 -18.02 58.77
C PRO C 72 2.41 -17.71 57.33
N MET C 73 3.31 -18.53 56.77
CA MET C 73 3.69 -18.35 55.37
C MET C 73 2.61 -18.85 54.42
N SER C 74 1.83 -19.85 54.83
CA SER C 74 0.77 -20.37 53.99
C SER C 74 -0.49 -19.52 54.05
N LYS C 75 -0.73 -18.84 55.16
CA LYS C 75 -1.93 -18.01 55.28
C LYS C 75 -1.72 -16.63 54.65
N LEU C 76 -0.48 -16.15 54.60
CA LEU C 76 -0.20 -14.85 54.02
C LEU C 76 -0.26 -14.93 52.49
N SER C 77 -0.47 -13.77 51.87
CA SER C 77 -0.56 -13.67 50.42
C SER C 77 0.84 -13.61 49.81
N SER C 78 0.90 -13.52 48.48
CA SER C 78 2.17 -13.44 47.80
C SER C 78 2.85 -12.08 47.98
N ALA C 79 2.05 -11.02 48.16
CA ALA C 79 2.62 -9.70 48.37
C ALA C 79 3.10 -9.51 49.81
N ALA C 80 2.57 -10.28 50.75
CA ALA C 80 2.98 -10.17 52.15
C ALA C 80 4.23 -10.96 52.46
N LYS C 81 4.69 -11.81 51.53
CA LYS C 81 5.89 -12.60 51.74
C LYS C 81 7.11 -12.06 51.03
N ALA C 82 7.00 -10.89 50.40
CA ALA C 82 8.11 -10.33 49.63
C ALA C 82 8.96 -9.34 50.43
N GLU C 83 8.46 -8.84 51.55
CA GLU C 83 9.20 -7.84 52.32
C GLU C 83 10.25 -8.45 53.24
N LEU C 84 10.10 -9.72 53.62
CA LEU C 84 11.02 -10.37 54.55
C LEU C 84 11.97 -11.34 53.86
N ARG C 85 11.87 -11.51 52.55
CA ARG C 85 12.77 -12.42 51.84
C ARG C 85 14.14 -11.82 51.59
N ASN C 86 14.26 -10.49 51.62
CA ASN C 86 15.54 -9.82 51.42
C ASN C 86 16.11 -9.21 52.69
N GLN C 87 15.36 -9.21 53.79
CA GLN C 87 15.80 -8.64 55.06
C GLN C 87 16.26 -9.70 56.05
N LYS C 88 15.44 -10.74 56.27
CA LYS C 88 15.74 -11.78 57.23
C LYS C 88 15.80 -13.17 56.59
N LEU C 89 16.00 -13.23 55.28
CA LEU C 89 16.10 -14.51 54.58
C LEU C 89 17.24 -14.45 53.58
N GLY C 90 17.83 -15.61 53.31
CA GLY C 90 18.92 -15.71 52.35
C GLY C 90 18.87 -17.03 51.63
N PHE C 91 19.40 -17.05 50.41
CA PHE C 91 19.39 -18.24 49.56
C PHE C 91 20.74 -18.40 48.90
N ILE C 92 21.37 -19.56 49.12
CA ILE C 92 22.64 -19.91 48.48
C ILE C 92 22.43 -21.24 47.78
N TYR C 93 22.64 -21.26 46.46
CA TYR C 93 22.47 -22.45 45.65
C TYR C 93 23.81 -22.91 45.10
N GLN C 94 23.78 -23.99 44.32
CA GLN C 94 24.98 -24.58 43.76
C GLN C 94 24.97 -24.69 42.24
N PHE C 95 23.85 -24.40 41.59
CA PHE C 95 23.73 -24.50 40.14
C PHE C 95 23.97 -23.17 39.43
N HIS C 96 24.65 -22.23 40.09
CA HIS C 96 24.98 -20.90 39.56
C HIS C 96 23.72 -20.12 39.16
N HIS C 97 22.89 -19.83 40.16
CA HIS C 97 21.66 -19.10 39.94
C HIS C 97 21.90 -17.59 40.11
N LEU C 98 22.62 -17.03 39.14
CA LEU C 98 22.93 -15.61 39.14
C LEU C 98 22.49 -14.97 37.82
N LEU C 99 22.83 -13.70 37.62
CA LEU C 99 22.48 -12.99 36.41
C LEU C 99 23.75 -12.67 35.63
N PRO C 100 23.93 -13.24 34.43
CA PRO C 100 25.16 -12.98 33.67
C PRO C 100 25.19 -11.64 32.95
N ASP C 101 24.06 -10.93 32.89
CA ASP C 101 23.98 -9.65 32.19
C ASP C 101 24.39 -8.46 33.07
N PHE C 102 24.69 -8.69 34.34
CA PHE C 102 25.08 -7.64 35.27
C PHE C 102 26.56 -7.77 35.61
N THR C 103 27.04 -6.83 36.42
CA THR C 103 28.42 -6.84 36.88
C THR C 103 28.47 -7.34 38.33
N ALA C 104 29.70 -7.65 38.79
CA ALA C 104 29.88 -8.20 40.12
C ALA C 104 29.68 -7.17 41.22
N LEU C 105 29.69 -5.88 40.88
CA LEU C 105 29.42 -4.84 41.88
C LEU C 105 27.95 -4.82 42.26
N GLU C 106 27.06 -5.03 41.28
CA GLU C 106 25.62 -4.95 41.51
C GLU C 106 24.97 -6.31 41.72
N ASN C 107 25.72 -7.42 41.56
CA ASN C 107 25.15 -8.73 41.86
C ASN C 107 25.02 -8.94 43.37
N VAL C 108 25.97 -8.40 44.14
CA VAL C 108 25.88 -8.48 45.60
C VAL C 108 24.96 -7.43 46.18
N ALA C 109 24.53 -6.46 45.38
CA ALA C 109 23.59 -5.43 45.81
C ALA C 109 22.22 -5.60 45.16
N MET C 110 21.92 -6.79 44.65
CA MET C 110 20.64 -7.08 44.01
C MET C 110 19.43 -7.08 44.95
N PRO C 111 19.49 -7.58 46.20
CA PRO C 111 18.37 -7.30 47.12
C PRO C 111 18.30 -5.86 47.59
N LEU C 112 19.39 -5.09 47.47
CA LEU C 112 19.34 -3.69 47.87
C LEU C 112 18.57 -2.83 46.88
N LEU C 113 18.53 -3.24 45.61
CA LEU C 113 17.79 -2.49 44.60
C LEU C 113 16.30 -2.74 44.67
N ILE C 114 15.89 -3.97 45.05
CA ILE C 114 14.48 -4.27 45.16
C ILE C 114 13.89 -3.65 46.42
N GLY C 115 14.68 -3.55 47.49
CA GLY C 115 14.21 -3.02 48.75
C GLY C 115 14.05 -1.51 48.81
N LYS C 116 14.41 -0.81 47.72
CA LYS C 116 14.46 0.66 47.55
C LYS C 116 14.97 1.38 48.80
N LYS C 117 16.20 1.01 49.19
CA LYS C 117 16.85 1.59 50.36
C LYS C 117 17.52 2.91 49.98
N LYS C 118 18.36 3.42 50.87
CA LYS C 118 19.08 4.65 50.61
C LYS C 118 20.17 4.41 49.57
N PRO C 119 20.28 5.24 48.53
CA PRO C 119 21.31 5.02 47.51
C PRO C 119 22.72 5.26 47.99
N ALA C 120 22.91 6.04 49.05
CA ALA C 120 24.24 6.23 49.62
C ALA C 120 24.70 5.03 50.42
N GLU C 121 23.79 4.16 50.86
CA GLU C 121 24.14 2.98 51.63
C GLU C 121 24.39 1.76 50.75
N ILE C 122 23.80 1.72 49.55
CA ILE C 122 24.00 0.60 48.64
C ILE C 122 25.43 0.61 48.08
N ASN C 123 25.95 1.81 47.78
CA ASN C 123 27.30 1.92 47.24
C ASN C 123 28.37 1.63 48.29
N SER C 124 28.05 1.75 49.58
CA SER C 124 29.01 1.42 50.62
C SER C 124 28.91 -0.02 51.09
N ARG C 125 27.73 -0.63 51.00
CA ARG C 125 27.56 -2.02 51.43
C ARG C 125 28.15 -3.00 50.43
N ALA C 126 28.14 -2.66 49.14
CA ALA C 126 28.64 -3.57 48.12
C ALA C 126 30.16 -3.71 48.14
N LEU C 127 30.87 -2.72 48.68
CA LEU C 127 32.33 -2.80 48.76
C LEU C 127 32.81 -3.49 50.03
N GLU C 128 32.08 -3.36 51.13
CA GLU C 128 32.48 -4.03 52.37
C GLU C 128 32.17 -5.51 52.37
N MET C 129 31.30 -5.98 51.46
CA MET C 129 31.02 -7.39 51.35
C MET C 129 31.98 -8.11 50.41
N LEU C 130 32.67 -7.37 49.54
CA LEU C 130 33.66 -8.00 48.66
C LEU C 130 34.93 -8.38 49.41
N LYS C 131 35.25 -7.67 50.49
CA LYS C 131 36.42 -8.01 51.28
C LYS C 131 36.20 -9.26 52.12
N ALA C 132 34.94 -9.55 52.47
CA ALA C 132 34.63 -10.75 53.23
C ALA C 132 34.71 -12.01 52.36
N VAL C 133 34.16 -11.94 51.14
CA VAL C 133 34.21 -13.08 50.24
C VAL C 133 35.61 -13.21 49.64
N GLY C 134 36.17 -12.12 49.14
CA GLY C 134 37.50 -12.14 48.56
C GLY C 134 37.52 -11.62 47.14
N LEU C 135 36.44 -10.97 46.71
CA LEU C 135 36.34 -10.43 45.36
C LEU C 135 36.74 -8.95 45.35
N ASP C 136 37.98 -8.69 45.78
CA ASP C 136 38.49 -7.33 45.79
C ASP C 136 38.91 -6.88 44.40
N HIS C 137 39.55 -7.76 43.62
CA HIS C 137 39.97 -7.40 42.28
C HIS C 137 38.84 -7.51 41.27
N ARG C 138 37.88 -8.41 41.50
CA ARG C 138 36.76 -8.62 40.58
C ARG C 138 35.55 -7.81 41.02
N ALA C 139 35.72 -6.48 41.00
CA ALA C 139 34.62 -5.59 41.36
C ALA C 139 33.69 -5.36 40.17
N ASN C 140 34.21 -4.78 39.09
CA ASN C 140 33.45 -4.56 37.88
C ASN C 140 33.82 -5.65 36.87
N HIS C 141 33.28 -6.85 37.09
CA HIS C 141 33.57 -7.99 36.25
C HIS C 141 32.29 -8.78 36.00
N ARG C 142 32.18 -9.33 34.79
CA ARG C 142 31.04 -10.14 34.43
C ARG C 142 31.19 -11.56 34.98
N PRO C 143 30.10 -12.21 35.39
CA PRO C 143 30.20 -13.58 35.91
C PRO C 143 30.42 -14.64 34.84
N SER C 144 30.32 -14.28 33.55
CA SER C 144 30.50 -15.27 32.50
C SER C 144 31.98 -15.62 32.31
N GLU C 145 32.88 -14.68 32.60
CA GLU C 145 34.31 -14.92 32.44
C GLU C 145 34.99 -15.36 33.73
N LEU C 146 34.25 -15.48 34.82
CA LEU C 146 34.84 -15.91 36.08
C LEU C 146 35.00 -17.43 36.14
N SER C 147 35.76 -17.89 37.11
CA SER C 147 36.02 -19.30 37.29
C SER C 147 34.92 -19.92 38.16
N GLY C 148 35.10 -21.19 38.55
CA GLY C 148 34.13 -21.87 39.37
C GLY C 148 34.14 -21.43 40.81
N GLY C 149 35.33 -21.15 41.35
CA GLY C 149 35.42 -20.69 42.71
C GLY C 149 35.04 -19.23 42.90
N GLU C 150 35.25 -18.41 41.87
CA GLU C 150 34.90 -17.00 41.97
C GLU C 150 33.40 -16.78 41.85
N ARG C 151 32.69 -17.61 41.08
CA ARG C 151 31.26 -17.44 40.92
C ARG C 151 30.50 -17.89 42.17
N GLN C 152 31.08 -18.80 42.96
CA GLN C 152 30.43 -19.25 44.18
C GLN C 152 30.55 -18.21 45.30
N ARG C 153 31.55 -17.34 45.24
CA ARG C 153 31.73 -16.32 46.26
C ARG C 153 30.74 -15.17 46.12
N VAL C 154 30.13 -15.01 44.95
CA VAL C 154 29.14 -13.95 44.76
C VAL C 154 27.83 -14.32 45.44
N ALA C 155 27.50 -15.62 45.46
CA ALA C 155 26.26 -16.06 46.08
C ALA C 155 26.30 -16.00 47.60
N ILE C 156 27.49 -15.93 48.20
CA ILE C 156 27.59 -15.79 49.65
C ILE C 156 27.20 -14.39 50.09
N ALA C 157 27.71 -13.37 49.38
CA ALA C 157 27.37 -11.99 49.69
C ALA C 157 25.99 -11.60 49.18
N ARG C 158 25.41 -12.39 48.26
CA ARG C 158 24.08 -12.08 47.74
C ARG C 158 22.99 -12.42 48.76
N ALA C 159 23.16 -13.50 49.52
CA ALA C 159 22.16 -13.90 50.50
C ALA C 159 22.17 -12.99 51.71
N LEU C 160 23.33 -12.83 52.35
CA LEU C 160 23.46 -12.00 53.55
C LEU C 160 23.65 -10.56 53.08
N VAL C 161 22.57 -9.77 53.16
CA VAL C 161 22.56 -8.37 52.73
C VAL C 161 22.12 -7.45 53.86
N ASN C 162 21.04 -7.80 54.56
CA ASN C 162 20.54 -7.02 55.68
C ASN C 162 20.57 -7.82 56.97
N ASN C 163 21.64 -8.61 57.16
CA ASN C 163 21.91 -9.48 58.30
C ASN C 163 20.75 -10.43 58.60
N PRO C 164 20.55 -11.48 57.80
CA PRO C 164 19.42 -12.37 58.03
C PRO C 164 19.63 -13.27 59.23
N ARG C 165 18.52 -13.73 59.80
CA ARG C 165 18.59 -14.61 60.96
C ARG C 165 19.04 -16.01 60.57
N LEU C 166 18.49 -16.55 59.48
CA LEU C 166 18.87 -17.85 58.96
C LEU C 166 19.13 -17.75 57.47
N VAL C 167 20.09 -18.53 56.98
CA VAL C 167 20.48 -18.52 55.58
C VAL C 167 20.25 -19.93 55.03
N LEU C 168 19.40 -20.03 54.01
CA LEU C 168 19.11 -21.31 53.36
C LEU C 168 20.20 -21.57 52.33
N ALA C 169 21.25 -22.26 52.76
CA ALA C 169 22.40 -22.56 51.91
C ALA C 169 22.30 -24.00 51.42
N ASP C 170 22.42 -24.18 50.10
CA ASP C 170 22.35 -25.49 49.46
C ASP C 170 23.73 -25.78 48.87
N GLU C 171 24.58 -26.44 49.66
CA GLU C 171 25.93 -26.91 49.31
C GLU C 171 26.82 -25.80 48.77
N PRO C 172 27.31 -24.88 49.62
CA PRO C 172 28.22 -23.84 49.11
C PRO C 172 29.59 -24.36 48.73
N THR C 173 30.02 -25.49 49.29
CA THR C 173 31.30 -26.10 48.97
C THR C 173 31.09 -27.31 48.08
N GLY C 174 31.93 -27.45 47.06
CA GLY C 174 31.80 -28.55 46.11
C GLY C 174 32.10 -28.12 44.69
N ASN C 175 31.93 -26.84 44.40
CA ASN C 175 32.25 -26.29 43.09
C ASN C 175 33.57 -25.54 43.09
N LEU C 176 34.32 -25.59 44.19
CA LEU C 176 35.60 -24.91 44.29
C LEU C 176 36.65 -25.83 44.89
N ASP C 177 37.83 -25.29 45.23
CA ASP C 177 38.91 -26.06 45.79
C ASP C 177 38.76 -26.14 47.31
N ALA C 178 39.77 -26.66 47.99
CA ALA C 178 39.74 -26.81 49.44
C ALA C 178 40.33 -25.61 50.18
N ARG C 179 40.90 -24.64 49.45
CA ARG C 179 41.47 -23.47 50.11
C ARG C 179 40.38 -22.52 50.59
N ASN C 180 39.35 -22.30 49.77
CA ASN C 180 38.25 -21.42 50.12
C ASN C 180 37.09 -22.16 50.78
N ALA C 181 37.34 -23.35 51.33
CA ALA C 181 36.27 -24.10 52.00
C ALA C 181 36.07 -23.61 53.43
N ASP C 182 37.15 -23.51 54.20
CA ASP C 182 37.03 -23.07 55.59
C ASP C 182 36.89 -21.55 55.72
N SER C 183 37.48 -20.79 54.79
CA SER C 183 37.41 -19.34 54.87
C SER C 183 36.03 -18.81 54.47
N ILE C 184 35.27 -19.59 53.69
CA ILE C 184 33.90 -19.19 53.39
C ILE C 184 33.00 -19.41 54.61
N PHE C 185 33.31 -20.41 55.42
CA PHE C 185 32.56 -20.67 56.65
C PHE C 185 33.10 -19.89 57.84
N GLN C 186 34.33 -19.38 57.75
CA GLN C 186 34.87 -18.56 58.83
C GLN C 186 34.24 -17.17 58.81
N LEU C 187 34.11 -16.58 57.63
CA LEU C 187 33.44 -15.29 57.52
C LEU C 187 31.94 -15.42 57.70
N LEU C 188 31.37 -16.57 57.34
CA LEU C 188 29.96 -16.81 57.63
C LEU C 188 29.74 -17.03 59.12
N GLY C 189 30.69 -17.69 59.79
CA GLY C 189 30.64 -17.86 61.22
C GLY C 189 31.05 -16.64 62.03
N GLU C 190 31.58 -15.61 61.37
CA GLU C 190 31.98 -14.40 62.09
C GLU C 190 30.78 -13.60 62.55
N LEU C 191 29.68 -13.62 61.79
CA LEU C 191 28.48 -12.90 62.19
C LEU C 191 27.67 -13.62 63.26
N ASN C 192 27.99 -14.89 63.56
CA ASN C 192 27.31 -15.58 64.64
C ASN C 192 27.72 -15.08 66.02
N ARG C 193 28.92 -14.49 66.14
CA ARG C 193 29.38 -13.93 67.40
C ARG C 193 29.20 -12.42 67.50
N LEU C 194 28.72 -11.78 66.43
CA LEU C 194 28.50 -10.33 66.44
C LEU C 194 27.08 -9.99 66.88
N GLN C 195 26.08 -10.49 66.15
CA GLN C 195 24.68 -10.24 66.48
C GLN C 195 23.91 -11.50 66.84
N GLY C 196 24.46 -12.69 66.62
CA GLY C 196 23.78 -13.92 66.99
C GLY C 196 22.83 -14.43 65.93
N THR C 197 23.34 -14.65 64.71
CA THR C 197 22.54 -15.20 63.63
C THR C 197 22.86 -16.69 63.47
N ALA C 198 22.27 -17.29 62.43
CA ALA C 198 22.47 -18.71 62.15
C ALA C 198 22.37 -18.93 60.65
N PHE C 199 22.57 -20.18 60.24
CA PHE C 199 22.47 -20.56 58.83
C PHE C 199 22.18 -22.06 58.75
N LEU C 200 21.48 -22.45 57.69
CA LEU C 200 21.16 -23.85 57.44
C LEU C 200 21.90 -24.29 56.19
N VAL C 201 22.69 -25.35 56.32
CA VAL C 201 23.49 -25.90 55.22
C VAL C 201 23.03 -27.33 54.95
N VAL C 202 22.91 -27.67 53.67
CA VAL C 202 22.51 -29.01 53.24
C VAL C 202 23.72 -29.65 52.58
N THR C 203 24.23 -30.72 53.19
CA THR C 203 25.39 -31.44 52.71
C THR C 203 25.02 -32.88 52.39
N HIS C 204 25.79 -33.49 51.50
CA HIS C 204 25.58 -34.88 51.13
C HIS C 204 26.43 -35.86 51.93
N ASP C 205 27.66 -35.50 52.27
CA ASP C 205 28.55 -36.37 53.04
C ASP C 205 28.64 -35.89 54.49
N LEU C 206 29.25 -36.73 55.31
CA LEU C 206 29.42 -36.45 56.74
C LEU C 206 30.73 -35.75 57.06
N GLN C 207 31.54 -35.43 56.05
CA GLN C 207 32.82 -34.75 56.30
C GLN C 207 32.62 -33.31 56.73
N LEU C 208 31.70 -32.60 56.07
CA LEU C 208 31.39 -31.22 56.44
C LEU C 208 30.37 -31.13 57.56
N ALA C 209 29.84 -32.25 58.04
CA ALA C 209 28.79 -32.23 59.04
C ALA C 209 29.31 -31.95 60.45
N LYS C 210 30.55 -32.33 60.75
CA LYS C 210 31.08 -32.10 62.10
C LYS C 210 31.56 -30.67 62.32
N ARG C 211 31.68 -29.88 61.25
CA ARG C 211 32.05 -28.47 61.42
C ARG C 211 30.92 -27.67 62.02
N MET C 212 29.68 -28.03 61.71
CA MET C 212 28.53 -27.35 62.29
C MET C 212 28.33 -27.77 63.74
N SER C 213 27.61 -26.94 64.49
CA SER C 213 27.36 -27.22 65.90
C SER C 213 26.31 -28.30 66.08
N ARG C 214 25.10 -28.06 65.58
CA ARG C 214 24.03 -29.03 65.71
C ARG C 214 24.14 -30.12 64.64
N GLN C 215 23.50 -31.25 64.90
CA GLN C 215 23.51 -32.39 64.00
C GLN C 215 22.10 -32.98 63.94
N LEU C 216 21.40 -32.72 62.85
CA LEU C 216 20.04 -33.24 62.63
C LEU C 216 20.01 -33.93 61.27
N GLU C 217 20.03 -35.25 61.27
CA GLU C 217 19.99 -36.00 60.02
C GLU C 217 18.59 -36.03 59.44
N MET C 218 18.52 -36.21 58.13
CA MET C 218 17.27 -36.19 57.36
C MET C 218 17.02 -37.56 56.78
N ARG C 219 16.16 -38.35 57.44
CA ARG C 219 15.90 -39.70 56.96
C ARG C 219 14.87 -39.71 55.82
N ASP C 220 13.66 -39.21 56.07
CA ASP C 220 12.61 -39.13 55.05
C ASP C 220 11.80 -37.85 55.27
N GLY C 221 12.46 -36.77 55.68
CA GLY C 221 11.81 -35.51 56.02
C GLY C 221 11.98 -35.12 57.48
N ARG C 222 12.15 -36.10 58.36
CA ARG C 222 12.33 -35.85 59.78
C ARG C 222 13.76 -35.34 60.01
N LEU C 223 13.93 -34.04 59.91
CA LEU C 223 15.26 -33.42 60.09
C LEU C 223 15.62 -33.32 61.57
N LYS D 3 34.16 -60.63 8.36
CA LYS D 3 33.73 -60.09 9.65
C LYS D 3 33.95 -58.58 9.73
N ILE D 4 34.65 -58.04 8.74
CA ILE D 4 34.92 -56.61 8.70
C ILE D 4 33.68 -55.88 8.18
N LEU D 5 33.28 -54.82 8.88
CA LEU D 5 32.15 -54.01 8.49
C LEU D 5 32.53 -52.57 8.21
N LEU D 6 33.23 -51.93 9.15
CA LEU D 6 33.65 -50.54 9.00
C LEU D 6 35.14 -50.51 8.66
N GLN D 7 35.47 -50.13 7.43
CA GLN D 7 36.86 -50.02 6.99
C GLN D 7 37.37 -48.63 7.35
N CYS D 8 37.67 -48.46 8.63
CA CYS D 8 38.11 -47.17 9.16
C CYS D 8 39.61 -47.03 9.00
N ASP D 9 40.04 -46.03 8.23
CA ASP D 9 41.45 -45.73 8.03
C ASP D 9 41.88 -44.69 9.07
N ASN D 10 43.05 -44.08 8.86
CA ASN D 10 43.57 -43.07 9.78
C ASN D 10 42.73 -41.80 9.70
N LEU D 11 42.08 -41.46 10.81
CA LEU D 11 41.20 -40.30 10.88
C LEU D 11 42.00 -39.08 11.30
N CYS D 12 41.81 -37.97 10.58
CA CYS D 12 42.52 -36.72 10.81
C CYS D 12 41.54 -35.55 10.86
N LYS D 13 40.47 -35.70 11.64
CA LYS D 13 39.47 -34.66 11.76
C LYS D 13 40.01 -33.50 12.59
N ARG D 14 40.13 -32.33 11.97
CA ARG D 14 40.58 -31.11 12.64
C ARG D 14 39.35 -30.26 12.94
N TYR D 15 38.90 -30.31 14.20
CA TYR D 15 37.72 -29.57 14.61
C TYR D 15 38.06 -28.10 14.81
N GLN D 16 37.32 -27.23 14.10
CA GLN D 16 37.54 -25.78 14.18
C GLN D 16 36.93 -25.27 15.48
N GLU D 17 37.76 -25.22 16.53
CA GLU D 17 37.33 -24.76 17.85
C GLU D 17 37.87 -23.34 18.05
N GLY D 18 37.01 -22.36 17.80
CA GLY D 18 37.41 -20.97 17.96
C GLY D 18 38.06 -20.35 16.75
N SER D 19 37.57 -20.67 15.55
CA SER D 19 38.05 -20.15 14.25
C SER D 19 39.53 -20.44 14.03
N VAL D 20 40.01 -21.58 14.51
CA VAL D 20 41.40 -22.00 14.32
C VAL D 20 41.41 -23.51 14.08
N GLN D 21 42.18 -23.94 13.07
CA GLN D 21 42.28 -25.35 12.72
C GLN D 21 43.30 -26.02 13.64
N THR D 22 42.83 -26.77 14.62
CA THR D 22 43.67 -27.50 15.55
C THR D 22 43.42 -28.99 15.42
N ASP D 23 44.43 -29.78 15.78
CA ASP D 23 44.36 -31.23 15.68
C ASP D 23 43.93 -31.81 17.03
N VAL D 24 42.66 -32.20 17.13
CA VAL D 24 42.14 -32.80 18.35
C VAL D 24 41.73 -34.26 18.14
N LEU D 25 41.20 -34.61 16.97
CA LEU D 25 40.80 -35.98 16.66
C LEU D 25 41.78 -36.52 15.63
N HIS D 26 42.75 -37.32 16.09
CA HIS D 26 43.78 -37.87 15.23
C HIS D 26 44.02 -39.33 15.58
N ASN D 27 44.34 -40.12 14.55
CA ASN D 27 44.70 -41.54 14.66
C ASN D 27 43.58 -42.36 15.29
N VAL D 28 42.41 -42.33 14.65
CA VAL D 28 41.25 -43.10 15.07
C VAL D 28 40.97 -44.13 13.98
N SER D 29 41.21 -45.40 14.27
CA SER D 29 41.00 -46.47 13.31
C SER D 29 40.66 -47.74 14.06
N PHE D 30 39.44 -48.24 13.87
CA PHE D 30 39.00 -49.46 14.52
C PHE D 30 37.99 -50.18 13.63
N SER D 31 38.00 -51.51 13.69
CA SER D 31 37.12 -52.35 12.90
C SER D 31 36.27 -53.19 13.84
N VAL D 32 34.94 -53.13 13.66
CA VAL D 32 34.01 -53.87 14.49
C VAL D 32 33.36 -54.98 13.66
N GLY D 33 32.65 -55.86 14.35
CA GLY D 33 31.94 -56.95 13.71
C GLY D 33 30.80 -57.41 14.57
N GLU D 34 30.03 -58.35 14.04
CA GLU D 34 28.88 -58.90 14.77
C GLU D 34 29.37 -59.85 15.88
N GLY D 35 28.58 -59.91 16.94
CA GLY D 35 28.89 -60.74 18.10
C GLY D 35 29.70 -60.06 19.19
N GLU D 36 30.69 -59.25 18.80
CA GLU D 36 31.55 -58.55 19.74
C GLU D 36 31.16 -57.08 19.78
N MET D 37 31.15 -56.51 20.99
CA MET D 37 30.76 -55.13 21.23
C MET D 37 31.95 -54.38 21.84
N MET D 38 32.47 -53.40 21.10
CA MET D 38 33.57 -52.59 21.59
C MET D 38 33.04 -51.42 22.41
N ALA D 39 33.62 -51.23 23.59
CA ALA D 39 33.23 -50.15 24.50
C ALA D 39 34.36 -49.13 24.54
N ILE D 40 34.27 -48.14 23.66
CA ILE D 40 35.28 -47.08 23.60
C ILE D 40 34.94 -46.02 24.65
N VAL D 41 35.86 -45.81 25.59
CA VAL D 41 35.64 -44.85 26.67
C VAL D 41 36.64 -43.71 26.55
N GLY D 42 36.52 -42.72 27.43
CA GLY D 42 37.43 -41.59 27.41
C GLY D 42 36.97 -40.54 28.41
N SER D 43 37.67 -39.41 28.38
CA SER D 43 37.35 -38.29 29.24
C SER D 43 36.37 -37.34 28.56
N SER D 44 35.74 -36.49 29.37
CA SER D 44 34.77 -35.52 28.87
C SER D 44 35.53 -34.39 28.16
N GLY D 45 35.57 -34.45 26.84
CA GLY D 45 36.27 -33.46 26.04
C GLY D 45 37.41 -34.02 25.19
N SER D 46 37.74 -35.32 25.31
CA SER D 46 38.83 -35.87 24.53
C SER D 46 38.44 -36.13 23.08
N GLY D 47 37.15 -36.39 22.82
CA GLY D 47 36.70 -36.64 21.46
C GLY D 47 35.72 -37.80 21.36
N LYS D 48 35.38 -38.41 22.50
CA LYS D 48 34.46 -39.54 22.51
C LYS D 48 33.01 -39.12 22.29
N SER D 49 32.69 -37.83 22.45
CA SER D 49 31.33 -37.35 22.23
C SER D 49 31.09 -36.93 20.79
N THR D 50 32.12 -36.44 20.10
CA THR D 50 31.98 -36.01 18.71
C THR D 50 32.23 -37.14 17.72
N LEU D 51 32.65 -38.32 18.18
CA LEU D 51 32.85 -39.46 17.30
C LEU D 51 31.55 -40.14 16.90
N LEU D 52 30.44 -39.82 17.57
CA LEU D 52 29.16 -40.43 17.23
C LEU D 52 28.56 -39.85 15.95
N HIS D 53 28.99 -38.66 15.55
CA HIS D 53 28.52 -38.04 14.31
C HIS D 53 29.46 -38.25 13.13
N LEU D 54 30.70 -38.65 13.38
CA LEU D 54 31.66 -38.85 12.29
C LEU D 54 31.40 -40.16 11.55
N LEU D 55 31.44 -41.28 12.27
CA LEU D 55 31.18 -42.58 11.65
C LEU D 55 29.70 -42.87 11.49
N GLY D 56 28.81 -42.03 12.03
CA GLY D 56 27.39 -42.23 11.88
C GLY D 56 26.80 -41.75 10.57
N GLY D 57 27.60 -41.09 9.73
CA GLY D 57 27.13 -40.60 8.46
C GLY D 57 26.59 -39.19 8.47
N LEU D 58 26.69 -38.48 9.60
CA LEU D 58 26.16 -37.12 9.66
C LEU D 58 27.13 -36.11 9.06
N ASP D 59 28.43 -36.30 9.26
CA ASP D 59 29.43 -35.38 8.74
C ASP D 59 30.69 -36.15 8.42
N THR D 60 31.36 -35.73 7.33
CA THR D 60 32.61 -36.34 6.94
C THR D 60 33.80 -35.48 7.40
N PRO D 61 34.94 -36.09 7.72
CA PRO D 61 36.13 -35.30 8.08
C PRO D 61 37.04 -34.96 6.91
N THR D 62 36.72 -35.46 5.70
CA THR D 62 37.47 -35.26 4.45
C THR D 62 38.93 -35.76 4.56
N SER D 63 39.18 -36.67 5.50
CA SER D 63 40.48 -37.34 5.61
C SER D 63 40.40 -38.84 5.84
N GLY D 64 39.29 -39.35 6.40
CA GLY D 64 39.11 -40.77 6.59
C GLY D 64 37.82 -41.26 5.98
N ASP D 65 37.91 -42.11 4.98
CA ASP D 65 36.74 -42.61 4.25
C ASP D 65 36.41 -44.01 4.78
N VAL D 66 35.24 -44.13 5.42
CA VAL D 66 34.76 -45.43 5.88
C VAL D 66 33.85 -46.03 4.80
N ILE D 67 34.01 -47.32 4.56
CA ILE D 67 33.25 -48.03 3.52
C ILE D 67 32.42 -49.12 4.18
N PHE D 68 31.17 -48.80 4.55
CA PHE D 68 30.35 -49.79 5.25
C PHE D 68 29.66 -50.73 4.27
N ASN D 69 28.73 -50.21 3.48
CA ASN D 69 28.02 -51.02 2.49
C ASN D 69 28.59 -50.81 1.09
N GLY D 70 29.90 -51.02 0.94
CA GLY D 70 30.56 -50.91 -0.35
C GLY D 70 30.58 -49.52 -0.97
N GLN D 71 30.30 -48.48 -0.19
CA GLN D 71 30.20 -47.12 -0.71
C GLN D 71 31.14 -46.19 0.07
N PRO D 72 31.80 -45.26 -0.60
CA PRO D 72 32.63 -44.28 0.13
C PRO D 72 31.77 -43.24 0.82
N MET D 73 32.10 -42.96 2.09
CA MET D 73 31.33 -42.00 2.87
C MET D 73 31.68 -40.57 2.49
N SER D 74 32.96 -40.28 2.26
CA SER D 74 33.37 -38.93 1.91
C SER D 74 33.01 -38.60 0.45
N LYS D 75 33.08 -39.60 -0.43
CA LYS D 75 32.73 -39.41 -1.84
C LYS D 75 31.28 -39.82 -2.07
N LEU D 76 30.38 -39.06 -1.46
CA LEU D 76 28.95 -39.33 -1.55
C LEU D 76 28.19 -38.02 -1.43
N SER D 77 27.06 -37.95 -2.13
CA SER D 77 26.23 -36.76 -2.10
C SER D 77 25.28 -36.79 -0.90
N SER D 78 24.51 -35.72 -0.74
CA SER D 78 23.57 -35.63 0.38
C SER D 78 22.32 -36.47 0.13
N ALA D 79 21.88 -36.59 -1.11
CA ALA D 79 20.69 -37.38 -1.43
C ALA D 79 20.95 -38.88 -1.37
N ALA D 80 22.19 -39.31 -1.53
CA ALA D 80 22.55 -40.72 -1.48
C ALA D 80 23.00 -41.16 -0.08
N LYS D 81 22.86 -40.30 0.93
CA LYS D 81 23.26 -40.63 2.29
C LYS D 81 22.09 -40.72 3.26
N ALA D 82 20.87 -40.46 2.80
CA ALA D 82 19.69 -40.48 3.66
C ALA D 82 18.98 -41.83 3.64
N GLU D 83 19.59 -42.86 3.07
CA GLU D 83 18.99 -44.20 3.02
C GLU D 83 19.80 -45.23 3.81
N LEU D 84 20.82 -44.80 4.54
CA LEU D 84 21.63 -45.71 5.35
C LEU D 84 21.53 -45.45 6.83
N ARG D 85 21.00 -44.30 7.25
CA ARG D 85 20.85 -43.98 8.66
C ARG D 85 19.54 -44.46 9.25
N ASN D 86 18.62 -44.96 8.43
CA ASN D 86 17.34 -45.47 8.90
C ASN D 86 17.16 -46.97 8.69
N GLN D 87 18.09 -47.63 8.01
CA GLN D 87 18.00 -49.06 7.75
C GLN D 87 18.99 -49.88 8.54
N LYS D 88 20.27 -49.49 8.55
CA LYS D 88 21.32 -50.26 9.19
C LYS D 88 22.11 -49.42 10.18
N LEU D 89 21.48 -48.40 10.78
CA LEU D 89 22.14 -47.53 11.73
C LEU D 89 21.19 -47.15 12.85
N GLY D 90 21.67 -47.24 14.08
CA GLY D 90 20.89 -46.83 15.24
C GLY D 90 21.65 -45.81 16.06
N PHE D 91 20.91 -44.85 16.59
CA PHE D 91 21.49 -43.74 17.35
C PHE D 91 20.79 -43.61 18.69
N ILE D 92 21.55 -43.70 19.78
CA ILE D 92 21.04 -43.54 21.13
C ILE D 92 21.75 -42.35 21.76
N TYR D 93 20.98 -41.42 22.32
CA TYR D 93 21.52 -40.24 22.98
C TYR D 93 21.23 -40.31 24.48
N GLN D 94 21.62 -39.25 25.20
CA GLN D 94 21.50 -39.23 26.64
C GLN D 94 20.89 -37.95 27.19
N PHE D 95 20.66 -36.94 26.37
CA PHE D 95 20.15 -35.65 26.83
C PHE D 95 18.68 -35.44 26.45
N HIS D 96 17.92 -36.54 26.39
CA HIS D 96 16.48 -36.57 26.13
C HIS D 96 16.14 -35.92 24.78
N HIS D 97 16.71 -36.49 23.73
CA HIS D 97 16.50 -35.98 22.37
C HIS D 97 15.22 -36.59 21.79
N LEU D 98 14.10 -36.08 22.27
CA LEU D 98 12.77 -36.50 21.83
C LEU D 98 11.99 -35.28 21.35
N LEU D 99 10.73 -35.52 20.98
CA LEU D 99 9.84 -34.47 20.51
C LEU D 99 8.70 -34.31 21.51
N PRO D 100 8.50 -33.13 22.10
CA PRO D 100 7.42 -32.96 23.09
C PRO D 100 6.04 -32.89 22.49
N ASP D 101 5.90 -32.57 21.19
CA ASP D 101 4.60 -32.47 20.57
C ASP D 101 3.97 -33.82 20.25
N PHE D 102 4.75 -34.89 20.26
CA PHE D 102 4.24 -36.22 19.96
C PHE D 102 3.90 -36.96 21.26
N THR D 103 3.55 -38.23 21.15
CA THR D 103 3.24 -39.07 22.29
C THR D 103 4.34 -40.13 22.46
N ALA D 104 4.13 -41.04 23.40
CA ALA D 104 5.11 -42.10 23.64
C ALA D 104 5.10 -43.14 22.53
N LEU D 105 3.96 -43.34 21.87
CA LEU D 105 3.88 -44.30 20.78
C LEU D 105 4.34 -43.69 19.46
N GLU D 106 4.11 -42.39 19.27
CA GLU D 106 4.50 -41.73 18.04
C GLU D 106 5.98 -41.39 18.01
N ASN D 107 6.66 -41.35 19.16
CA ASN D 107 8.08 -41.05 19.18
C ASN D 107 8.91 -42.25 18.72
N VAL D 108 8.47 -43.46 19.05
CA VAL D 108 9.20 -44.67 18.64
C VAL D 108 8.83 -45.12 17.23
N ALA D 109 7.82 -44.51 16.62
CA ALA D 109 7.42 -44.82 15.26
C ALA D 109 7.91 -43.81 14.24
N MET D 110 8.71 -42.83 14.67
CA MET D 110 9.24 -41.81 13.78
C MET D 110 10.30 -42.32 12.79
N PRO D 111 11.18 -43.28 13.11
CA PRO D 111 11.94 -43.92 12.03
C PRO D 111 11.08 -44.77 11.10
N LEU D 112 9.93 -45.25 11.55
CA LEU D 112 9.05 -46.04 10.69
C LEU D 112 8.29 -45.16 9.70
N LEU D 113 8.05 -43.90 10.04
CA LEU D 113 7.31 -43.00 9.17
C LEU D 113 8.19 -42.29 8.14
N ILE D 114 9.46 -42.07 8.47
CA ILE D 114 10.38 -41.42 7.54
C ILE D 114 10.75 -42.37 6.40
N GLY D 115 11.01 -43.64 6.73
CA GLY D 115 11.41 -44.62 5.74
C GLY D 115 10.31 -45.06 4.79
N LYS D 116 9.05 -44.68 5.05
CA LYS D 116 7.89 -44.96 4.21
C LYS D 116 7.68 -46.46 4.01
N LYS D 117 7.42 -47.15 5.11
CA LYS D 117 7.18 -48.58 5.12
C LYS D 117 5.70 -48.85 4.85
N LYS D 118 5.28 -50.09 5.09
CA LYS D 118 3.88 -50.46 4.92
C LYS D 118 3.04 -49.79 6.00
N PRO D 119 1.88 -49.24 5.65
CA PRO D 119 1.03 -48.56 6.66
C PRO D 119 0.45 -49.52 7.68
N ALA D 120 0.14 -50.76 7.31
CA ALA D 120 -0.35 -51.74 8.27
C ALA D 120 0.78 -52.58 8.87
N GLU D 121 1.84 -51.89 9.32
CA GLU D 121 2.93 -52.55 10.01
C GLU D 121 3.42 -51.80 11.25
N ILE D 122 3.16 -50.50 11.38
CA ILE D 122 3.66 -49.73 12.53
C ILE D 122 2.81 -49.91 13.77
N ASN D 123 1.65 -50.57 13.67
CA ASN D 123 0.80 -50.83 14.81
C ASN D 123 1.16 -52.12 15.53
N SER D 124 2.09 -52.90 14.99
CA SER D 124 2.53 -54.15 15.60
C SER D 124 4.03 -54.20 15.86
N ARG D 125 4.84 -53.63 14.96
CA ARG D 125 6.28 -53.63 15.15
C ARG D 125 6.71 -52.58 16.17
N ALA D 126 6.19 -51.36 16.04
CA ALA D 126 6.52 -50.31 16.99
C ALA D 126 5.80 -50.49 18.32
N LEU D 127 4.71 -51.25 18.35
CA LEU D 127 4.01 -51.50 19.61
C LEU D 127 4.76 -52.53 20.46
N GLU D 128 5.30 -53.57 19.84
CA GLU D 128 6.02 -54.60 20.57
C GLU D 128 7.44 -54.16 20.94
N MET D 129 7.95 -53.07 20.37
CA MET D 129 9.29 -52.62 20.71
C MET D 129 9.29 -51.78 21.98
N LEU D 130 8.27 -50.93 22.15
CA LEU D 130 8.18 -50.12 23.36
C LEU D 130 7.57 -50.88 24.53
N LYS D 131 6.94 -52.02 24.28
CA LYS D 131 6.35 -52.83 25.34
C LYS D 131 7.33 -53.79 25.98
N ALA D 132 8.37 -54.20 25.24
CA ALA D 132 9.37 -55.12 25.77
C ALA D 132 10.32 -54.44 26.75
N VAL D 133 10.47 -53.12 26.67
CA VAL D 133 11.34 -52.41 27.60
C VAL D 133 10.67 -52.27 28.97
N GLY D 134 9.35 -52.06 28.98
CA GLY D 134 8.63 -51.90 30.22
C GLY D 134 7.61 -50.78 30.18
N LEU D 135 7.45 -50.16 29.02
CA LEU D 135 6.49 -49.07 28.84
C LEU D 135 5.21 -49.66 28.24
N ASP D 136 4.38 -50.22 29.13
CA ASP D 136 3.15 -50.88 28.73
C ASP D 136 1.92 -49.98 28.88
N HIS D 137 1.70 -49.43 30.08
CA HIS D 137 0.52 -48.62 30.32
C HIS D 137 0.67 -47.19 29.83
N ARG D 138 1.88 -46.73 29.55
CA ARG D 138 2.11 -45.39 29.04
C ARG D 138 2.23 -45.42 27.53
N ALA D 139 1.10 -45.72 26.89
CA ALA D 139 1.07 -45.77 25.42
C ALA D 139 0.91 -44.38 24.82
N ASN D 140 -0.21 -43.73 25.10
CA ASN D 140 -0.46 -42.36 24.64
C ASN D 140 -0.18 -41.39 25.78
N HIS D 141 1.11 -41.17 26.03
CA HIS D 141 1.57 -40.29 27.10
C HIS D 141 2.53 -39.25 26.54
N ARG D 142 2.37 -38.02 26.99
CA ARG D 142 3.24 -36.92 26.57
C ARG D 142 4.60 -37.04 27.27
N PRO D 143 5.69 -36.68 26.60
CA PRO D 143 7.02 -36.77 27.24
C PRO D 143 7.28 -35.67 28.27
N SER D 144 6.43 -34.64 28.33
CA SER D 144 6.66 -33.54 29.28
C SER D 144 6.29 -33.94 30.70
N GLU D 145 5.38 -34.90 30.87
CA GLU D 145 4.91 -35.32 32.18
C GLU D 145 5.61 -36.59 32.67
N LEU D 146 6.60 -37.08 31.93
CA LEU D 146 7.33 -38.28 32.34
C LEU D 146 8.52 -37.90 33.21
N SER D 147 9.09 -38.92 33.86
CA SER D 147 10.23 -38.73 34.74
C SER D 147 11.53 -38.82 33.96
N GLY D 148 12.65 -38.76 34.68
CA GLY D 148 13.95 -38.85 34.06
C GLY D 148 14.30 -40.24 33.58
N GLY D 149 13.90 -41.25 34.36
CA GLY D 149 14.15 -42.62 33.97
C GLY D 149 13.21 -43.13 32.90
N GLU D 150 11.97 -42.62 32.87
CA GLU D 150 11.01 -43.06 31.86
C GLU D 150 11.29 -42.42 30.50
N ARG D 151 11.84 -41.20 30.48
CA ARG D 151 12.11 -40.54 29.22
C ARG D 151 13.32 -41.15 28.51
N GLN D 152 14.23 -41.77 29.25
CA GLN D 152 15.39 -42.40 28.64
C GLN D 152 15.02 -43.69 27.91
N ARG D 153 14.00 -44.40 28.39
CA ARG D 153 13.61 -45.65 27.77
C ARG D 153 12.86 -45.46 26.45
N VAL D 154 12.31 -44.26 26.22
CA VAL D 154 11.70 -43.98 24.93
C VAL D 154 12.76 -43.84 23.85
N ALA D 155 13.90 -43.24 24.18
CA ALA D 155 15.01 -43.16 23.26
C ALA D 155 15.72 -44.50 23.07
N ILE D 156 15.56 -45.42 24.03
CA ILE D 156 16.14 -46.75 23.88
C ILE D 156 15.34 -47.56 22.86
N ALA D 157 14.02 -47.62 23.02
CA ALA D 157 13.17 -48.42 22.14
C ALA D 157 13.02 -47.81 20.75
N ARG D 158 13.38 -46.53 20.57
CA ARG D 158 13.38 -45.92 19.25
C ARG D 158 14.49 -46.46 18.37
N ALA D 159 15.55 -47.00 18.99
CA ALA D 159 16.73 -47.42 18.24
C ALA D 159 16.54 -48.79 17.58
N LEU D 160 16.09 -49.78 18.34
CA LEU D 160 16.08 -51.16 17.87
C LEU D 160 14.81 -51.52 17.09
N VAL D 161 14.46 -50.69 16.12
CA VAL D 161 13.36 -51.03 15.22
C VAL D 161 13.86 -51.79 14.00
N ASN D 162 15.05 -51.46 13.49
CA ASN D 162 15.71 -52.19 12.40
C ASN D 162 17.21 -52.15 12.68
N ASN D 163 17.72 -53.18 13.36
CA ASN D 163 19.13 -53.28 13.72
C ASN D 163 19.74 -54.54 13.12
N PRO D 164 20.19 -54.49 11.85
CA PRO D 164 21.01 -55.59 11.36
C PRO D 164 22.42 -55.56 11.92
N ARG D 165 23.04 -54.39 11.94
CA ARG D 165 24.40 -54.18 12.47
C ARG D 165 24.58 -52.68 12.68
N LEU D 166 25.74 -52.31 13.22
CA LEU D 166 26.21 -50.93 13.38
C LEU D 166 25.26 -50.09 14.21
N VAL D 167 25.10 -50.47 15.48
CA VAL D 167 24.29 -49.74 16.44
C VAL D 167 25.22 -48.85 17.27
N LEU D 168 24.91 -47.56 17.33
CA LEU D 168 25.75 -46.56 17.99
C LEU D 168 24.99 -45.99 19.17
N ALA D 169 25.56 -46.13 20.36
CA ALA D 169 24.96 -45.61 21.58
C ALA D 169 25.84 -44.52 22.19
N ASP D 170 25.26 -43.78 23.14
CA ASP D 170 25.99 -42.71 23.83
C ASP D 170 25.39 -42.58 25.23
N GLU D 171 26.05 -43.20 26.22
CA GLU D 171 25.77 -43.13 27.65
C GLU D 171 24.31 -43.49 27.97
N PRO D 172 23.94 -44.78 27.94
CA PRO D 172 22.57 -45.16 28.33
C PRO D 172 22.29 -44.94 29.81
N THR D 173 23.30 -44.97 30.66
CA THR D 173 23.13 -44.71 32.08
C THR D 173 23.35 -43.21 32.37
N GLY D 174 23.50 -42.86 33.64
CA GLY D 174 23.73 -41.48 34.02
C GLY D 174 22.46 -40.74 34.40
N ASN D 175 21.48 -40.72 33.50
CA ASN D 175 20.21 -40.08 33.80
C ASN D 175 19.40 -40.92 34.78
N LEU D 176 19.48 -42.24 34.66
CA LEU D 176 18.80 -43.18 35.55
C LEU D 176 19.85 -44.07 36.23
N ASP D 177 19.36 -44.92 37.13
CA ASP D 177 20.22 -45.81 37.88
C ASP D 177 20.70 -46.96 36.99
N ALA D 178 21.80 -47.59 37.40
CA ALA D 178 22.38 -48.70 36.66
C ALA D 178 21.74 -50.04 37.01
N ARG D 179 20.70 -50.05 37.85
CA ARG D 179 20.01 -51.29 38.17
C ARG D 179 19.16 -51.76 36.99
N ASN D 180 18.22 -50.92 36.55
CA ASN D 180 17.39 -51.24 35.40
C ASN D 180 18.11 -50.99 34.07
N ALA D 181 19.26 -50.33 34.09
CA ALA D 181 20.05 -50.16 32.87
C ALA D 181 20.69 -51.48 32.45
N ASP D 182 21.06 -52.33 33.41
CA ASP D 182 21.55 -53.66 33.08
C ASP D 182 20.44 -54.60 32.64
N SER D 183 19.19 -54.32 33.05
CA SER D 183 18.06 -55.12 32.59
C SER D 183 17.70 -54.80 31.15
N ILE D 184 18.09 -53.64 30.63
CA ILE D 184 17.88 -53.32 29.23
C ILE D 184 19.04 -53.78 28.36
N PHE D 185 20.21 -54.02 28.94
CA PHE D 185 21.34 -54.51 28.17
C PHE D 185 21.23 -56.00 27.85
N GLN D 186 20.61 -56.78 28.75
CA GLN D 186 20.42 -58.20 28.48
C GLN D 186 19.31 -58.42 27.46
N LEU D 187 18.31 -57.56 27.43
CA LEU D 187 17.28 -57.65 26.39
C LEU D 187 17.80 -57.18 25.04
N LEU D 188 18.71 -56.21 25.03
CA LEU D 188 19.34 -55.78 23.79
C LEU D 188 20.35 -56.81 23.32
N GLY D 189 21.06 -57.46 24.26
CA GLY D 189 22.03 -58.48 23.91
C GLY D 189 21.44 -59.80 23.49
N GLU D 190 20.12 -59.99 23.66
CA GLU D 190 19.48 -61.22 23.22
C GLU D 190 19.34 -61.30 21.70
N LEU D 191 19.43 -60.17 21.01
CA LEU D 191 19.32 -60.15 19.56
C LEU D 191 20.62 -60.55 18.86
N ASN D 192 21.72 -60.72 19.61
CA ASN D 192 22.98 -61.12 19.00
C ASN D 192 23.03 -62.59 18.63
N ARG D 193 22.18 -63.42 19.23
CA ARG D 193 22.16 -64.85 18.97
C ARG D 193 21.01 -65.28 18.09
N LEU D 194 20.13 -64.36 17.69
CA LEU D 194 19.01 -64.69 16.81
C LEU D 194 19.37 -64.47 15.35
N GLN D 195 19.77 -63.24 15.00
CA GLN D 195 20.18 -62.90 13.64
C GLN D 195 21.59 -62.39 13.52
N GLY D 196 22.21 -61.92 14.61
CA GLY D 196 23.57 -61.45 14.58
C GLY D 196 23.68 -59.95 14.44
N THR D 197 24.02 -59.27 15.55
CA THR D 197 24.17 -57.82 15.54
C THR D 197 25.12 -57.43 16.68
N ALA D 198 25.51 -56.16 16.68
CA ALA D 198 26.39 -55.63 17.70
C ALA D 198 26.05 -54.17 17.93
N PHE D 199 26.47 -53.66 19.09
CA PHE D 199 26.20 -52.29 19.48
C PHE D 199 27.47 -51.65 20.04
N LEU D 200 27.64 -50.36 19.74
CA LEU D 200 28.80 -49.60 20.21
C LEU D 200 28.32 -48.64 21.29
N VAL D 201 28.72 -48.89 22.53
CA VAL D 201 28.32 -48.08 23.68
C VAL D 201 29.51 -47.24 24.12
N VAL D 202 29.24 -45.95 24.39
CA VAL D 202 30.26 -45.01 24.85
C VAL D 202 29.90 -44.57 26.26
N THR D 203 30.82 -44.78 27.20
CA THR D 203 30.62 -44.40 28.59
C THR D 203 31.93 -43.81 29.12
N HIS D 204 31.91 -43.42 30.40
CA HIS D 204 33.08 -42.85 31.04
C HIS D 204 33.55 -43.64 32.25
N ASP D 205 32.66 -44.34 32.95
CA ASP D 205 33.03 -45.13 34.10
C ASP D 205 33.53 -46.51 33.68
N LEU D 206 34.26 -47.16 34.58
CA LEU D 206 34.84 -48.47 34.33
C LEU D 206 33.88 -49.61 34.63
N GLN D 207 32.73 -49.32 35.22
CA GLN D 207 31.77 -50.36 35.58
C GLN D 207 30.80 -50.70 34.45
N LEU D 208 30.86 -49.98 33.33
CA LEU D 208 29.97 -50.23 32.20
C LEU D 208 30.71 -50.46 30.90
N ALA D 209 31.96 -50.89 30.96
CA ALA D 209 32.76 -51.08 29.74
C ALA D 209 33.40 -52.45 29.64
N LYS D 210 33.81 -53.04 30.77
CA LYS D 210 34.59 -54.27 30.76
C LYS D 210 33.76 -55.52 30.99
N ARG D 211 32.44 -55.44 30.85
CA ARG D 211 31.59 -56.57 31.21
C ARG D 211 30.86 -57.22 30.04
N MET D 212 30.63 -56.50 28.93
CA MET D 212 29.84 -57.07 27.86
C MET D 212 30.65 -58.02 26.97
N SER D 213 31.60 -57.49 26.19
CA SER D 213 32.48 -58.34 25.40
C SER D 213 33.95 -58.14 25.75
N ARG D 214 34.44 -56.90 25.67
CA ARG D 214 35.84 -56.58 25.90
C ARG D 214 35.93 -55.15 26.42
N GLN D 215 37.11 -54.77 26.86
CA GLN D 215 37.37 -53.43 27.39
C GLN D 215 38.28 -52.67 26.43
N LEU D 216 37.83 -51.48 26.02
CA LEU D 216 38.61 -50.60 25.17
C LEU D 216 38.67 -49.21 25.79
N GLU D 217 39.61 -48.40 25.30
CA GLU D 217 39.80 -47.05 25.81
C GLU D 217 40.49 -46.20 24.76
N MET D 218 40.00 -44.97 24.58
CA MET D 218 40.58 -44.01 23.66
C MET D 218 41.12 -42.83 24.48
N ARG D 219 42.44 -42.75 24.61
CA ARG D 219 43.09 -41.71 25.40
C ARG D 219 43.88 -40.81 24.46
N ASP D 220 43.19 -39.80 23.91
CA ASP D 220 43.76 -38.77 23.02
C ASP D 220 44.42 -39.39 21.79
N GLY D 221 43.67 -40.24 21.10
CA GLY D 221 44.12 -40.90 19.90
C GLY D 221 44.63 -42.32 20.12
N ARG D 222 45.15 -42.61 21.30
CA ARG D 222 45.66 -43.95 21.62
C ARG D 222 44.47 -44.86 21.90
N LEU D 223 44.20 -45.78 20.97
CA LEU D 223 43.06 -46.69 21.10
C LEU D 223 43.37 -47.92 21.93
N THR D 224 44.64 -48.14 22.28
CA THR D 224 45.01 -49.29 23.09
C THR D 224 45.81 -48.86 24.32
N ALA D 225 46.35 -49.84 25.05
CA ALA D 225 47.21 -49.65 26.22
C ALA D 225 46.51 -48.83 27.32
N GLU D 226 45.42 -49.39 27.83
CA GLU D 226 44.67 -48.76 28.91
C GLU D 226 45.43 -48.84 30.23
N CYS E 1 -11.29 14.06 -6.01
CA CYS E 1 -10.92 12.62 -6.12
C CYS E 1 -11.71 11.99 -7.23
N SER E 2 -12.40 10.89 -6.92
CA SER E 2 -13.24 10.18 -7.89
C SER E 2 -14.73 10.31 -7.60
N SER E 3 -15.10 11.02 -6.55
CA SER E 3 -16.50 11.23 -6.19
C SER E 3 -16.95 12.55 -6.80
N ASN E 4 -17.67 12.48 -7.91
CA ASN E 4 -18.14 13.66 -8.63
C ASN E 4 -19.61 13.89 -8.34
N ALA E 5 -19.95 15.14 -8.01
CA ALA E 5 -21.32 15.53 -7.72
C ALA E 5 -21.57 16.89 -8.35
N LYS E 6 -22.57 16.97 -9.22
CA LYS E 6 -22.91 18.20 -9.93
C LYS E 6 -24.30 18.69 -9.55
N ILE E 7 -24.63 18.61 -8.26
CA ILE E 7 -25.91 19.06 -7.75
C ILE E 7 -25.80 20.54 -7.41
N ASP E 8 -26.36 21.39 -8.27
CA ASP E 8 -26.32 22.83 -8.06
C ASP E 8 -27.58 23.31 -7.33
N GLN E 9 -27.51 24.53 -6.83
CA GLN E 9 -28.63 25.14 -6.10
C GLN E 9 -28.73 26.61 -6.47
N LEU E 10 -29.93 27.03 -6.86
CA LEU E 10 -30.16 28.42 -7.24
C LEU E 10 -30.77 29.21 -6.09
N ASP F 3 3.94 54.72 -64.03
CA ASP F 3 3.43 54.93 -65.37
C ASP F 3 2.63 53.74 -65.89
N ALA F 4 2.82 52.55 -65.33
CA ALA F 4 2.11 51.36 -65.76
C ALA F 4 0.86 51.07 -64.93
N ALA F 5 0.42 52.03 -64.12
CA ALA F 5 -0.78 51.85 -63.31
C ALA F 5 -2.06 52.05 -64.11
N SER F 6 -1.99 52.58 -65.32
CA SER F 6 -3.16 52.80 -66.16
C SER F 6 -3.42 51.64 -67.12
N ASP F 7 -2.74 50.50 -66.93
CA ASP F 7 -2.96 49.35 -67.80
C ASP F 7 -4.26 48.63 -67.46
N LEU F 8 -4.54 48.44 -66.18
CA LEU F 8 -5.78 47.81 -65.74
C LEU F 8 -6.93 48.79 -65.59
N LYS F 9 -6.68 50.09 -65.70
CA LYS F 9 -7.71 51.11 -65.59
C LYS F 9 -8.17 51.63 -66.94
N SER F 10 -7.74 51.01 -68.04
CA SER F 10 -8.10 51.45 -69.37
C SER F 10 -8.91 50.41 -70.14
N ARG F 11 -8.47 49.15 -70.13
CA ARG F 11 -9.17 48.10 -70.85
C ARG F 11 -10.32 47.49 -70.05
N LEU F 12 -10.29 47.62 -68.73
CA LEU F 12 -11.33 47.06 -67.87
C LEU F 12 -12.51 48.01 -67.67
N ASP F 13 -12.55 49.14 -68.39
CA ASP F 13 -13.64 50.09 -68.26
C ASP F 13 -14.75 49.87 -69.28
N LYS F 14 -14.41 49.31 -70.44
CA LYS F 14 -15.41 49.09 -71.49
C LYS F 14 -16.17 47.78 -71.31
N VAL F 15 -15.67 46.88 -70.45
CA VAL F 15 -16.32 45.59 -70.24
C VAL F 15 -17.44 45.75 -69.22
N SER F 16 -18.59 45.12 -69.51
CA SER F 16 -19.75 45.15 -68.62
C SER F 16 -20.01 43.81 -67.97
N SER F 17 -20.17 42.75 -68.76
CA SER F 17 -20.43 41.41 -68.24
C SER F 17 -19.94 40.38 -69.24
N PHE F 18 -19.79 39.15 -68.77
CA PHE F 18 -19.35 38.06 -69.62
C PHE F 18 -19.88 36.74 -69.07
N HIS F 19 -20.20 35.82 -69.97
CA HIS F 19 -20.65 34.48 -69.61
C HIS F 19 -19.51 33.50 -69.84
N ALA F 20 -19.04 32.87 -68.77
CA ALA F 20 -17.92 31.95 -68.85
C ALA F 20 -18.02 30.93 -67.72
N SER F 21 -17.26 29.86 -67.85
CA SER F 21 -17.19 28.80 -66.85
C SER F 21 -15.88 28.88 -66.11
N PHE F 22 -15.92 28.63 -64.80
CA PHE F 22 -14.75 28.72 -63.95
C PHE F 22 -14.55 27.41 -63.20
N THR F 23 -13.36 27.23 -62.65
CA THR F 23 -13.02 26.07 -61.84
C THR F 23 -12.46 26.53 -60.50
N GLN F 24 -12.38 25.61 -59.56
CA GLN F 24 -11.87 25.89 -58.22
C GLN F 24 -10.93 24.76 -57.81
N LYS F 25 -9.75 25.12 -57.32
CA LYS F 25 -8.75 24.14 -56.89
C LYS F 25 -7.96 24.76 -55.74
N VAL F 26 -8.22 24.29 -54.53
CA VAL F 26 -7.50 24.76 -53.34
C VAL F 26 -6.46 23.72 -52.97
N THR F 27 -5.36 24.17 -52.38
CA THR F 27 -4.27 23.30 -51.95
C THR F 27 -3.78 23.74 -50.58
N ASP F 28 -3.54 22.78 -49.70
CA ASP F 28 -3.05 23.06 -48.36
C ASP F 28 -1.52 23.11 -48.36
N GLY F 29 -0.92 23.12 -47.18
CA GLY F 29 0.51 23.24 -47.06
C GLY F 29 1.28 21.99 -47.46
N SER F 30 0.62 20.83 -47.46
CA SER F 30 1.30 19.60 -47.84
C SER F 30 1.46 19.48 -49.35
N GLY F 31 0.58 20.11 -50.13
CA GLY F 31 0.67 20.06 -51.57
C GLY F 31 -0.24 19.02 -52.19
N ALA F 32 -1.50 18.97 -51.74
CA ALA F 32 -2.47 18.02 -52.26
C ALA F 32 -3.83 18.68 -52.32
N ALA F 33 -4.67 18.19 -53.23
CA ALA F 33 -6.03 18.70 -53.38
C ALA F 33 -6.97 18.00 -52.41
N VAL F 34 -7.85 18.78 -51.79
CA VAL F 34 -8.79 18.25 -50.82
C VAL F 34 -10.24 18.32 -51.31
N GLN F 35 -10.58 19.28 -52.17
CA GLN F 35 -11.88 19.29 -52.81
C GLN F 35 -11.76 20.00 -54.16
N GLU F 36 -12.84 19.95 -54.94
CA GLU F 36 -12.89 20.58 -56.25
C GLU F 36 -14.17 21.39 -56.38
N GLY F 37 -14.18 22.27 -57.36
CA GLY F 37 -15.34 23.11 -57.62
C GLY F 37 -15.42 23.59 -59.06
N GLN F 38 -16.57 23.40 -59.69
CA GLN F 38 -16.82 23.82 -61.07
C GLN F 38 -17.97 24.82 -61.09
N GLY F 39 -18.42 25.18 -62.29
CA GLY F 39 -19.57 26.03 -62.47
C GLY F 39 -19.26 27.21 -63.36
N ASP F 40 -20.22 28.12 -63.44
CA ASP F 40 -20.12 29.34 -64.22
C ASP F 40 -20.14 30.57 -63.32
N LEU F 41 -20.02 31.74 -63.93
CA LEU F 41 -20.00 32.99 -63.17
C LEU F 41 -20.51 34.13 -64.05
N TRP F 42 -21.08 35.13 -63.40
CA TRP F 42 -21.53 36.36 -64.05
C TRP F 42 -21.02 37.54 -63.25
N VAL F 43 -20.11 38.32 -63.84
CA VAL F 43 -19.47 39.43 -63.16
C VAL F 43 -19.95 40.72 -63.82
N LYS F 44 -20.78 41.48 -63.09
CA LYS F 44 -21.18 42.81 -63.51
C LYS F 44 -20.26 43.84 -62.86
N ARG F 45 -20.18 45.03 -63.49
CA ARG F 45 -19.22 46.04 -63.02
C ARG F 45 -19.61 46.67 -61.68
N PRO F 46 -20.76 47.45 -61.54
CA PRO F 46 -20.86 48.36 -60.40
C PRO F 46 -21.03 47.72 -59.02
N ASN F 47 -22.05 46.87 -58.84
CA ASN F 47 -22.25 46.24 -57.53
C ASN F 47 -22.60 44.76 -57.60
N LEU F 48 -23.17 44.26 -58.69
CA LEU F 48 -23.72 42.91 -58.72
C LEU F 48 -22.66 41.89 -59.13
N PHE F 49 -22.77 40.70 -58.55
CA PHE F 49 -21.89 39.58 -58.86
C PHE F 49 -22.68 38.29 -58.68
N ASN F 50 -22.36 37.28 -59.49
CA ASN F 50 -23.15 36.06 -59.51
C ASN F 50 -22.31 34.90 -59.99
N TRP F 51 -22.37 33.78 -59.27
CA TRP F 51 -21.69 32.56 -59.67
C TRP F 51 -22.37 31.38 -59.00
N HIS F 52 -22.50 30.27 -59.73
CA HIS F 52 -23.14 29.06 -59.22
C HIS F 52 -22.26 27.86 -59.50
N MET F 53 -22.06 27.02 -58.48
CA MET F 53 -21.48 25.70 -58.67
C MET F 53 -22.59 24.68 -58.86
N THR F 54 -22.39 23.75 -59.79
CA THR F 54 -23.44 22.79 -60.14
C THR F 54 -23.08 21.35 -59.77
N GLN F 55 -21.99 20.82 -60.33
CA GLN F 55 -21.69 19.40 -60.11
C GLN F 55 -21.02 19.11 -58.76
N PRO F 56 -19.84 19.72 -58.37
CA PRO F 56 -19.22 19.30 -57.10
C PRO F 56 -19.92 19.86 -55.87
N ASP F 57 -20.30 21.13 -55.90
CA ASP F 57 -20.82 21.83 -54.75
C ASP F 57 -22.14 22.49 -55.14
N GLU F 58 -23.00 22.72 -54.15
CA GLU F 58 -24.27 23.42 -54.32
C GLU F 58 -24.27 24.64 -53.43
N SER F 59 -24.13 25.83 -54.03
CA SER F 59 -24.11 27.09 -53.31
C SER F 59 -24.71 28.16 -54.21
N ILE F 60 -25.89 28.63 -53.84
CA ILE F 60 -26.64 29.61 -54.63
C ILE F 60 -26.54 30.96 -53.93
N LEU F 61 -26.07 31.98 -54.65
CA LEU F 61 -25.97 33.32 -54.09
C LEU F 61 -26.11 34.35 -55.20
N VAL F 62 -26.86 35.41 -54.93
CA VAL F 62 -27.09 36.51 -55.85
C VAL F 62 -26.90 37.83 -55.10
N SER F 63 -27.13 38.93 -55.80
CA SER F 63 -27.05 40.26 -55.22
C SER F 63 -28.09 41.15 -55.88
N ASP F 64 -28.90 41.82 -55.06
CA ASP F 64 -29.98 42.67 -55.54
C ASP F 64 -29.65 44.15 -55.47
N GLY F 65 -28.45 44.52 -55.03
CA GLY F 65 -28.08 45.92 -54.97
C GLY F 65 -27.70 46.37 -53.57
N LYS F 66 -28.41 45.89 -52.56
CA LYS F 66 -28.15 46.25 -51.18
C LYS F 66 -27.87 45.07 -50.27
N THR F 67 -28.52 43.94 -50.49
CA THR F 67 -28.35 42.75 -49.65
C THR F 67 -27.46 41.73 -50.36
N LEU F 68 -27.12 40.68 -49.62
CA LEU F 68 -26.28 39.60 -50.14
C LEU F 68 -26.92 38.27 -49.72
N TRP F 69 -27.66 37.66 -50.64
CA TRP F 69 -28.31 36.39 -50.36
C TRP F 69 -27.31 35.25 -50.40
N PHE F 70 -27.65 34.16 -49.70
CA PHE F 70 -26.81 32.96 -49.65
C PHE F 70 -27.72 31.77 -49.38
N TYR F 71 -28.05 31.03 -50.44
CA TYR F 71 -28.91 29.85 -50.34
C TYR F 71 -28.06 28.60 -50.49
N ASN F 72 -28.28 27.62 -49.62
CA ASN F 72 -27.54 26.36 -49.65
C ASN F 72 -28.51 25.20 -49.89
N PRO F 73 -28.44 24.53 -51.05
CA PRO F 73 -29.32 23.37 -51.28
C PRO F 73 -28.89 22.12 -50.52
N PHE F 74 -27.72 22.13 -49.87
CA PHE F 74 -27.32 20.96 -49.09
C PHE F 74 -28.08 20.87 -47.78
N VAL F 75 -28.34 22.01 -47.14
CA VAL F 75 -28.99 22.06 -45.83
C VAL F 75 -30.35 22.71 -45.88
N GLU F 76 -30.79 23.19 -47.06
CA GLU F 76 -32.07 23.88 -47.27
C GLU F 76 -32.21 25.11 -46.37
N GLN F 77 -31.30 26.06 -46.58
CA GLN F 77 -31.28 27.29 -45.80
C GLN F 77 -30.89 28.45 -46.71
N ALA F 78 -31.54 29.60 -46.50
CA ALA F 78 -31.28 30.80 -47.29
C ALA F 78 -31.24 32.00 -46.35
N THR F 79 -30.09 32.66 -46.30
CA THR F 79 -29.89 33.82 -45.44
C THR F 79 -29.64 35.06 -46.29
N ALA F 80 -29.51 36.20 -45.61
CA ALA F 80 -29.27 37.48 -46.29
C ALA F 80 -28.53 38.40 -45.34
N THR F 81 -27.48 39.06 -45.84
CA THR F 81 -26.68 39.97 -45.05
C THR F 81 -26.35 41.20 -45.89
N TRP F 82 -25.62 42.13 -45.30
CA TRP F 82 -25.23 43.36 -45.98
C TRP F 82 -23.94 43.13 -46.77
N LEU F 83 -23.38 44.22 -47.30
CA LEU F 83 -22.15 44.15 -48.07
C LEU F 83 -20.96 44.78 -47.35
N LYS F 84 -21.18 45.52 -46.27
CA LYS F 84 -20.11 46.17 -45.53
C LYS F 84 -19.79 45.51 -44.20
N ASP F 85 -20.69 44.66 -43.68
CA ASP F 85 -20.46 44.01 -42.40
C ASP F 85 -19.45 42.88 -42.49
N ALA F 86 -19.21 42.34 -43.68
CA ALA F 86 -18.24 41.27 -43.88
C ALA F 86 -16.88 41.88 -44.21
N THR F 87 -15.95 41.04 -44.65
CA THR F 87 -14.62 41.52 -45.03
C THR F 87 -14.68 42.21 -46.39
N GLY F 88 -13.63 42.96 -46.69
CA GLY F 88 -13.56 43.70 -47.94
C GLY F 88 -12.19 43.65 -48.58
N ASN F 89 -11.28 42.90 -47.99
CA ASN F 89 -9.93 42.75 -48.50
C ASN F 89 -9.77 41.57 -49.45
N THR F 90 -10.89 40.96 -49.87
CA THR F 90 -10.83 39.85 -50.81
C THR F 90 -10.50 40.39 -52.21
N PRO F 91 -9.76 39.62 -53.02
CA PRO F 91 -9.42 40.09 -54.37
C PRO F 91 -10.58 40.05 -55.36
N PHE F 92 -11.70 39.42 -55.00
CA PHE F 92 -12.85 39.40 -55.91
C PHE F 92 -13.58 40.74 -55.96
N MET F 93 -13.44 41.57 -54.92
CA MET F 93 -14.15 42.84 -54.88
C MET F 93 -13.41 43.95 -55.62
N LEU F 94 -12.08 43.88 -55.68
CA LEU F 94 -11.31 44.96 -56.31
C LEU F 94 -11.40 44.93 -57.83
N ILE F 95 -11.80 43.80 -58.42
CA ILE F 95 -11.94 43.74 -59.87
C ILE F 95 -13.25 44.38 -60.31
N ALA F 96 -14.17 44.60 -59.38
CA ALA F 96 -15.45 45.20 -59.71
C ALA F 96 -15.50 46.69 -59.38
N ARG F 97 -14.80 47.11 -58.33
CA ARG F 97 -14.87 48.50 -57.91
C ARG F 97 -14.06 49.41 -58.81
N ASN F 98 -12.73 49.21 -58.85
CA ASN F 98 -11.76 49.98 -59.63
C ASN F 98 -11.87 51.48 -59.32
N GLN F 99 -11.60 51.81 -58.06
CA GLN F 99 -11.79 53.16 -57.55
C GLN F 99 -10.61 53.51 -56.64
N SER F 100 -10.79 54.55 -55.82
CA SER F 100 -9.73 55.05 -54.94
C SER F 100 -9.37 54.09 -53.81
N SER F 101 -10.17 53.04 -53.57
CA SER F 101 -9.78 52.01 -52.62
C SER F 101 -8.65 51.14 -53.15
N ASP F 102 -8.41 51.15 -54.46
CA ASP F 102 -7.31 50.45 -55.10
C ASP F 102 -6.09 51.36 -55.30
N TRP F 103 -5.90 52.34 -54.41
CA TRP F 103 -4.86 53.35 -54.58
C TRP F 103 -4.11 53.67 -53.29
N GLN F 104 -4.10 52.77 -52.31
CA GLN F 104 -3.46 53.10 -51.03
C GLN F 104 -1.95 53.04 -51.14
N GLN F 105 -1.39 51.85 -51.36
CA GLN F 105 0.01 51.74 -51.76
C GLN F 105 0.17 51.10 -53.14
N TYR F 106 -0.31 49.87 -53.33
CA TYR F 106 -0.53 49.15 -54.60
C TYR F 106 0.58 49.33 -55.65
N ASN F 107 1.80 48.98 -55.24
CA ASN F 107 2.94 49.06 -56.15
C ASN F 107 2.88 47.89 -57.13
N ILE F 108 2.37 48.15 -58.33
CA ILE F 108 2.12 47.12 -59.33
C ILE F 108 3.30 47.06 -60.30
N LYS F 109 3.76 45.84 -60.57
CA LYS F 109 4.85 45.58 -61.50
C LYS F 109 4.32 44.96 -62.78
N GLN F 110 5.19 44.87 -63.79
CA GLN F 110 4.86 44.23 -65.05
C GLN F 110 6.07 43.42 -65.53
N ASN F 111 5.87 42.13 -65.74
CA ASN F 111 6.88 41.23 -66.29
C ASN F 111 6.29 40.37 -67.40
N GLY F 112 5.24 40.87 -68.06
CA GLY F 112 4.52 40.11 -69.04
C GLY F 112 3.04 40.06 -68.75
N ASP F 113 2.51 38.86 -68.49
CA ASP F 113 1.11 38.70 -68.15
C ASP F 113 0.86 38.62 -66.64
N ASP F 114 1.92 38.50 -65.84
CA ASP F 114 1.77 38.40 -64.39
C ASP F 114 1.75 39.80 -63.77
N PHE F 115 0.83 39.99 -62.82
CA PHE F 115 0.63 41.27 -62.14
C PHE F 115 0.52 41.05 -60.63
N VAL F 116 1.46 40.27 -60.09
CA VAL F 116 1.45 39.96 -58.66
C VAL F 116 1.94 41.17 -57.87
N LEU F 117 1.20 41.55 -56.84
CA LEU F 117 1.56 42.66 -55.97
C LEU F 117 1.45 42.24 -54.51
N THR F 118 1.98 43.08 -53.63
CA THR F 118 1.96 42.82 -52.19
C THR F 118 1.98 44.16 -51.46
N PRO F 119 1.38 44.24 -50.28
CA PRO F 119 1.43 45.48 -49.50
C PRO F 119 2.61 45.51 -48.55
N LYS F 120 2.86 46.71 -48.00
CA LYS F 120 3.93 46.92 -47.03
C LYS F 120 3.42 47.13 -45.61
N ALA F 121 2.22 47.70 -45.45
CA ALA F 121 1.64 47.91 -44.12
C ALA F 121 0.13 47.73 -44.26
N SER F 122 -0.35 46.53 -43.96
CA SER F 122 -1.76 46.19 -44.07
C SER F 122 -2.27 45.60 -42.77
N ASN F 123 -3.59 45.55 -42.63
CA ASN F 123 -4.23 44.99 -41.46
C ASN F 123 -4.85 43.62 -41.71
N GLY F 124 -5.14 43.28 -42.96
CA GLY F 124 -5.72 42.00 -43.29
C GLY F 124 -4.72 40.87 -43.26
N ASN F 125 -5.25 39.66 -43.50
CA ASN F 125 -4.44 38.44 -43.48
C ASN F 125 -4.09 37.94 -44.88
N LEU F 126 -4.17 38.78 -45.90
CA LEU F 126 -3.80 38.42 -47.25
C LEU F 126 -2.50 39.12 -47.62
N LYS F 127 -1.57 38.37 -48.21
CA LYS F 127 -0.23 38.88 -48.51
C LYS F 127 0.00 39.13 -50.00
N GLN F 128 -0.55 38.31 -50.89
CA GLN F 128 -0.34 38.51 -52.32
C GLN F 128 -1.48 37.86 -53.10
N PHE F 129 -1.70 38.39 -54.30
CA PHE F 129 -2.67 37.83 -55.23
C PHE F 129 -2.25 38.21 -56.64
N THR F 130 -2.55 37.32 -57.58
CA THR F 130 -2.16 37.50 -58.98
C THR F 130 -3.33 38.02 -59.81
N ILE F 131 -2.99 38.74 -60.88
CA ILE F 131 -3.97 39.32 -61.80
C ILE F 131 -3.51 39.00 -63.22
N ASN F 132 -4.38 38.34 -63.99
CA ASN F 132 -4.08 38.00 -65.38
C ASN F 132 -5.09 38.75 -66.24
N VAL F 133 -4.60 39.63 -67.10
CA VAL F 133 -5.43 40.41 -68.00
C VAL F 133 -5.21 39.93 -69.42
N GLY F 134 -6.07 40.39 -70.32
CA GLY F 134 -5.96 40.02 -71.72
C GLY F 134 -5.78 41.22 -72.65
N ARG F 135 -6.05 41.03 -73.93
CA ARG F 135 -5.92 42.08 -74.92
C ARG F 135 -7.25 42.73 -75.28
N ASP F 136 -8.36 42.25 -74.69
CA ASP F 136 -9.67 42.84 -74.93
C ASP F 136 -10.30 43.41 -73.67
N GLY F 137 -9.68 43.22 -72.51
CA GLY F 137 -10.20 43.78 -71.27
C GLY F 137 -10.95 42.79 -70.41
N THR F 138 -10.39 41.59 -70.25
CA THR F 138 -10.98 40.54 -69.43
C THR F 138 -9.99 40.12 -68.35
N ILE F 139 -10.50 39.58 -67.26
CA ILE F 139 -9.67 39.05 -66.19
C ILE F 139 -9.61 37.53 -66.34
N HIS F 140 -8.40 36.97 -66.39
CA HIS F 140 -8.23 35.54 -66.59
C HIS F 140 -7.94 34.77 -65.31
N GLN F 141 -7.34 35.41 -64.31
CA GLN F 141 -6.98 34.71 -63.08
C GLN F 141 -6.99 35.70 -61.92
N PHE F 142 -7.66 35.33 -60.82
CA PHE F 142 -7.76 36.16 -59.63
C PHE F 142 -7.37 35.36 -58.39
N SER F 143 -6.37 34.50 -58.52
CA SER F 143 -5.97 33.62 -57.43
C SER F 143 -5.25 34.38 -56.34
N ALA F 144 -5.39 33.89 -55.11
CA ALA F 144 -4.80 34.50 -53.93
C ALA F 144 -4.31 33.41 -52.99
N VAL F 145 -3.53 33.82 -51.99
CA VAL F 145 -2.99 32.89 -51.00
C VAL F 145 -3.34 33.45 -49.61
N GLU F 146 -3.44 32.54 -48.65
CA GLU F 146 -3.74 32.88 -47.27
C GLU F 146 -2.57 32.44 -46.40
N GLN F 147 -2.33 33.17 -45.31
CA GLN F 147 -1.17 32.94 -44.45
C GLN F 147 -1.25 31.66 -43.61
N ASP F 148 -2.31 30.86 -43.75
CA ASP F 148 -2.37 29.53 -43.17
C ASP F 148 -1.83 28.46 -44.13
N ASP F 149 -0.97 28.85 -45.07
CA ASP F 149 -0.36 27.97 -46.09
C ASP F 149 -1.42 27.27 -46.93
N GLN F 150 -2.40 28.04 -47.39
CA GLN F 150 -3.47 27.55 -48.26
C GLN F 150 -3.45 28.34 -49.56
N ARG F 151 -3.12 27.66 -50.66
CA ARG F 151 -3.07 28.28 -51.97
C ARG F 151 -4.32 27.92 -52.78
N SER F 152 -4.63 28.76 -53.77
CA SER F 152 -5.80 28.57 -54.60
C SER F 152 -5.48 28.97 -56.04
N SER F 153 -6.36 28.55 -56.95
CA SER F 153 -6.21 28.86 -58.37
C SER F 153 -7.58 28.77 -59.02
N TYR F 154 -7.88 29.73 -59.89
CA TYR F 154 -9.17 29.83 -60.57
C TYR F 154 -8.93 30.08 -62.06
N GLN F 155 -8.80 29.01 -62.83
CA GLN F 155 -8.66 29.14 -64.28
C GLN F 155 -10.02 29.33 -64.92
N LEU F 156 -10.05 30.11 -66.00
CA LEU F 156 -11.28 30.43 -66.70
C LEU F 156 -11.22 29.93 -68.14
N LYS F 157 -12.39 29.54 -68.66
CA LYS F 157 -12.53 29.07 -70.02
C LYS F 157 -13.85 29.58 -70.58
N SER F 158 -14.04 29.35 -71.89
CA SER F 158 -15.25 29.71 -72.66
C SER F 158 -15.53 31.21 -72.58
N GLN F 159 -14.59 31.97 -73.15
CA GLN F 159 -14.72 33.42 -73.16
C GLN F 159 -15.82 33.87 -74.11
N GLN F 160 -16.65 34.79 -73.66
CA GLN F 160 -17.78 35.29 -74.44
C GLN F 160 -17.97 36.77 -74.13
N ASN F 161 -18.19 37.56 -75.16
CA ASN F 161 -18.43 38.99 -75.04
C ASN F 161 -19.90 39.28 -75.37
N GLY F 162 -20.56 39.99 -74.47
CA GLY F 162 -21.96 40.31 -74.68
C GLY F 162 -22.55 40.93 -73.43
N ALA F 163 -23.78 41.42 -73.58
CA ALA F 163 -24.53 42.05 -72.51
C ALA F 163 -25.60 41.11 -71.97
N VAL F 164 -26.13 41.44 -70.80
CA VAL F 164 -27.16 40.65 -70.15
C VAL F 164 -28.02 41.58 -69.31
N ASP F 165 -29.33 41.34 -69.32
CA ASP F 165 -30.25 42.15 -68.54
C ASP F 165 -30.17 41.78 -67.05
N ALA F 166 -30.84 42.59 -66.23
CA ALA F 166 -30.86 42.40 -64.78
C ALA F 166 -32.13 41.71 -64.30
N ALA F 167 -32.67 40.79 -65.10
CA ALA F 167 -33.89 40.08 -64.73
C ALA F 167 -33.63 38.79 -63.97
N LYS F 168 -32.55 38.08 -64.30
CA LYS F 168 -32.24 36.83 -63.63
C LYS F 168 -31.46 37.03 -62.34
N PHE F 169 -31.07 38.27 -62.00
CA PHE F 169 -30.32 38.54 -60.79
C PHE F 169 -31.21 38.66 -59.55
N THR F 170 -32.53 38.62 -59.72
CA THR F 170 -33.43 38.69 -58.58
C THR F 170 -33.46 37.35 -57.84
N PHE F 171 -33.58 37.43 -56.52
CA PHE F 171 -33.59 36.22 -55.70
C PHE F 171 -34.94 35.53 -55.77
N THR F 172 -34.92 34.26 -56.13
CA THR F 172 -36.13 33.43 -56.18
C THR F 172 -35.83 32.14 -55.42
N PRO F 173 -36.34 32.00 -54.20
CA PRO F 173 -36.05 30.80 -53.41
C PRO F 173 -36.90 29.62 -53.87
N PRO F 174 -36.44 28.39 -53.68
CA PRO F 174 -37.26 27.22 -54.00
C PRO F 174 -38.41 27.08 -53.02
N GLN F 175 -39.40 26.28 -53.42
CA GLN F 175 -40.62 26.11 -52.66
C GLN F 175 -40.36 25.19 -51.47
N GLY F 176 -40.33 25.76 -50.27
CA GLY F 176 -40.18 24.96 -49.07
C GLY F 176 -38.87 25.16 -48.33
N VAL F 177 -38.31 26.37 -48.43
CA VAL F 177 -37.04 26.69 -47.77
C VAL F 177 -37.29 27.71 -46.67
N THR F 178 -36.35 27.81 -45.74
CA THR F 178 -36.45 28.76 -44.65
C THR F 178 -35.75 30.06 -45.01
N VAL F 179 -36.23 31.15 -44.41
CA VAL F 179 -35.72 32.49 -44.64
C VAL F 179 -35.08 32.99 -43.35
N ASP F 180 -33.88 33.58 -43.48
CA ASP F 180 -33.16 34.14 -42.34
C ASP F 180 -32.98 35.63 -42.56
N ASP F 181 -32.88 36.37 -41.46
CA ASP F 181 -32.75 37.83 -41.48
C ASP F 181 -31.54 38.21 -40.62
N GLN F 182 -30.38 38.30 -41.26
CA GLN F 182 -29.15 38.73 -40.60
C GLN F 182 -28.80 40.18 -40.90
N ARG F 183 -29.71 40.91 -41.53
CA ARG F 183 -29.46 42.31 -41.88
C ARG F 183 -29.76 43.19 -40.67
N LYS F 184 -28.71 43.79 -40.10
CA LYS F 184 -28.87 44.66 -38.94
C LYS F 184 -28.76 46.13 -39.35
#